data_6E24
# 
_entry.id   6E24 
# 
_audit_conform.dict_name       mmcif_pdbx.dic 
_audit_conform.dict_version    5.387 
_audit_conform.dict_location   http://mmcif.pdb.org/dictionaries/ascii/mmcif_pdbx.dic 
# 
loop_
_database_2.database_id 
_database_2.database_code 
_database_2.pdbx_database_accession 
_database_2.pdbx_DOI 
PDB   6E24         pdb_00006e24 10.2210/pdb6e24/pdb 
WWPDB D_1000235562 ?            ?                   
# 
loop_
_pdbx_audit_revision_history.ordinal 
_pdbx_audit_revision_history.data_content_type 
_pdbx_audit_revision_history.major_revision 
_pdbx_audit_revision_history.minor_revision 
_pdbx_audit_revision_history.revision_date 
1 'Structure model' 1 0 2019-10-02 
2 'Structure model' 1 1 2019-11-20 
3 'Structure model' 1 2 2019-11-27 
4 'Structure model' 1 3 2024-03-13 
# 
_pdbx_audit_revision_details.ordinal             1 
_pdbx_audit_revision_details.revision_ordinal    1 
_pdbx_audit_revision_details.data_content_type   'Structure model' 
_pdbx_audit_revision_details.provider            repository 
_pdbx_audit_revision_details.type                'Initial release' 
_pdbx_audit_revision_details.description         ? 
_pdbx_audit_revision_details.details             ? 
# 
loop_
_pdbx_audit_revision_group.ordinal 
_pdbx_audit_revision_group.revision_ordinal 
_pdbx_audit_revision_group.data_content_type 
_pdbx_audit_revision_group.group 
1 2 'Structure model' 'Database references' 
2 3 'Structure model' 'Database references' 
3 4 'Structure model' 'Data collection'     
4 4 'Structure model' 'Database references' 
# 
loop_
_pdbx_audit_revision_category.ordinal 
_pdbx_audit_revision_category.revision_ordinal 
_pdbx_audit_revision_category.data_content_type 
_pdbx_audit_revision_category.category 
1 2 'Structure model' citation        
2 2 'Structure model' citation_author 
3 3 'Structure model' citation        
4 3 'Structure model' citation_author 
5 4 'Structure model' chem_comp_atom  
6 4 'Structure model' chem_comp_bond  
7 4 'Structure model' database_2      
# 
loop_
_pdbx_audit_revision_item.ordinal 
_pdbx_audit_revision_item.revision_ordinal 
_pdbx_audit_revision_item.data_content_type 
_pdbx_audit_revision_item.item 
1  2 'Structure model' '_citation.country'                   
2  2 'Structure model' '_citation.journal_abbrev'            
3  2 'Structure model' '_citation.journal_id_CSD'            
4  2 'Structure model' '_citation.journal_id_ISSN'           
5  2 'Structure model' '_citation.pdbx_database_id_DOI'      
6  2 'Structure model' '_citation.pdbx_database_id_PubMed'   
7  2 'Structure model' '_citation.title'                     
8  2 'Structure model' '_citation.year'                      
9  3 'Structure model' '_citation.journal_volume'            
10 3 'Structure model' '_citation.page_first'                
11 3 'Structure model' '_citation.page_last'                 
12 3 'Structure model' '_citation_author.identifier_ORCID'   
13 4 'Structure model' '_database_2.pdbx_DOI'                
14 4 'Structure model' '_database_2.pdbx_database_accession' 
# 
_pdbx_database_status.status_code                     REL 
_pdbx_database_status.status_code_sf                  REL 
_pdbx_database_status.status_code_mr                  ? 
_pdbx_database_status.entry_id                        6E24 
_pdbx_database_status.recvd_initial_deposition_date   2018-07-10 
_pdbx_database_status.SG_entry                        N 
_pdbx_database_status.deposit_site                    RCSB 
_pdbx_database_status.process_site                    RCSB 
_pdbx_database_status.status_code_cs                  ? 
_pdbx_database_status.methods_development_category    ? 
_pdbx_database_status.pdb_format_compatible           Y 
_pdbx_database_status.status_code_nmr_data            ? 
# 
loop_
_audit_author.name 
_audit_author.pdbx_ordinal 
_audit_author.identifier_ORCID 
'Wei, Y.'                              1 ? 
'Dong, A.'                             2 ? 
'Sunnerhagen, M.'                      3 ? 
'Penn, L.'                             4 ? 
'Tong, Y.'                             5 ? 
'Edwards, A.M.'                        6 ? 
'Arrowsmith, C.H.'                     7 ? 
'Structural Genomics Consortium (SGC)' 8 ? 
# 
_citation.abstract                  ? 
_citation.abstract_id_CAS           ? 
_citation.book_id_ISBN              ? 
_citation.book_publisher            ? 
_citation.book_publisher_city       ? 
_citation.book_title                ? 
_citation.coordinate_linkage        ? 
_citation.country                   US 
_citation.database_id_Medline       ? 
_citation.details                   ? 
_citation.id                        primary 
_citation.journal_abbrev            Nat.Struct.Mol.Biol. 
_citation.journal_id_ASTM           ? 
_citation.journal_id_CSD            ? 
_citation.journal_id_ISSN           1545-9985 
_citation.journal_full              ? 
_citation.journal_issue             ? 
_citation.journal_volume            26 
_citation.language                  ? 
_citation.page_first                1035 
_citation.page_last                 1043 
_citation.title                     'Multiple direct interactions of TBP with the MYC oncoprotein.' 
_citation.year                      2019 
_citation.database_id_CSD           ? 
_citation.pdbx_database_id_DOI      10.1038/s41594-019-0321-z 
_citation.pdbx_database_id_PubMed   31686052 
_citation.unpublished_flag          ? 
# 
loop_
_citation_author.citation_id 
_citation_author.name 
_citation_author.ordinal 
_citation_author.identifier_ORCID 
primary 'Wei, Y.'            1  ? 
primary 'Resetca, D.'        2  ? 
primary 'Li, Z.'             3  ? 
primary 'Johansson-Akhe, I.' 4  ? 
primary 'Ahlner, A.'         5  ? 
primary 'Helander, S.'       6  ? 
primary 'Wallenhammar, A.'   7  ? 
primary 'Morad, V.'          8  ? 
primary 'Raught, B.'         9  ? 
primary 'Wallner, B.'        10 ? 
primary 'Kokubo, T.'         11 ? 
primary 'Tong, Y.'           12 ? 
primary 'Penn, L.Z.'         13 ? 
primary 'Sunnerhagen, M.'    14 ? 
# 
_entity.id                         1 
_entity.type                       polymer 
_entity.src_method                 man 
_entity.pdbx_description           
'Transcription initiation factor TFIID subunit 1,Myc proto-oncogene protein,TATA-box-binding protein' 
_entity.formula_weight             27993.100 
_entity.pdbx_number_of_molecules   1 
_entity.pdbx_ec                    2.3.1.48 
_entity.pdbx_mutation              ? 
_entity.pdbx_fragment              ? 
_entity.details                    ? 
# 
_entity_name_com.entity_id   1 
_entity_name_com.name        
;TAFII-130,TAFII-145,TBP-associated factor 1,TBP-associated factor 145 kDa,Class E basic helix-loop-helix protein 39,bHLHe39,Proto-oncogene c-Myc,Transcription factor p64,TATA sequence-binding protein,TBP,TATA-binding factor,TATA-box factor,Transcription factor D,Transcription initiation factor TFIID TBP subunit
;
# 
_entity_poly.entity_id                      1 
_entity_poly.type                           'polypeptide(L)' 
_entity_poly.nstd_linkage                   no 
_entity_poly.nstd_monomer                   no 
_entity_poly.pdbx_seq_one_letter_code       
;KTNLANEDEAYEAIFGGEFGSLEIGSYIGGDEGGGSADQLEMVTELLGGDMVNQSFICDPDDETFIGGGSGGGSGGGSMS
GIVPTLQNIVATVTLGCRLDLKTVALHARNAEYNPKRFAAVIMRIREPKTTALIFASGKMVVTGAKSEDDSKLASRKYAR
IIQKIGFAAKFTDFKIQNIVGSCDVKFPIRLEGLAFSHGTFSSYEPELFPGLIYRMVKPKIVLLIFVSGKIVLTGAKQRE
EIYQAFEAIYPVLSEFRKM
;
_entity_poly.pdbx_seq_one_letter_code_can   
;KTNLANEDEAYEAIFGGEFGSLEIGSYIGGDEGGGSADQLEMVTELLGGDMVNQSFICDPDDETFIGGGSGGGSGGGSMS
GIVPTLQNIVATVTLGCRLDLKTVALHARNAEYNPKRFAAVIMRIREPKTTALIFASGKMVVTGAKSEDDSKLASRKYAR
IIQKIGFAAKFTDFKIQNIVGSCDVKFPIRLEGLAFSHGTFSSYEPELFPGLIYRMVKPKIVLLIFVSGKIVLTGAKQRE
EIYQAFEAIYPVLSEFRKM
;
_entity_poly.pdbx_strand_id                 A 
_entity_poly.pdbx_target_identifier         ? 
# 
loop_
_entity_poly_seq.entity_id 
_entity_poly_seq.num 
_entity_poly_seq.mon_id 
_entity_poly_seq.hetero 
1 1   LYS n 
1 2   THR n 
1 3   ASN n 
1 4   LEU n 
1 5   ALA n 
1 6   ASN n 
1 7   GLU n 
1 8   ASP n 
1 9   GLU n 
1 10  ALA n 
1 11  TYR n 
1 12  GLU n 
1 13  ALA n 
1 14  ILE n 
1 15  PHE n 
1 16  GLY n 
1 17  GLY n 
1 18  GLU n 
1 19  PHE n 
1 20  GLY n 
1 21  SER n 
1 22  LEU n 
1 23  GLU n 
1 24  ILE n 
1 25  GLY n 
1 26  SER n 
1 27  TYR n 
1 28  ILE n 
1 29  GLY n 
1 30  GLY n 
1 31  ASP n 
1 32  GLU n 
1 33  GLY n 
1 34  GLY n 
1 35  GLY n 
1 36  SER n 
1 37  ALA n 
1 38  ASP n 
1 39  GLN n 
1 40  LEU n 
1 41  GLU n 
1 42  MET n 
1 43  VAL n 
1 44  THR n 
1 45  GLU n 
1 46  LEU n 
1 47  LEU n 
1 48  GLY n 
1 49  GLY n 
1 50  ASP n 
1 51  MET n 
1 52  VAL n 
1 53  ASN n 
1 54  GLN n 
1 55  SER n 
1 56  PHE n 
1 57  ILE n 
1 58  CYS n 
1 59  ASP n 
1 60  PRO n 
1 61  ASP n 
1 62  ASP n 
1 63  GLU n 
1 64  THR n 
1 65  PHE n 
1 66  ILE n 
1 67  GLY n 
1 68  GLY n 
1 69  GLY n 
1 70  SER n 
1 71  GLY n 
1 72  GLY n 
1 73  GLY n 
1 74  SER n 
1 75  GLY n 
1 76  GLY n 
1 77  GLY n 
1 78  SER n 
1 79  MET n 
1 80  SER n 
1 81  GLY n 
1 82  ILE n 
1 83  VAL n 
1 84  PRO n 
1 85  THR n 
1 86  LEU n 
1 87  GLN n 
1 88  ASN n 
1 89  ILE n 
1 90  VAL n 
1 91  ALA n 
1 92  THR n 
1 93  VAL n 
1 94  THR n 
1 95  LEU n 
1 96  GLY n 
1 97  CYS n 
1 98  ARG n 
1 99  LEU n 
1 100 ASP n 
1 101 LEU n 
1 102 LYS n 
1 103 THR n 
1 104 VAL n 
1 105 ALA n 
1 106 LEU n 
1 107 HIS n 
1 108 ALA n 
1 109 ARG n 
1 110 ASN n 
1 111 ALA n 
1 112 GLU n 
1 113 TYR n 
1 114 ASN n 
1 115 PRO n 
1 116 LYS n 
1 117 ARG n 
1 118 PHE n 
1 119 ALA n 
1 120 ALA n 
1 121 VAL n 
1 122 ILE n 
1 123 MET n 
1 124 ARG n 
1 125 ILE n 
1 126 ARG n 
1 127 GLU n 
1 128 PRO n 
1 129 LYS n 
1 130 THR n 
1 131 THR n 
1 132 ALA n 
1 133 LEU n 
1 134 ILE n 
1 135 PHE n 
1 136 ALA n 
1 137 SER n 
1 138 GLY n 
1 139 LYS n 
1 140 MET n 
1 141 VAL n 
1 142 VAL n 
1 143 THR n 
1 144 GLY n 
1 145 ALA n 
1 146 LYS n 
1 147 SER n 
1 148 GLU n 
1 149 ASP n 
1 150 ASP n 
1 151 SER n 
1 152 LYS n 
1 153 LEU n 
1 154 ALA n 
1 155 SER n 
1 156 ARG n 
1 157 LYS n 
1 158 TYR n 
1 159 ALA n 
1 160 ARG n 
1 161 ILE n 
1 162 ILE n 
1 163 GLN n 
1 164 LYS n 
1 165 ILE n 
1 166 GLY n 
1 167 PHE n 
1 168 ALA n 
1 169 ALA n 
1 170 LYS n 
1 171 PHE n 
1 172 THR n 
1 173 ASP n 
1 174 PHE n 
1 175 LYS n 
1 176 ILE n 
1 177 GLN n 
1 178 ASN n 
1 179 ILE n 
1 180 VAL n 
1 181 GLY n 
1 182 SER n 
1 183 CYS n 
1 184 ASP n 
1 185 VAL n 
1 186 LYS n 
1 187 PHE n 
1 188 PRO n 
1 189 ILE n 
1 190 ARG n 
1 191 LEU n 
1 192 GLU n 
1 193 GLY n 
1 194 LEU n 
1 195 ALA n 
1 196 PHE n 
1 197 SER n 
1 198 HIS n 
1 199 GLY n 
1 200 THR n 
1 201 PHE n 
1 202 SER n 
1 203 SER n 
1 204 TYR n 
1 205 GLU n 
1 206 PRO n 
1 207 GLU n 
1 208 LEU n 
1 209 PHE n 
1 210 PRO n 
1 211 GLY n 
1 212 LEU n 
1 213 ILE n 
1 214 TYR n 
1 215 ARG n 
1 216 MET n 
1 217 VAL n 
1 218 LYS n 
1 219 PRO n 
1 220 LYS n 
1 221 ILE n 
1 222 VAL n 
1 223 LEU n 
1 224 LEU n 
1 225 ILE n 
1 226 PHE n 
1 227 VAL n 
1 228 SER n 
1 229 GLY n 
1 230 LYS n 
1 231 ILE n 
1 232 VAL n 
1 233 LEU n 
1 234 THR n 
1 235 GLY n 
1 236 ALA n 
1 237 LYS n 
1 238 GLN n 
1 239 ARG n 
1 240 GLU n 
1 241 GLU n 
1 242 ILE n 
1 243 TYR n 
1 244 GLN n 
1 245 ALA n 
1 246 PHE n 
1 247 GLU n 
1 248 ALA n 
1 249 ILE n 
1 250 TYR n 
1 251 PRO n 
1 252 VAL n 
1 253 LEU n 
1 254 SER n 
1 255 GLU n 
1 256 PHE n 
1 257 ARG n 
1 258 LYS n 
1 259 MET n 
# 
loop_
_entity_src_gen.entity_id 
_entity_src_gen.pdbx_src_id 
_entity_src_gen.pdbx_alt_source_flag 
_entity_src_gen.pdbx_seq_type 
_entity_src_gen.pdbx_beg_seq_num 
_entity_src_gen.pdbx_end_seq_num 
_entity_src_gen.gene_src_common_name 
_entity_src_gen.gene_src_genus 
_entity_src_gen.pdbx_gene_src_gene 
_entity_src_gen.gene_src_species 
_entity_src_gen.gene_src_strain 
_entity_src_gen.gene_src_tissue 
_entity_src_gen.gene_src_tissue_fraction 
_entity_src_gen.gene_src_details 
_entity_src_gen.pdbx_gene_src_fragment 
_entity_src_gen.pdbx_gene_src_scientific_name 
_entity_src_gen.pdbx_gene_src_ncbi_taxonomy_id 
_entity_src_gen.pdbx_gene_src_variant 
_entity_src_gen.pdbx_gene_src_cell_line 
_entity_src_gen.pdbx_gene_src_atcc 
_entity_src_gen.pdbx_gene_src_organ 
_entity_src_gen.pdbx_gene_src_organelle 
_entity_src_gen.pdbx_gene_src_cell 
_entity_src_gen.pdbx_gene_src_cellular_location 
_entity_src_gen.host_org_common_name 
_entity_src_gen.pdbx_host_org_scientific_name 
_entity_src_gen.pdbx_host_org_ncbi_taxonomy_id 
_entity_src_gen.host_org_genus 
_entity_src_gen.pdbx_host_org_gene 
_entity_src_gen.pdbx_host_org_organ 
_entity_src_gen.host_org_species 
_entity_src_gen.pdbx_host_org_tissue 
_entity_src_gen.pdbx_host_org_tissue_fraction 
_entity_src_gen.pdbx_host_org_strain 
_entity_src_gen.pdbx_host_org_variant 
_entity_src_gen.pdbx_host_org_cell_line 
_entity_src_gen.pdbx_host_org_atcc 
_entity_src_gen.pdbx_host_org_culture_collection 
_entity_src_gen.pdbx_host_org_cell 
_entity_src_gen.pdbx_host_org_organelle 
_entity_src_gen.pdbx_host_org_cellular_location 
_entity_src_gen.pdbx_host_org_vector_type 
_entity_src_gen.pdbx_host_org_vector 
_entity_src_gen.host_org_details 
_entity_src_gen.expression_system_id 
_entity_src_gen.plasmid_name 
_entity_src_gen.plasmid_details 
_entity_src_gen.pdbx_description 
1 1 sample 'Biological sequence' 1  36  
;Baker's yeast
;
? 'TAF1, TAF130, TAF145, YGR274C, G9374' ? 'ATCC 204508 / S288c' ? ? ? ? 'Saccharomyces cerevisiae'                              
559292 ? ? ? ? ? ? ? ? 'Escherichia coli-Pichia pastoris shuttle vector pPpARG4' 1182032 ? ? ? ? ? ? ? ? ? ? ? ? ? ? ? ? ? ? ? ? ? 
1 2 sample 'Biological sequence' 37 78  Human           ? 'MYC, BHLHE39'                         ? ?                     ? ? ? ? 
'Homo sapiens'                                          9606   ? ? ? ? ? ? ? ? 
'Escherichia coli-Pichia pastoris shuttle vector pPpARG4' 1182032 ? ? ? ? ? ? ? ? ? ? ? ? ? ? ? ? ? ? ? ? ? 
1 3 sample 'Biological sequence' 79 259 
;Baker's yeast
;
? 'SPT15, BTF1, TBP1, YER148W'           ? 'ATCC 204508 / S288c' ? ? ? ? 'Saccharomyces cerevisiae (strain ATCC 204508 / S288c)' 
559292 ? ? ? ? ? ? ? ? 'Escherichia coli-Pichia pastoris shuttle vector pPpARG4' 1182032 ? ? ? ? ? ? ? ? ? ? ? ? ? ? ? ? ? ? ? ? ? 
# 
loop_
_chem_comp.id 
_chem_comp.type 
_chem_comp.mon_nstd_flag 
_chem_comp.name 
_chem_comp.pdbx_synonyms 
_chem_comp.formula 
_chem_comp.formula_weight 
ALA 'L-peptide linking' y ALANINE         ? 'C3 H7 N O2'     89.093  
ARG 'L-peptide linking' y ARGININE        ? 'C6 H15 N4 O2 1' 175.209 
ASN 'L-peptide linking' y ASPARAGINE      ? 'C4 H8 N2 O3'    132.118 
ASP 'L-peptide linking' y 'ASPARTIC ACID' ? 'C4 H7 N O4'     133.103 
CYS 'L-peptide linking' y CYSTEINE        ? 'C3 H7 N O2 S'   121.158 
GLN 'L-peptide linking' y GLUTAMINE       ? 'C5 H10 N2 O3'   146.144 
GLU 'L-peptide linking' y 'GLUTAMIC ACID' ? 'C5 H9 N O4'     147.129 
GLY 'peptide linking'   y GLYCINE         ? 'C2 H5 N O2'     75.067  
HIS 'L-peptide linking' y HISTIDINE       ? 'C6 H10 N3 O2 1' 156.162 
ILE 'L-peptide linking' y ISOLEUCINE      ? 'C6 H13 N O2'    131.173 
LEU 'L-peptide linking' y LEUCINE         ? 'C6 H13 N O2'    131.173 
LYS 'L-peptide linking' y LYSINE          ? 'C6 H15 N2 O2 1' 147.195 
MET 'L-peptide linking' y METHIONINE      ? 'C5 H11 N O2 S'  149.211 
PHE 'L-peptide linking' y PHENYLALANINE   ? 'C9 H11 N O2'    165.189 
PRO 'L-peptide linking' y PROLINE         ? 'C5 H9 N O2'     115.130 
SER 'L-peptide linking' y SERINE          ? 'C3 H7 N O3'     105.093 
THR 'L-peptide linking' y THREONINE       ? 'C4 H9 N O3'     119.119 
TYR 'L-peptide linking' y TYROSINE        ? 'C9 H11 N O3'    181.189 
VAL 'L-peptide linking' y VALINE          ? 'C5 H11 N O2'    117.146 
# 
loop_
_pdbx_poly_seq_scheme.asym_id 
_pdbx_poly_seq_scheme.entity_id 
_pdbx_poly_seq_scheme.seq_id 
_pdbx_poly_seq_scheme.mon_id 
_pdbx_poly_seq_scheme.ndb_seq_num 
_pdbx_poly_seq_scheme.pdb_seq_num 
_pdbx_poly_seq_scheme.auth_seq_num 
_pdbx_poly_seq_scheme.pdb_mon_id 
_pdbx_poly_seq_scheme.auth_mon_id 
_pdbx_poly_seq_scheme.pdb_strand_id 
_pdbx_poly_seq_scheme.pdb_ins_code 
_pdbx_poly_seq_scheme.hetero 
A 1 1   LYS 1   9   9   LYS LYS A . n 
A 1 2   THR 2   10  10  THR THR A . n 
A 1 3   ASN 3   11  11  ASN ASN A . n 
A 1 4   LEU 4   12  12  LEU LEU A . n 
A 1 5   ALA 5   13  13  ALA ALA A . n 
A 1 6   ASN 6   14  14  ASN ASN A . n 
A 1 7   GLU 7   15  15  GLU GLU A . n 
A 1 8   ASP 8   16  16  ASP ASP A . n 
A 1 9   GLU 9   17  17  GLU GLU A . n 
A 1 10  ALA 10  18  18  ALA ALA A . n 
A 1 11  TYR 11  19  19  TYR TYR A . n 
A 1 12  GLU 12  20  20  GLU GLU A . n 
A 1 13  ALA 13  21  21  ALA ALA A . n 
A 1 14  ILE 14  22  22  ILE ILE A . n 
A 1 15  PHE 15  23  23  PHE PHE A . n 
A 1 16  GLY 16  24  24  GLY GLY A . n 
A 1 17  GLY 17  25  25  GLY GLY A . n 
A 1 18  GLU 18  26  26  GLU GLU A . n 
A 1 19  PHE 19  27  27  PHE PHE A . n 
A 1 20  GLY 20  28  28  GLY GLY A . n 
A 1 21  SER 21  29  29  SER SER A . n 
A 1 22  LEU 22  30  30  LEU LEU A . n 
A 1 23  GLU 23  31  31  GLU GLU A . n 
A 1 24  ILE 24  32  32  ILE ILE A . n 
A 1 25  GLY 25  33  33  GLY GLY A . n 
A 1 26  SER 26  34  34  SER SER A . n 
A 1 27  TYR 27  35  35  TYR TYR A . n 
A 1 28  ILE 28  36  36  ILE ILE A . n 
A 1 29  GLY 29  37  37  GLY GLY A . n 
A 1 30  GLY 30  189 ?   ?   ?   A . n 
A 1 31  ASP 31  190 ?   ?   ?   A . n 
A 1 32  GLU 32  191 ?   ?   ?   A . n 
A 1 33  GLY 33  192 ?   ?   ?   A . n 
A 1 34  GLY 34  193 ?   ?   ?   A . n 
A 1 35  GLY 35  194 ?   ?   ?   A . n 
A 1 36  SER 36  195 ?   ?   ?   A . n 
A 1 37  ALA 37  196 196 ALA ALA A . n 
A 1 38  ASP 38  197 197 ASP ASP A . n 
A 1 39  GLN 39  198 198 GLN GLN A . n 
A 1 40  LEU 40  199 199 LEU LEU A . n 
A 1 41  GLU 41  200 200 GLU GLU A . n 
A 1 42  MET 42  201 201 MET MET A . n 
A 1 43  VAL 43  202 202 VAL VAL A . n 
A 1 44  THR 44  203 203 THR THR A . n 
A 1 45  GLU 45  204 204 GLU GLU A . n 
A 1 46  LEU 46  205 205 LEU LEU A . n 
A 1 47  LEU 47  206 206 LEU LEU A . n 
A 1 48  GLY 48  207 207 GLY GLY A . n 
A 1 49  GLY 49  230 ?   ?   ?   A . n 
A 1 50  ASP 50  231 ?   ?   ?   A . n 
A 1 51  MET 51  232 ?   ?   ?   A . n 
A 1 52  VAL 52  233 ?   ?   ?   A . n 
A 1 53  ASN 53  234 ?   ?   ?   A . n 
A 1 54  GLN 54  235 ?   ?   ?   A . n 
A 1 55  SER 55  236 ?   ?   ?   A . n 
A 1 56  PHE 56  237 ?   ?   ?   A . n 
A 1 57  ILE 57  238 ?   ?   ?   A . n 
A 1 58  CYS 58  239 ?   ?   ?   A . n 
A 1 59  ASP 59  240 ?   ?   ?   A . n 
A 1 60  PRO 60  241 ?   ?   ?   A . n 
A 1 61  ASP 61  242 ?   ?   ?   A . n 
A 1 62  ASP 62  243 ?   ?   ?   A . n 
A 1 63  GLU 63  244 ?   ?   ?   A . n 
A 1 64  THR 64  245 ?   ?   ?   A . n 
A 1 65  PHE 65  246 ?   ?   ?   A . n 
A 1 66  ILE 66  247 ?   ?   ?   A . n 
A 1 67  GLY 67  248 ?   ?   ?   A . n 
A 1 68  GLY 68  249 ?   ?   ?   A . n 
A 1 69  GLY 69  250 ?   ?   ?   A . n 
A 1 70  SER 70  251 ?   ?   ?   A . n 
A 1 71  GLY 71  252 ?   ?   ?   A . n 
A 1 72  GLY 72  253 ?   ?   ?   A . n 
A 1 73  GLY 73  254 ?   ?   ?   A . n 
A 1 74  SER 74  255 ?   ?   ?   A . n 
A 1 75  GLY 75  256 ?   ?   ?   A . n 
A 1 76  GLY 76  257 ?   ?   ?   A . n 
A 1 77  GLY 77  258 ?   ?   ?   A . n 
A 1 78  SER 78  259 ?   ?   ?   A . n 
A 1 79  MET 79  260 ?   ?   ?   A . n 
A 1 80  SER 80  261 ?   ?   ?   A . n 
A 1 81  GLY 81  262 262 GLY GLY A . n 
A 1 82  ILE 82  263 263 ILE ILE A . n 
A 1 83  VAL 83  264 264 VAL VAL A . n 
A 1 84  PRO 84  265 265 PRO PRO A . n 
A 1 85  THR 85  266 266 THR THR A . n 
A 1 86  LEU 86  267 267 LEU LEU A . n 
A 1 87  GLN 87  268 268 GLN GLN A . n 
A 1 88  ASN 88  269 269 ASN ASN A . n 
A 1 89  ILE 89  270 270 ILE ILE A . n 
A 1 90  VAL 90  271 271 VAL VAL A . n 
A 1 91  ALA 91  272 272 ALA ALA A . n 
A 1 92  THR 92  273 273 THR THR A . n 
A 1 93  VAL 93  274 274 VAL VAL A . n 
A 1 94  THR 94  275 275 THR THR A . n 
A 1 95  LEU 95  276 276 LEU LEU A . n 
A 1 96  GLY 96  277 277 GLY GLY A . n 
A 1 97  CYS 97  278 278 CYS CYS A . n 
A 1 98  ARG 98  279 279 ARG ARG A . n 
A 1 99  LEU 99  280 280 LEU LEU A . n 
A 1 100 ASP 100 281 281 ASP ASP A . n 
A 1 101 LEU 101 282 282 LEU LEU A . n 
A 1 102 LYS 102 283 283 LYS LYS A . n 
A 1 103 THR 103 284 284 THR THR A . n 
A 1 104 VAL 104 285 285 VAL VAL A . n 
A 1 105 ALA 105 286 286 ALA ALA A . n 
A 1 106 LEU 106 287 287 LEU LEU A . n 
A 1 107 HIS 107 288 288 HIS HIS A . n 
A 1 108 ALA 108 289 289 ALA ALA A . n 
A 1 109 ARG 109 290 290 ARG ARG A . n 
A 1 110 ASN 110 291 291 ASN ASN A . n 
A 1 111 ALA 111 292 292 ALA ALA A . n 
A 1 112 GLU 112 293 293 GLU GLU A . n 
A 1 113 TYR 113 294 294 TYR TYR A . n 
A 1 114 ASN 114 295 295 ASN ASN A . n 
A 1 115 PRO 115 296 296 PRO PRO A . n 
A 1 116 LYS 116 297 297 LYS LYS A . n 
A 1 117 ARG 117 298 298 ARG ARG A . n 
A 1 118 PHE 118 299 299 PHE PHE A . n 
A 1 119 ALA 119 300 300 ALA ALA A . n 
A 1 120 ALA 120 301 301 ALA ALA A . n 
A 1 121 VAL 121 302 302 VAL VAL A . n 
A 1 122 ILE 122 303 303 ILE ILE A . n 
A 1 123 MET 123 304 304 MET MET A . n 
A 1 124 ARG 124 305 305 ARG ARG A . n 
A 1 125 ILE 125 306 306 ILE ILE A . n 
A 1 126 ARG 126 307 307 ARG ARG A . n 
A 1 127 GLU 127 308 308 GLU GLU A . n 
A 1 128 PRO 128 309 309 PRO PRO A . n 
A 1 129 LYS 129 310 310 LYS LYS A . n 
A 1 130 THR 130 311 311 THR THR A . n 
A 1 131 THR 131 312 312 THR THR A . n 
A 1 132 ALA 132 313 313 ALA ALA A . n 
A 1 133 LEU 133 314 314 LEU LEU A . n 
A 1 134 ILE 134 315 315 ILE ILE A . n 
A 1 135 PHE 135 316 316 PHE PHE A . n 
A 1 136 ALA 136 317 317 ALA ALA A . n 
A 1 137 SER 137 318 318 SER SER A . n 
A 1 138 GLY 138 319 319 GLY GLY A . n 
A 1 139 LYS 139 320 320 LYS LYS A . n 
A 1 140 MET 140 321 321 MET MET A . n 
A 1 141 VAL 141 322 322 VAL VAL A . n 
A 1 142 VAL 142 323 323 VAL VAL A . n 
A 1 143 THR 143 324 324 THR THR A . n 
A 1 144 GLY 144 325 325 GLY GLY A . n 
A 1 145 ALA 145 326 326 ALA ALA A . n 
A 1 146 LYS 146 327 327 LYS LYS A . n 
A 1 147 SER 147 328 328 SER SER A . n 
A 1 148 GLU 148 329 329 GLU GLU A . n 
A 1 149 ASP 149 330 330 ASP ASP A . n 
A 1 150 ASP 150 331 331 ASP ASP A . n 
A 1 151 SER 151 332 332 SER SER A . n 
A 1 152 LYS 152 333 333 LYS LYS A . n 
A 1 153 LEU 153 334 334 LEU LEU A . n 
A 1 154 ALA 154 335 335 ALA ALA A . n 
A 1 155 SER 155 336 336 SER SER A . n 
A 1 156 ARG 156 337 337 ARG ARG A . n 
A 1 157 LYS 157 338 338 LYS LYS A . n 
A 1 158 TYR 158 339 339 TYR TYR A . n 
A 1 159 ALA 159 340 340 ALA ALA A . n 
A 1 160 ARG 160 341 341 ARG ARG A . n 
A 1 161 ILE 161 342 342 ILE ILE A . n 
A 1 162 ILE 162 343 343 ILE ILE A . n 
A 1 163 GLN 163 344 344 GLN GLN A . n 
A 1 164 LYS 164 345 345 LYS LYS A . n 
A 1 165 ILE 165 346 346 ILE ILE A . n 
A 1 166 GLY 166 347 347 GLY GLY A . n 
A 1 167 PHE 167 348 348 PHE PHE A . n 
A 1 168 ALA 168 349 349 ALA ALA A . n 
A 1 169 ALA 169 350 350 ALA ALA A . n 
A 1 170 LYS 170 351 351 LYS LYS A . n 
A 1 171 PHE 171 352 352 PHE PHE A . n 
A 1 172 THR 172 353 353 THR THR A . n 
A 1 173 ASP 173 354 354 ASP ASP A . n 
A 1 174 PHE 174 355 355 PHE PHE A . n 
A 1 175 LYS 175 356 356 LYS LYS A . n 
A 1 176 ILE 176 357 357 ILE ILE A . n 
A 1 177 GLN 177 358 358 GLN GLN A . n 
A 1 178 ASN 178 359 359 ASN ASN A . n 
A 1 179 ILE 179 360 360 ILE ILE A . n 
A 1 180 VAL 180 361 361 VAL VAL A . n 
A 1 181 GLY 181 362 362 GLY GLY A . n 
A 1 182 SER 182 363 363 SER SER A . n 
A 1 183 CYS 183 364 364 CYS CYS A . n 
A 1 184 ASP 184 365 365 ASP ASP A . n 
A 1 185 VAL 185 366 366 VAL VAL A . n 
A 1 186 LYS 186 367 367 LYS LYS A . n 
A 1 187 PHE 187 368 368 PHE PHE A . n 
A 1 188 PRO 188 369 369 PRO PRO A . n 
A 1 189 ILE 189 370 370 ILE ILE A . n 
A 1 190 ARG 190 371 371 ARG ARG A . n 
A 1 191 LEU 191 372 372 LEU LEU A . n 
A 1 192 GLU 192 373 373 GLU GLU A . n 
A 1 193 GLY 193 374 374 GLY GLY A . n 
A 1 194 LEU 194 375 375 LEU LEU A . n 
A 1 195 ALA 195 376 376 ALA ALA A . n 
A 1 196 PHE 196 377 377 PHE PHE A . n 
A 1 197 SER 197 378 378 SER SER A . n 
A 1 198 HIS 198 379 379 HIS HIS A . n 
A 1 199 GLY 199 380 380 GLY GLY A . n 
A 1 200 THR 200 381 381 THR THR A . n 
A 1 201 PHE 201 382 382 PHE PHE A . n 
A 1 202 SER 202 383 383 SER SER A . n 
A 1 203 SER 203 384 384 SER SER A . n 
A 1 204 TYR 204 385 385 TYR TYR A . n 
A 1 205 GLU 205 386 386 GLU GLU A . n 
A 1 206 PRO 206 387 387 PRO PRO A . n 
A 1 207 GLU 207 388 388 GLU GLU A . n 
A 1 208 LEU 208 389 389 LEU LEU A . n 
A 1 209 PHE 209 390 390 PHE PHE A . n 
A 1 210 PRO 210 391 391 PRO PRO A . n 
A 1 211 GLY 211 392 392 GLY GLY A . n 
A 1 212 LEU 212 393 393 LEU LEU A . n 
A 1 213 ILE 213 394 394 ILE ILE A . n 
A 1 214 TYR 214 395 395 TYR TYR A . n 
A 1 215 ARG 215 396 396 ARG ARG A . n 
A 1 216 MET 216 397 397 MET MET A . n 
A 1 217 VAL 217 398 398 VAL VAL A . n 
A 1 218 LYS 218 399 399 LYS LYS A . n 
A 1 219 PRO 219 400 400 PRO PRO A . n 
A 1 220 LYS 220 401 401 LYS LYS A . n 
A 1 221 ILE 221 402 402 ILE ILE A . n 
A 1 222 VAL 222 403 403 VAL VAL A . n 
A 1 223 LEU 223 404 404 LEU LEU A . n 
A 1 224 LEU 224 405 405 LEU LEU A . n 
A 1 225 ILE 225 406 406 ILE ILE A . n 
A 1 226 PHE 226 407 407 PHE PHE A . n 
A 1 227 VAL 227 408 408 VAL VAL A . n 
A 1 228 SER 228 409 409 SER SER A . n 
A 1 229 GLY 229 410 410 GLY GLY A . n 
A 1 230 LYS 230 411 411 LYS LYS A . n 
A 1 231 ILE 231 412 412 ILE ILE A . n 
A 1 232 VAL 232 413 413 VAL VAL A . n 
A 1 233 LEU 233 414 414 LEU LEU A . n 
A 1 234 THR 234 415 415 THR THR A . n 
A 1 235 GLY 235 416 416 GLY GLY A . n 
A 1 236 ALA 236 417 417 ALA ALA A . n 
A 1 237 LYS 237 418 418 LYS LYS A . n 
A 1 238 GLN 238 419 419 GLN GLN A . n 
A 1 239 ARG 239 420 420 ARG ARG A . n 
A 1 240 GLU 240 421 421 GLU GLU A . n 
A 1 241 GLU 241 422 422 GLU GLU A . n 
A 1 242 ILE 242 423 423 ILE ILE A . n 
A 1 243 TYR 243 424 424 TYR TYR A . n 
A 1 244 GLN 244 425 425 GLN GLN A . n 
A 1 245 ALA 245 426 426 ALA ALA A . n 
A 1 246 PHE 246 427 427 PHE PHE A . n 
A 1 247 GLU 247 428 428 GLU GLU A . n 
A 1 248 ALA 248 429 429 ALA ALA A . n 
A 1 249 ILE 249 430 430 ILE ILE A . n 
A 1 250 TYR 250 431 431 TYR TYR A . n 
A 1 251 PRO 251 432 432 PRO PRO A . n 
A 1 252 VAL 252 433 433 VAL VAL A . n 
A 1 253 LEU 253 434 434 LEU LEU A . n 
A 1 254 SER 254 435 435 SER SER A . n 
A 1 255 GLU 255 436 436 GLU GLU A . n 
A 1 256 PHE 256 437 437 PHE PHE A . n 
A 1 257 ARG 257 438 438 ARG ARG A . n 
A 1 258 LYS 258 439 439 LYS LYS A . n 
A 1 259 MET 259 440 440 MET MET A . n 
# 
loop_
_pdbx_unobs_or_zero_occ_atoms.id 
_pdbx_unobs_or_zero_occ_atoms.PDB_model_num 
_pdbx_unobs_or_zero_occ_atoms.polymer_flag 
_pdbx_unobs_or_zero_occ_atoms.occupancy_flag 
_pdbx_unobs_or_zero_occ_atoms.auth_asym_id 
_pdbx_unobs_or_zero_occ_atoms.auth_comp_id 
_pdbx_unobs_or_zero_occ_atoms.auth_seq_id 
_pdbx_unobs_or_zero_occ_atoms.PDB_ins_code 
_pdbx_unobs_or_zero_occ_atoms.auth_atom_id 
_pdbx_unobs_or_zero_occ_atoms.label_alt_id 
_pdbx_unobs_or_zero_occ_atoms.label_asym_id 
_pdbx_unobs_or_zero_occ_atoms.label_comp_id 
_pdbx_unobs_or_zero_occ_atoms.label_seq_id 
_pdbx_unobs_or_zero_occ_atoms.label_atom_id 
1  1 Y 1 A LYS 9   ? CG  ? A LYS 1   CG  
2  1 Y 1 A LYS 9   ? CD  ? A LYS 1   CD  
3  1 Y 1 A LYS 9   ? CE  ? A LYS 1   CE  
4  1 Y 1 A LYS 9   ? NZ  ? A LYS 1   NZ  
5  1 Y 1 A ASP 16  ? CG  ? A ASP 8   CG  
6  1 Y 1 A ASP 16  ? OD1 ? A ASP 8   OD1 
7  1 Y 1 A ASP 16  ? OD2 ? A ASP 8   OD2 
8  1 Y 1 A GLU 17  ? CG  ? A GLU 9   CG  
9  1 Y 1 A GLU 17  ? CD  ? A GLU 9   CD  
10 1 Y 1 A GLU 17  ? OE1 ? A GLU 9   OE1 
11 1 Y 1 A GLU 17  ? OE2 ? A GLU 9   OE2 
12 1 Y 1 A GLU 20  ? CG  ? A GLU 12  CG  
13 1 Y 1 A GLU 20  ? CD  ? A GLU 12  CD  
14 1 Y 1 A GLU 20  ? OE1 ? A GLU 12  OE1 
15 1 Y 1 A GLU 20  ? OE2 ? A GLU 12  OE2 
16 1 Y 1 A ALA 196 ? N   ? A ALA 37  N   
17 1 Y 1 A ALA 196 ? CA  ? A ALA 37  CA  
18 1 Y 1 A ALA 196 ? CB  ? A ALA 37  CB  
19 1 Y 1 A LYS 283 ? CD  ? A LYS 102 CD  
20 1 Y 1 A LYS 283 ? CE  ? A LYS 102 CE  
21 1 Y 1 A LYS 283 ? NZ  ? A LYS 102 NZ  
22 1 Y 1 A ARG 290 ? CG  ? A ARG 109 CG  
23 1 Y 1 A ARG 290 ? CD  ? A ARG 109 CD  
24 1 Y 1 A ARG 290 ? NE  ? A ARG 109 NE  
25 1 Y 1 A ARG 290 ? CZ  ? A ARG 109 CZ  
26 1 Y 1 A ARG 290 ? NH1 ? A ARG 109 NH1 
27 1 Y 1 A ARG 290 ? NH2 ? A ARG 109 NH2 
28 1 Y 1 A ASN 291 ? CG  ? A ASN 110 CG  
29 1 Y 1 A ASN 291 ? OD1 ? A ASN 110 OD1 
30 1 Y 1 A ASN 291 ? ND2 ? A ASN 110 ND2 
31 1 Y 1 A GLU 293 ? CG  ? A GLU 112 CG  
32 1 Y 1 A GLU 293 ? CD  ? A GLU 112 CD  
33 1 Y 1 A GLU 293 ? OE1 ? A GLU 112 OE1 
34 1 Y 1 A GLU 293 ? OE2 ? A GLU 112 OE2 
35 1 Y 1 A LYS 297 ? CG  ? A LYS 116 CG  
36 1 Y 1 A LYS 297 ? CD  ? A LYS 116 CD  
37 1 Y 1 A LYS 297 ? CE  ? A LYS 116 CE  
38 1 Y 1 A LYS 297 ? NZ  ? A LYS 116 NZ  
39 1 Y 1 A ARG 298 ? CD  ? A ARG 117 CD  
40 1 Y 1 A ARG 298 ? NE  ? A ARG 117 NE  
41 1 Y 1 A ARG 298 ? CZ  ? A ARG 117 CZ  
42 1 Y 1 A ARG 298 ? NH1 ? A ARG 117 NH1 
43 1 Y 1 A ARG 298 ? NH2 ? A ARG 117 NH2 
44 1 Y 1 A ARG 307 ? CG  ? A ARG 126 CG  
45 1 Y 1 A ARG 307 ? CD  ? A ARG 126 CD  
46 1 Y 1 A ARG 307 ? NE  ? A ARG 126 NE  
47 1 Y 1 A ARG 307 ? CZ  ? A ARG 126 CZ  
48 1 Y 1 A ARG 307 ? NH1 ? A ARG 126 NH1 
49 1 Y 1 A ARG 307 ? NH2 ? A ARG 126 NH2 
50 1 Y 1 A GLU 308 ? CD  ? A GLU 127 CD  
51 1 Y 1 A GLU 308 ? OE1 ? A GLU 127 OE1 
52 1 Y 1 A GLU 308 ? OE2 ? A GLU 127 OE2 
53 1 Y 1 A LYS 320 ? CE  ? A LYS 139 CE  
54 1 Y 1 A LYS 320 ? NZ  ? A LYS 139 NZ  
55 1 Y 1 A LYS 351 ? CG  ? A LYS 170 CG  
56 1 Y 1 A LYS 351 ? CD  ? A LYS 170 CD  
57 1 Y 1 A LYS 351 ? CE  ? A LYS 170 CE  
58 1 Y 1 A LYS 351 ? NZ  ? A LYS 170 NZ  
59 1 Y 1 A LYS 356 ? CD  ? A LYS 175 CD  
60 1 Y 1 A LYS 356 ? CE  ? A LYS 175 CE  
61 1 Y 1 A LYS 356 ? NZ  ? A LYS 175 NZ  
62 1 Y 1 A LYS 367 ? NZ  ? A LYS 186 NZ  
63 1 Y 1 A GLU 388 ? CG  ? A GLU 207 CG  
64 1 Y 1 A GLU 388 ? CD  ? A GLU 207 CD  
65 1 Y 1 A GLU 388 ? OE1 ? A GLU 207 OE1 
66 1 Y 1 A GLU 388 ? OE2 ? A GLU 207 OE2 
67 1 Y 1 A LYS 399 ? CD  ? A LYS 218 CD  
68 1 Y 1 A LYS 399 ? CE  ? A LYS 218 CE  
69 1 Y 1 A LYS 399 ? NZ  ? A LYS 218 NZ  
70 1 Y 1 A GLU 428 ? CD  ? A GLU 247 CD  
71 1 Y 1 A GLU 428 ? OE1 ? A GLU 247 OE1 
72 1 Y 1 A GLU 428 ? OE2 ? A GLU 247 OE2 
73 1 Y 1 A LYS 439 ? CD  ? A LYS 258 CD  
74 1 Y 1 A LYS 439 ? CE  ? A LYS 258 CE  
75 1 Y 1 A LYS 439 ? NZ  ? A LYS 258 NZ  
# 
loop_
_software.citation_id 
_software.classification 
_software.compiler_name 
_software.compiler_version 
_software.contact_author 
_software.contact_author_email 
_software.date 
_software.description 
_software.dependencies 
_software.hardware 
_software.language 
_software.location 
_software.mods 
_software.name 
_software.os 
_software.os_version 
_software.type 
_software.version 
_software.pdbx_ordinal 
? refinement        ? ? ? ? ? ? ? ? ? ? ? PHENIX      ? ? ? 1.10.1_2155 1 
? 'data extraction' ? ? ? ? ? ? ? ? ? ? ? PDB_EXTRACT ? ? ? 3.24        2 
? 'data reduction'  ? ? ? ? ? ? ? ? ? ? ? HKL-3000    ? ? ? .           3 
? 'data scaling'    ? ? ? ? ? ? ? ? ? ? ? HKL-3000    ? ? ? .           4 
? phasing           ? ? ? ? ? ? ? ? ? ? ? PHENIX      ? ? ? .           5 
# 
_cell.angle_alpha                  90.000 
_cell.angle_alpha_esd              ? 
_cell.angle_beta                   90.000 
_cell.angle_beta_esd               ? 
_cell.angle_gamma                  90.000 
_cell.angle_gamma_esd              ? 
_cell.entry_id                     6E24 
_cell.details                      ? 
_cell.formula_units_Z              ? 
_cell.length_a                     73.136 
_cell.length_a_esd                 ? 
_cell.length_b                     73.136 
_cell.length_b_esd                 ? 
_cell.length_c                     78.249 
_cell.length_c_esd                 ? 
_cell.volume                       ? 
_cell.volume_esd                   ? 
_cell.Z_PDB                        4 
_cell.reciprocal_angle_alpha       ? 
_cell.reciprocal_angle_beta        ? 
_cell.reciprocal_angle_gamma       ? 
_cell.reciprocal_angle_alpha_esd   ? 
_cell.reciprocal_angle_beta_esd    ? 
_cell.reciprocal_angle_gamma_esd   ? 
_cell.reciprocal_length_a          ? 
_cell.reciprocal_length_b          ? 
_cell.reciprocal_length_c          ? 
_cell.reciprocal_length_a_esd      ? 
_cell.reciprocal_length_b_esd      ? 
_cell.reciprocal_length_c_esd      ? 
_cell.pdbx_unique_axis             ? 
# 
_symmetry.entry_id                         6E24 
_symmetry.cell_setting                     ? 
_symmetry.Int_Tables_number                78 
_symmetry.space_group_name_Hall            ? 
_symmetry.space_group_name_H-M             'P 43' 
_symmetry.pdbx_full_space_group_name_H-M   ? 
# 
_exptl.absorpt_coefficient_mu     ? 
_exptl.absorpt_correction_T_max   ? 
_exptl.absorpt_correction_T_min   ? 
_exptl.absorpt_correction_type    ? 
_exptl.absorpt_process_details    ? 
_exptl.entry_id                   6E24 
_exptl.crystals_number            1 
_exptl.details                    ? 
_exptl.method                     'X-RAY DIFFRACTION' 
_exptl.method_details             ? 
# 
_exptl_crystal.colour                      ? 
_exptl_crystal.density_diffrn              ? 
_exptl_crystal.density_Matthews            3.77 
_exptl_crystal.density_method              ? 
_exptl_crystal.density_percent_sol         67.35 
_exptl_crystal.description                 ? 
_exptl_crystal.F_000                       ? 
_exptl_crystal.id                          1 
_exptl_crystal.preparation                 ? 
_exptl_crystal.size_max                    ? 
_exptl_crystal.size_mid                    ? 
_exptl_crystal.size_min                    ? 
_exptl_crystal.size_rad                    ? 
_exptl_crystal.colour_lustre               ? 
_exptl_crystal.colour_modifier             ? 
_exptl_crystal.colour_primary              ? 
_exptl_crystal.density_meas                ? 
_exptl_crystal.density_meas_esd            ? 
_exptl_crystal.density_meas_gt             ? 
_exptl_crystal.density_meas_lt             ? 
_exptl_crystal.density_meas_temp           ? 
_exptl_crystal.density_meas_temp_esd       ? 
_exptl_crystal.density_meas_temp_gt        ? 
_exptl_crystal.density_meas_temp_lt        ? 
_exptl_crystal.pdbx_crystal_image_url      ? 
_exptl_crystal.pdbx_crystal_image_format   ? 
_exptl_crystal.pdbx_mosaicity              ? 
_exptl_crystal.pdbx_mosaicity_esd          ? 
# 
_exptl_crystal_grow.apparatus       ? 
_exptl_crystal_grow.atmosphere      ? 
_exptl_crystal_grow.crystal_id      1 
_exptl_crystal_grow.details         ? 
_exptl_crystal_grow.method          EVAPORATION 
_exptl_crystal_grow.method_ref      ? 
_exptl_crystal_grow.pH              ? 
_exptl_crystal_grow.pressure        ? 
_exptl_crystal_grow.pressure_esd    ? 
_exptl_crystal_grow.seeding         ? 
_exptl_crystal_grow.seeding_ref     ? 
_exptl_crystal_grow.temp            293 
_exptl_crystal_grow.temp_details    ? 
_exptl_crystal_grow.temp_esd        ? 
_exptl_crystal_grow.time            ? 
_exptl_crystal_grow.pdbx_details    
;16% W/V PEG3350
0.05M CITRIC ACID
0.05M BIS-TRIS PROPANE pH5.0
;
_exptl_crystal_grow.pdbx_pH_range   ? 
# 
_diffrn.ambient_environment    ? 
_diffrn.ambient_temp           80 
_diffrn.ambient_temp_details   ? 
_diffrn.ambient_temp_esd       ? 
_diffrn.crystal_id             1 
_diffrn.crystal_support        ? 
_diffrn.crystal_treatment      ? 
_diffrn.details                ? 
_diffrn.id                     1 
_diffrn.ambient_pressure       ? 
_diffrn.ambient_pressure_esd   ? 
_diffrn.ambient_pressure_gt    ? 
_diffrn.ambient_pressure_lt    ? 
_diffrn.ambient_temp_gt        ? 
_diffrn.ambient_temp_lt        ? 
# 
_diffrn_detector.details                      ? 
_diffrn_detector.detector                     PIXEL 
_diffrn_detector.diffrn_id                    1 
_diffrn_detector.type                         'DECTRIS PILATUS3 S 6M' 
_diffrn_detector.area_resol_mean              ? 
_diffrn_detector.dtime                        ? 
_diffrn_detector.pdbx_frames_total            ? 
_diffrn_detector.pdbx_collection_time_total   ? 
_diffrn_detector.pdbx_collection_date         2018-02-01 
# 
_diffrn_radiation.collimation                      ? 
_diffrn_radiation.diffrn_id                        1 
_diffrn_radiation.filter_edge                      ? 
_diffrn_radiation.inhomogeneity                    ? 
_diffrn_radiation.monochromator                    ? 
_diffrn_radiation.polarisn_norm                    ? 
_diffrn_radiation.polarisn_ratio                   ? 
_diffrn_radiation.probe                            ? 
_diffrn_radiation.type                             ? 
_diffrn_radiation.xray_symbol                      ? 
_diffrn_radiation.wavelength_id                    1 
_diffrn_radiation.pdbx_monochromatic_or_laue_m_l   M 
_diffrn_radiation.pdbx_wavelength_list             ? 
_diffrn_radiation.pdbx_wavelength                  ? 
_diffrn_radiation.pdbx_diffrn_protocol             'SINGLE WAVELENGTH' 
_diffrn_radiation.pdbx_analyzer                    ? 
_diffrn_radiation.pdbx_scattering_type             x-ray 
# 
_diffrn_radiation_wavelength.id           1 
_diffrn_radiation_wavelength.wavelength   0.97887 
_diffrn_radiation_wavelength.wt           1.0 
# 
_diffrn_source.current                     ? 
_diffrn_source.details                     ? 
_diffrn_source.diffrn_id                   1 
_diffrn_source.power                       ? 
_diffrn_source.size                        ? 
_diffrn_source.source                      SYNCHROTRON 
_diffrn_source.target                      ? 
_diffrn_source.type                        'CLSI BEAMLINE 08ID-1' 
_diffrn_source.voltage                     ? 
_diffrn_source.take-off_angle              ? 
_diffrn_source.pdbx_wavelength_list        0.97887 
_diffrn_source.pdbx_wavelength             ? 
_diffrn_source.pdbx_synchrotron_beamline   08ID-1 
_diffrn_source.pdbx_synchrotron_site       CLSI 
# 
_reflns.B_iso_Wilson_estimate            ? 
_reflns.entry_id                         6E24 
_reflns.data_reduction_details           ? 
_reflns.data_reduction_method            ? 
_reflns.d_resolution_high                3.001 
_reflns.d_resolution_low                 34.5 
_reflns.details                          ? 
_reflns.limit_h_max                      ? 
_reflns.limit_h_min                      ? 
_reflns.limit_k_max                      ? 
_reflns.limit_k_min                      ? 
_reflns.limit_l_max                      ? 
_reflns.limit_l_min                      ? 
_reflns.number_all                       ? 
_reflns.number_obs                       8361 
_reflns.observed_criterion               ? 
_reflns.observed_criterion_F_max         ? 
_reflns.observed_criterion_F_min         ? 
_reflns.observed_criterion_I_max         ? 
_reflns.observed_criterion_I_min         ? 
_reflns.observed_criterion_sigma_F       ? 
_reflns.observed_criterion_sigma_I       ? 
_reflns.percent_possible_obs             100 
_reflns.R_free_details                   ? 
_reflns.Rmerge_F_all                     ? 
_reflns.Rmerge_F_obs                     ? 
_reflns.Friedel_coverage                 ? 
_reflns.number_gt                        ? 
_reflns.threshold_expression             ? 
_reflns.pdbx_redundancy                  7.6 
_reflns.pdbx_Rmerge_I_obs                ? 
_reflns.pdbx_Rmerge_I_all                ? 
_reflns.pdbx_Rsym_value                  ? 
_reflns.pdbx_netI_over_av_sigmaI         ? 
_reflns.pdbx_netI_over_sigmaI            18.91 
_reflns.pdbx_res_netI_over_av_sigmaI_2   ? 
_reflns.pdbx_res_netI_over_sigmaI_2      ? 
_reflns.pdbx_chi_squared                 ? 
_reflns.pdbx_scaling_rejects             ? 
_reflns.pdbx_d_res_high_opt              ? 
_reflns.pdbx_d_res_low_opt               ? 
_reflns.pdbx_d_res_opt_method            ? 
_reflns.phase_calculation_details        ? 
_reflns.pdbx_Rrim_I_all                  ? 
_reflns.pdbx_Rpim_I_all                  ? 
_reflns.pdbx_d_opt                       ? 
_reflns.pdbx_number_measured_all         ? 
_reflns.pdbx_diffrn_id                   1 
_reflns.pdbx_ordinal                     1 
_reflns.pdbx_CC_half                     ? 
_reflns.pdbx_R_split                     ? 
# 
_reflns_shell.d_res_high                  3.001 
_reflns_shell.d_res_low                   3.108 
_reflns_shell.meanI_over_sigI_all         ? 
_reflns_shell.meanI_over_sigI_obs         ? 
_reflns_shell.number_measured_all         ? 
_reflns_shell.number_measured_obs         ? 
_reflns_shell.number_possible             ? 
_reflns_shell.number_unique_all           ? 
_reflns_shell.number_unique_obs           ? 
_reflns_shell.percent_possible_all        ? 
_reflns_shell.percent_possible_obs        ? 
_reflns_shell.Rmerge_F_all                ? 
_reflns_shell.Rmerge_F_obs                ? 
_reflns_shell.Rmerge_I_all                ? 
_reflns_shell.Rmerge_I_obs                ? 
_reflns_shell.meanI_over_sigI_gt          ? 
_reflns_shell.meanI_over_uI_all           ? 
_reflns_shell.meanI_over_uI_gt            ? 
_reflns_shell.number_measured_gt          ? 
_reflns_shell.number_unique_gt            ? 
_reflns_shell.percent_possible_gt         ? 
_reflns_shell.Rmerge_F_gt                 ? 
_reflns_shell.Rmerge_I_gt                 ? 
_reflns_shell.pdbx_redundancy             ? 
_reflns_shell.pdbx_Rsym_value             ? 
_reflns_shell.pdbx_chi_squared            ? 
_reflns_shell.pdbx_netI_over_sigmaI_all   ? 
_reflns_shell.pdbx_netI_over_sigmaI_obs   ? 
_reflns_shell.pdbx_Rrim_I_all             ? 
_reflns_shell.pdbx_Rpim_I_all             ? 
_reflns_shell.pdbx_rejects                ? 
_reflns_shell.pdbx_ordinal                1 
_reflns_shell.pdbx_diffrn_id              1 
_reflns_shell.pdbx_CC_half                ? 
_reflns_shell.pdbx_R_split                ? 
# 
_refine.aniso_B[1][1]                            ? 
_refine.aniso_B[1][2]                            ? 
_refine.aniso_B[1][3]                            ? 
_refine.aniso_B[2][2]                            ? 
_refine.aniso_B[2][3]                            ? 
_refine.aniso_B[3][3]                            ? 
_refine.B_iso_max                                102.360 
_refine.B_iso_mean                               57.8791 
_refine.B_iso_min                                35.410 
_refine.correlation_coeff_Fo_to_Fc               ? 
_refine.correlation_coeff_Fo_to_Fc_free          ? 
_refine.details                                  ? 
_refine.diff_density_max                         ? 
_refine.diff_density_max_esd                     ? 
_refine.diff_density_min                         ? 
_refine.diff_density_min_esd                     ? 
_refine.diff_density_rms                         ? 
_refine.diff_density_rms_esd                     ? 
_refine.entry_id                                 6E24 
_refine.pdbx_refine_id                           'X-RAY DIFFRACTION' 
_refine.ls_abs_structure_details                 ? 
_refine.ls_abs_structure_Flack                   ? 
_refine.ls_abs_structure_Flack_esd               ? 
_refine.ls_abs_structure_Rogers                  ? 
_refine.ls_abs_structure_Rogers_esd              ? 
_refine.ls_d_res_high                            3.0010 
_refine.ls_d_res_low                             34.5 
_refine.ls_extinction_coef                       ? 
_refine.ls_extinction_coef_esd                   ? 
_refine.ls_extinction_expression                 ? 
_refine.ls_extinction_method                     ? 
_refine.ls_goodness_of_fit_all                   ? 
_refine.ls_goodness_of_fit_all_esd               ? 
_refine.ls_goodness_of_fit_obs                   ? 
_refine.ls_goodness_of_fit_obs_esd               ? 
_refine.ls_hydrogen_treatment                    ? 
_refine.ls_matrix_type                           ? 
_refine.ls_number_constraints                    ? 
_refine.ls_number_parameters                     ? 
_refine.ls_number_reflns_all                     ? 
_refine.ls_number_reflns_obs                     8361 
_refine.ls_number_reflns_R_free                  399 
_refine.ls_number_reflns_R_work                  ? 
_refine.ls_number_restraints                     ? 
_refine.ls_percent_reflns_obs                    99.9900 
_refine.ls_percent_reflns_R_free                 4.7700 
_refine.ls_R_factor_all                          ? 
_refine.ls_R_factor_obs                          0.1860 
_refine.ls_R_factor_R_free                       0.2242 
_refine.ls_R_factor_R_free_error                 ? 
_refine.ls_R_factor_R_free_error_details         ? 
_refine.ls_R_factor_R_work                       0.1841 
_refine.ls_R_Fsqd_factor_obs                     ? 
_refine.ls_R_I_factor_obs                        ? 
_refine.ls_redundancy_reflns_all                 ? 
_refine.ls_redundancy_reflns_obs                 ? 
_refine.ls_restrained_S_all                      ? 
_refine.ls_restrained_S_obs                      ? 
_refine.ls_shift_over_esd_max                    ? 
_refine.ls_shift_over_esd_mean                   ? 
_refine.ls_structure_factor_coef                 ? 
_refine.ls_weighting_details                     ? 
_refine.ls_weighting_scheme                      ? 
_refine.ls_wR_factor_all                         ? 
_refine.ls_wR_factor_obs                         ? 
_refine.ls_wR_factor_R_free                      ? 
_refine.ls_wR_factor_R_work                      ? 
_refine.occupancy_max                            ? 
_refine.occupancy_min                            ? 
_refine.solvent_model_details                    ? 
_refine.solvent_model_param_bsol                 ? 
_refine.solvent_model_param_ksol                 ? 
_refine.ls_R_factor_gt                           ? 
_refine.ls_goodness_of_fit_gt                    ? 
_refine.ls_goodness_of_fit_ref                   ? 
_refine.ls_shift_over_su_max                     ? 
_refine.ls_shift_over_su_max_lt                  ? 
_refine.ls_shift_over_su_mean                    ? 
_refine.ls_shift_over_su_mean_lt                 ? 
_refine.pdbx_ls_sigma_I                          ? 
_refine.pdbx_ls_sigma_F                          1.400 
_refine.pdbx_ls_sigma_Fsqd                       ? 
_refine.pdbx_data_cutoff_high_absF               ? 
_refine.pdbx_data_cutoff_high_rms_absF           ? 
_refine.pdbx_data_cutoff_low_absF                ? 
_refine.pdbx_isotropic_thermal_model             ? 
_refine.pdbx_ls_cross_valid_method               THROUGHOUT 
_refine.pdbx_method_to_determine_struct          ? 
_refine.pdbx_starting_model                      ? 
_refine.pdbx_stereochemistry_target_values       ? 
_refine.pdbx_R_Free_selection_details            RANDOM 
_refine.pdbx_stereochem_target_val_spec_case     ? 
_refine.pdbx_overall_ESU_R                       ? 
_refine.pdbx_overall_ESU_R_Free                  ? 
_refine.pdbx_solvent_vdw_probe_radii             1.1100 
_refine.pdbx_solvent_ion_probe_radii             ? 
_refine.pdbx_solvent_shrinkage_radii             0.9000 
_refine.pdbx_real_space_R                        ? 
_refine.pdbx_density_correlation                 ? 
_refine.pdbx_pd_number_of_powder_patterns        ? 
_refine.pdbx_pd_number_of_points                 ? 
_refine.pdbx_pd_meas_number_of_points            ? 
_refine.pdbx_pd_proc_ls_prof_R_factor            ? 
_refine.pdbx_pd_proc_ls_prof_wR_factor           ? 
_refine.pdbx_pd_Marquardt_correlation_coeff      ? 
_refine.pdbx_pd_Fsqrd_R_factor                   ? 
_refine.pdbx_pd_ls_matrix_band_width             ? 
_refine.pdbx_overall_phase_error                 22.0900 
_refine.pdbx_overall_SU_R_free_Cruickshank_DPI   ? 
_refine.pdbx_overall_SU_R_free_Blow_DPI          ? 
_refine.pdbx_overall_SU_R_Blow_DPI               ? 
_refine.pdbx_TLS_residual_ADP_flag               ? 
_refine.pdbx_diffrn_id                           1 
_refine.overall_SU_B                             ? 
_refine.overall_SU_ML                            0.3400 
_refine.overall_SU_R_Cruickshank_DPI             ? 
_refine.overall_SU_R_free                        ? 
_refine.overall_FOM_free_R_set                   ? 
_refine.overall_FOM_work_R_set                   ? 
_refine.pdbx_average_fsc_overall                 ? 
_refine.pdbx_average_fsc_work                    ? 
_refine.pdbx_average_fsc_free                    ? 
# 
_refine_hist.cycle_id                         final 
_refine_hist.pdbx_refine_id                   'X-RAY DIFFRACTION' 
_refine_hist.d_res_high                       3.0010 
_refine_hist.d_res_low                        34.5 
_refine_hist.pdbx_number_atoms_ligand         0 
_refine_hist.number_atoms_solvent             0 
_refine_hist.number_atoms_total               1642 
_refine_hist.pdbx_number_residues_total       220 
_refine_hist.pdbx_number_atoms_protein        1642 
_refine_hist.pdbx_number_atoms_nucleic_acid   0 
# 
_struct.entry_id                     6E24 
_struct.title                        'Ternary structure of c-Myc-TBP-TAF1' 
_struct.pdbx_model_details           ? 
_struct.pdbx_formula_weight          ? 
_struct.pdbx_formula_weight_method   ? 
_struct.pdbx_model_type_details      ? 
_struct.pdbx_CASP_flag               N 
# 
_struct_keywords.entry_id        6E24 
_struct_keywords.text            'transcriptional regulation, carcinogenesis, DNA BINDING PROTEIN' 
_struct_keywords.pdbx_keywords   'DNA BINDING PROTEIN' 
# 
_struct_asym.id                            A 
_struct_asym.pdbx_blank_PDB_chainid_flag   N 
_struct_asym.pdbx_modified                 N 
_struct_asym.entity_id                     1 
_struct_asym.details                       ? 
# 
loop_
_struct_ref.id 
_struct_ref.db_name 
_struct_ref.db_code 
_struct_ref.pdbx_db_accession 
_struct_ref.pdbx_db_isoform 
_struct_ref.entity_id 
_struct_ref.pdbx_seq_one_letter_code 
_struct_ref.pdbx_align_begin 
1 UNP TAF1_YEAST P46677 ? 1 KTNLANEDEAYEAIFGGEFGSLEIGSYIGGDE 9  
2 UNP MYC_HUMAN  P01106 ? 1 ADQLEMVTELLGGDMVNQSFICDPDDETFI 96 
3 UNP TBP_YEAST  P13393 ? 1 
;SGIVPTLQNIVATVTLGCRLDLKTVALHARNAEYNPKRFAAVIMRIREPKTTALIFASGKMVVTGAKSEDDSKLASRKYA
RIIQKIGFAAKFTDFKIQNIVGSCDVKFPIRLEGLAFSHGTFSSYEPELFPGLIYRMVKPKIVLLIFVSGKIVLTGAKQR
EEIYQAFEAIYPVLSEFRKM
;
61 
# 
loop_
_struct_ref_seq.align_id 
_struct_ref_seq.ref_id 
_struct_ref_seq.pdbx_PDB_id_code 
_struct_ref_seq.pdbx_strand_id 
_struct_ref_seq.seq_align_beg 
_struct_ref_seq.pdbx_seq_align_beg_ins_code 
_struct_ref_seq.seq_align_end 
_struct_ref_seq.pdbx_seq_align_end_ins_code 
_struct_ref_seq.pdbx_db_accession 
_struct_ref_seq.db_align_beg 
_struct_ref_seq.pdbx_db_align_beg_ins_code 
_struct_ref_seq.db_align_end 
_struct_ref_seq.pdbx_db_align_end_ins_code 
_struct_ref_seq.pdbx_auth_seq_align_beg 
_struct_ref_seq.pdbx_auth_seq_align_end 
1 1 6E24 A 1  ? 32  ? P46677 9  ? 40  ? 9   191 
2 2 6E24 A 37 ? 66  ? P01106 96 ? 125 ? 196 247 
3 3 6E24 A 80 ? 259 ? P13393 61 ? 240 ? 261 440 
# 
loop_
_struct_ref_seq_dif.align_id 
_struct_ref_seq_dif.pdbx_pdb_id_code 
_struct_ref_seq_dif.mon_id 
_struct_ref_seq_dif.pdbx_pdb_strand_id 
_struct_ref_seq_dif.seq_num 
_struct_ref_seq_dif.pdbx_pdb_ins_code 
_struct_ref_seq_dif.pdbx_seq_db_name 
_struct_ref_seq_dif.pdbx_seq_db_accession_code 
_struct_ref_seq_dif.db_mon_id 
_struct_ref_seq_dif.pdbx_seq_db_seq_num 
_struct_ref_seq_dif.details 
_struct_ref_seq_dif.pdbx_auth_seq_num 
_struct_ref_seq_dif.pdbx_ordinal 
1 6E24 GLY A 33 ? UNP P46677 ? ? linker 192 1  
1 6E24 GLY A 34 ? UNP P46677 ? ? linker 193 2  
1 6E24 GLY A 35 ? UNP P46677 ? ? linker 194 3  
1 6E24 SER A 36 ? UNP P46677 ? ? linker 195 4  
2 6E24 GLY A 67 ? UNP P01106 ? ? linker 248 5  
2 6E24 GLY A 68 ? UNP P01106 ? ? linker 249 6  
2 6E24 GLY A 69 ? UNP P01106 ? ? linker 250 7  
2 6E24 SER A 70 ? UNP P01106 ? ? linker 251 8  
2 6E24 GLY A 71 ? UNP P01106 ? ? linker 252 9  
2 6E24 GLY A 72 ? UNP P01106 ? ? linker 253 10 
2 6E24 GLY A 73 ? UNP P01106 ? ? linker 254 11 
2 6E24 SER A 74 ? UNP P01106 ? ? linker 255 12 
2 6E24 GLY A 75 ? UNP P01106 ? ? linker 256 13 
2 6E24 GLY A 76 ? UNP P01106 ? ? linker 257 14 
2 6E24 GLY A 77 ? UNP P01106 ? ? linker 258 15 
2 6E24 SER A 78 ? UNP P01106 ? ? linker 259 16 
2 6E24 MET A 79 ? UNP P01106 ? ? linker 260 17 
# 
_pdbx_struct_assembly.id                   1 
_pdbx_struct_assembly.details              author_and_software_defined_assembly 
_pdbx_struct_assembly.method_details       PISA 
_pdbx_struct_assembly.oligomeric_details   monomeric 
_pdbx_struct_assembly.oligomeric_count     1 
# 
_pdbx_struct_assembly_gen.assembly_id       1 
_pdbx_struct_assembly_gen.oper_expression   1 
_pdbx_struct_assembly_gen.asym_id_list      A 
# 
_pdbx_struct_assembly_auth_evidence.id                     1 
_pdbx_struct_assembly_auth_evidence.assembly_id            1 
_pdbx_struct_assembly_auth_evidence.experimental_support   'gel filtration' 
_pdbx_struct_assembly_auth_evidence.details                ? 
# 
_pdbx_struct_oper_list.id                   1 
_pdbx_struct_oper_list.type                 'identity operation' 
_pdbx_struct_oper_list.name                 1_555 
_pdbx_struct_oper_list.symmetry_operation   x,y,z 
_pdbx_struct_oper_list.matrix[1][1]         1.0000000000 
_pdbx_struct_oper_list.matrix[1][2]         0.0000000000 
_pdbx_struct_oper_list.matrix[1][3]         0.0000000000 
_pdbx_struct_oper_list.vector[1]            0.0000000000 
_pdbx_struct_oper_list.matrix[2][1]         0.0000000000 
_pdbx_struct_oper_list.matrix[2][2]         1.0000000000 
_pdbx_struct_oper_list.matrix[2][3]         0.0000000000 
_pdbx_struct_oper_list.vector[2]            0.0000000000 
_pdbx_struct_oper_list.matrix[3][1]         0.0000000000 
_pdbx_struct_oper_list.matrix[3][2]         0.0000000000 
_pdbx_struct_oper_list.matrix[3][3]         1.0000000000 
_pdbx_struct_oper_list.vector[3]            0.0000000000 
# 
loop_
_struct_conf.conf_type_id 
_struct_conf.id 
_struct_conf.pdbx_PDB_helix_id 
_struct_conf.beg_label_comp_id 
_struct_conf.beg_label_asym_id 
_struct_conf.beg_label_seq_id 
_struct_conf.pdbx_beg_PDB_ins_code 
_struct_conf.end_label_comp_id 
_struct_conf.end_label_asym_id 
_struct_conf.end_label_seq_id 
_struct_conf.pdbx_end_PDB_ins_code 
_struct_conf.beg_auth_comp_id 
_struct_conf.beg_auth_asym_id 
_struct_conf.beg_auth_seq_id 
_struct_conf.end_auth_comp_id 
_struct_conf.end_auth_asym_id 
_struct_conf.end_auth_seq_id 
_struct_conf.pdbx_PDB_helix_class 
_struct_conf.details 
_struct_conf.pdbx_PDB_helix_length 
HELX_P HELX_P1 AA1 ASN A 6   ? GLY A 16  ? ASN A 14  GLY A 24  1 ? 11 
HELX_P HELX_P2 AA2 PHE A 19  ? ILE A 28  ? PHE A 27  ILE A 36  5 ? 10 
HELX_P HELX_P3 AA3 ASP A 38  ? LEU A 46  ? ASP A 197 LEU A 205 1 ? 9  
HELX_P HELX_P4 AA4 ASP A 100 ? ALA A 108 ? ASP A 281 ALA A 289 1 ? 9  
HELX_P HELX_P5 AA5 SER A 147 ? PHE A 167 ? SER A 328 PHE A 348 1 ? 21 
HELX_P HELX_P6 AA6 ARG A 190 ? HIS A 198 ? ARG A 371 HIS A 379 1 ? 9  
HELX_P HELX_P7 AA7 GLN A 238 ? PHE A 256 ? GLN A 419 PHE A 437 1 ? 19 
# 
_struct_conf_type.id          HELX_P 
_struct_conf_type.criteria    ? 
_struct_conf_type.reference   ? 
# 
loop_
_struct_mon_prot_cis.pdbx_id 
_struct_mon_prot_cis.label_comp_id 
_struct_mon_prot_cis.label_seq_id 
_struct_mon_prot_cis.label_asym_id 
_struct_mon_prot_cis.label_alt_id 
_struct_mon_prot_cis.pdbx_PDB_ins_code 
_struct_mon_prot_cis.auth_comp_id 
_struct_mon_prot_cis.auth_seq_id 
_struct_mon_prot_cis.auth_asym_id 
_struct_mon_prot_cis.pdbx_label_comp_id_2 
_struct_mon_prot_cis.pdbx_label_seq_id_2 
_struct_mon_prot_cis.pdbx_label_asym_id_2 
_struct_mon_prot_cis.pdbx_PDB_ins_code_2 
_struct_mon_prot_cis.pdbx_auth_comp_id_2 
_struct_mon_prot_cis.pdbx_auth_seq_id_2 
_struct_mon_prot_cis.pdbx_auth_asym_id_2 
_struct_mon_prot_cis.pdbx_PDB_model_num 
_struct_mon_prot_cis.pdbx_omega_angle 
1 GLU 127 A . ? GLU 308 A PRO 128 A ? PRO 309 A 1 -2.69 
2 LYS 218 A . ? LYS 399 A PRO 219 A ? PRO 400 A 1 0.15  
# 
_struct_sheet.id               AA1 
_struct_sheet.type             ? 
_struct_sheet.number_strands   10 
_struct_sheet.details          ? 
# 
loop_
_struct_sheet_order.sheet_id 
_struct_sheet_order.range_id_1 
_struct_sheet_order.range_id_2 
_struct_sheet_order.offset 
_struct_sheet_order.sense 
AA1 1 2  ? anti-parallel 
AA1 2 3  ? anti-parallel 
AA1 3 4  ? anti-parallel 
AA1 4 5  ? anti-parallel 
AA1 5 6  ? anti-parallel 
AA1 6 7  ? anti-parallel 
AA1 7 8  ? anti-parallel 
AA1 8 9  ? anti-parallel 
AA1 9 10 ? anti-parallel 
# 
loop_
_struct_sheet_range.sheet_id 
_struct_sheet_range.id 
_struct_sheet_range.beg_label_comp_id 
_struct_sheet_range.beg_label_asym_id 
_struct_sheet_range.beg_label_seq_id 
_struct_sheet_range.pdbx_beg_PDB_ins_code 
_struct_sheet_range.end_label_comp_id 
_struct_sheet_range.end_label_asym_id 
_struct_sheet_range.end_label_seq_id 
_struct_sheet_range.pdbx_end_PDB_ins_code 
_struct_sheet_range.beg_auth_comp_id 
_struct_sheet_range.beg_auth_asym_id 
_struct_sheet_range.beg_auth_seq_id 
_struct_sheet_range.end_auth_comp_id 
_struct_sheet_range.end_auth_asym_id 
_struct_sheet_range.end_auth_seq_id 
AA1 1  ALA A 111 ? GLU A 112 ? ALA A 292 GLU A 293 
AA1 2  ALA A 120 ? ILE A 125 ? ALA A 301 ILE A 306 
AA1 3  THR A 130 ? PHE A 135 ? THR A 311 PHE A 316 
AA1 4  LYS A 139 ? ALA A 145 ? LYS A 320 ALA A 326 
AA1 5  THR A 85  ? THR A 94  ? THR A 266 THR A 275 
AA1 6  THR A 172 ? ASP A 184 ? THR A 353 ASP A 365 
AA1 7  LYS A 230 ? ALA A 236 ? LYS A 411 ALA A 417 
AA1 8  VAL A 222 ? ILE A 225 ? VAL A 403 ILE A 406 
AA1 9  LEU A 212 ? ARG A 215 ? LEU A 393 ARG A 396 
AA1 10 SER A 202 ? TYR A 204 ? SER A 383 TYR A 385 
# 
loop_
_pdbx_struct_sheet_hbond.sheet_id 
_pdbx_struct_sheet_hbond.range_id_1 
_pdbx_struct_sheet_hbond.range_id_2 
_pdbx_struct_sheet_hbond.range_1_label_atom_id 
_pdbx_struct_sheet_hbond.range_1_label_comp_id 
_pdbx_struct_sheet_hbond.range_1_label_asym_id 
_pdbx_struct_sheet_hbond.range_1_label_seq_id 
_pdbx_struct_sheet_hbond.range_1_PDB_ins_code 
_pdbx_struct_sheet_hbond.range_1_auth_atom_id 
_pdbx_struct_sheet_hbond.range_1_auth_comp_id 
_pdbx_struct_sheet_hbond.range_1_auth_asym_id 
_pdbx_struct_sheet_hbond.range_1_auth_seq_id 
_pdbx_struct_sheet_hbond.range_2_label_atom_id 
_pdbx_struct_sheet_hbond.range_2_label_comp_id 
_pdbx_struct_sheet_hbond.range_2_label_asym_id 
_pdbx_struct_sheet_hbond.range_2_label_seq_id 
_pdbx_struct_sheet_hbond.range_2_PDB_ins_code 
_pdbx_struct_sheet_hbond.range_2_auth_atom_id 
_pdbx_struct_sheet_hbond.range_2_auth_comp_id 
_pdbx_struct_sheet_hbond.range_2_auth_asym_id 
_pdbx_struct_sheet_hbond.range_2_auth_seq_id 
AA1 1 2  N GLU A 112 ? N GLU A 293 O ILE A 122 ? O ILE A 303 
AA1 2 3  N MET A 123 ? N MET A 304 O ALA A 132 ? O ALA A 313 
AA1 3 4  N LEU A 133 ? N LEU A 314 O VAL A 141 ? O VAL A 322 
AA1 4 5  O VAL A 142 ? O VAL A 323 N ALA A 91  ? N ALA A 272 
AA1 5 6  N THR A 92  ? N THR A 273 O LYS A 175 ? O LYS A 356 
AA1 6 7  N CYS A 183 ? N CYS A 364 O ILE A 231 ? O ILE A 412 
AA1 7 8  O VAL A 232 ? O VAL A 413 N LEU A 224 ? N LEU A 405 
AA1 8 9  O LEU A 223 ? O LEU A 404 N TYR A 214 ? N TYR A 395 
AA1 9 10 O ILE A 213 ? O ILE A 394 N SER A 203 ? N SER A 384 
# 
loop_
_pdbx_validate_torsion.id 
_pdbx_validate_torsion.PDB_model_num 
_pdbx_validate_torsion.auth_comp_id 
_pdbx_validate_torsion.auth_asym_id 
_pdbx_validate_torsion.auth_seq_id 
_pdbx_validate_torsion.PDB_ins_code 
_pdbx_validate_torsion.label_alt_id 
_pdbx_validate_torsion.phi 
_pdbx_validate_torsion.psi 
1  1 ILE A 36  ? ? -147.02 25.57  
2  1 LEU A 205 ? ? -78.73  26.73  
3  1 LEU A 206 ? ? -118.55 -77.19 
4  1 ARG A 290 ? ? -67.87  -89.14 
5  1 ALA A 300 ? ? -92.28  55.63  
6  1 LYS A 310 ? ? -52.34  104.47 
7  1 ALA A 349 ? ? -79.73  42.93  
8  1 HIS A 379 ? ? -109.43 42.65  
9  1 PHE A 390 ? ? -175.51 136.25 
10 1 VAL A 398 ? ? -94.56  -63.11 
11 1 LYS A 401 ? ? -66.12  90.20  
# 
loop_
_pdbx_unobs_or_zero_occ_residues.id 
_pdbx_unobs_or_zero_occ_residues.PDB_model_num 
_pdbx_unobs_or_zero_occ_residues.polymer_flag 
_pdbx_unobs_or_zero_occ_residues.occupancy_flag 
_pdbx_unobs_or_zero_occ_residues.auth_asym_id 
_pdbx_unobs_or_zero_occ_residues.auth_comp_id 
_pdbx_unobs_or_zero_occ_residues.auth_seq_id 
_pdbx_unobs_or_zero_occ_residues.PDB_ins_code 
_pdbx_unobs_or_zero_occ_residues.label_asym_id 
_pdbx_unobs_or_zero_occ_residues.label_comp_id 
_pdbx_unobs_or_zero_occ_residues.label_seq_id 
1  1 Y 1 A GLY 189 ? A GLY 30 
2  1 Y 1 A ASP 190 ? A ASP 31 
3  1 Y 1 A GLU 191 ? A GLU 32 
4  1 Y 1 A GLY 192 ? A GLY 33 
5  1 Y 1 A GLY 193 ? A GLY 34 
6  1 Y 1 A GLY 194 ? A GLY 35 
7  1 Y 1 A SER 195 ? A SER 36 
8  1 Y 1 A GLY 230 ? A GLY 49 
9  1 Y 1 A ASP 231 ? A ASP 50 
10 1 Y 1 A MET 232 ? A MET 51 
11 1 Y 1 A VAL 233 ? A VAL 52 
12 1 Y 1 A ASN 234 ? A ASN 53 
13 1 Y 1 A GLN 235 ? A GLN 54 
14 1 Y 1 A SER 236 ? A SER 55 
15 1 Y 1 A PHE 237 ? A PHE 56 
16 1 Y 1 A ILE 238 ? A ILE 57 
17 1 Y 1 A CYS 239 ? A CYS 58 
18 1 Y 1 A ASP 240 ? A ASP 59 
19 1 Y 1 A PRO 241 ? A PRO 60 
20 1 Y 1 A ASP 242 ? A ASP 61 
21 1 Y 1 A ASP 243 ? A ASP 62 
22 1 Y 1 A GLU 244 ? A GLU 63 
23 1 Y 1 A THR 245 ? A THR 64 
24 1 Y 1 A PHE 246 ? A PHE 65 
25 1 Y 1 A ILE 247 ? A ILE 66 
26 1 Y 1 A GLY 248 ? A GLY 67 
27 1 Y 1 A GLY 249 ? A GLY 68 
28 1 Y 1 A GLY 250 ? A GLY 69 
29 1 Y 1 A SER 251 ? A SER 70 
30 1 Y 1 A GLY 252 ? A GLY 71 
31 1 Y 1 A GLY 253 ? A GLY 72 
32 1 Y 1 A GLY 254 ? A GLY 73 
33 1 Y 1 A SER 255 ? A SER 74 
34 1 Y 1 A GLY 256 ? A GLY 75 
35 1 Y 1 A GLY 257 ? A GLY 76 
36 1 Y 1 A GLY 258 ? A GLY 77 
37 1 Y 1 A SER 259 ? A SER 78 
38 1 Y 1 A MET 260 ? A MET 79 
39 1 Y 1 A SER 261 ? A SER 80 
# 
loop_
_chem_comp_atom.comp_id 
_chem_comp_atom.atom_id 
_chem_comp_atom.type_symbol 
_chem_comp_atom.pdbx_aromatic_flag 
_chem_comp_atom.pdbx_stereo_config 
_chem_comp_atom.pdbx_ordinal 
ALA N    N N N 1   
ALA CA   C N S 2   
ALA C    C N N 3   
ALA O    O N N 4   
ALA CB   C N N 5   
ALA OXT  O N N 6   
ALA H    H N N 7   
ALA H2   H N N 8   
ALA HA   H N N 9   
ALA HB1  H N N 10  
ALA HB2  H N N 11  
ALA HB3  H N N 12  
ALA HXT  H N N 13  
ARG N    N N N 14  
ARG CA   C N S 15  
ARG C    C N N 16  
ARG O    O N N 17  
ARG CB   C N N 18  
ARG CG   C N N 19  
ARG CD   C N N 20  
ARG NE   N N N 21  
ARG CZ   C N N 22  
ARG NH1  N N N 23  
ARG NH2  N N N 24  
ARG OXT  O N N 25  
ARG H    H N N 26  
ARG H2   H N N 27  
ARG HA   H N N 28  
ARG HB2  H N N 29  
ARG HB3  H N N 30  
ARG HG2  H N N 31  
ARG HG3  H N N 32  
ARG HD2  H N N 33  
ARG HD3  H N N 34  
ARG HE   H N N 35  
ARG HH11 H N N 36  
ARG HH12 H N N 37  
ARG HH21 H N N 38  
ARG HH22 H N N 39  
ARG HXT  H N N 40  
ASN N    N N N 41  
ASN CA   C N S 42  
ASN C    C N N 43  
ASN O    O N N 44  
ASN CB   C N N 45  
ASN CG   C N N 46  
ASN OD1  O N N 47  
ASN ND2  N N N 48  
ASN OXT  O N N 49  
ASN H    H N N 50  
ASN H2   H N N 51  
ASN HA   H N N 52  
ASN HB2  H N N 53  
ASN HB3  H N N 54  
ASN HD21 H N N 55  
ASN HD22 H N N 56  
ASN HXT  H N N 57  
ASP N    N N N 58  
ASP CA   C N S 59  
ASP C    C N N 60  
ASP O    O N N 61  
ASP CB   C N N 62  
ASP CG   C N N 63  
ASP OD1  O N N 64  
ASP OD2  O N N 65  
ASP OXT  O N N 66  
ASP H    H N N 67  
ASP H2   H N N 68  
ASP HA   H N N 69  
ASP HB2  H N N 70  
ASP HB3  H N N 71  
ASP HD2  H N N 72  
ASP HXT  H N N 73  
CYS N    N N N 74  
CYS CA   C N R 75  
CYS C    C N N 76  
CYS O    O N N 77  
CYS CB   C N N 78  
CYS SG   S N N 79  
CYS OXT  O N N 80  
CYS H    H N N 81  
CYS H2   H N N 82  
CYS HA   H N N 83  
CYS HB2  H N N 84  
CYS HB3  H N N 85  
CYS HG   H N N 86  
CYS HXT  H N N 87  
GLN N    N N N 88  
GLN CA   C N S 89  
GLN C    C N N 90  
GLN O    O N N 91  
GLN CB   C N N 92  
GLN CG   C N N 93  
GLN CD   C N N 94  
GLN OE1  O N N 95  
GLN NE2  N N N 96  
GLN OXT  O N N 97  
GLN H    H N N 98  
GLN H2   H N N 99  
GLN HA   H N N 100 
GLN HB2  H N N 101 
GLN HB3  H N N 102 
GLN HG2  H N N 103 
GLN HG3  H N N 104 
GLN HE21 H N N 105 
GLN HE22 H N N 106 
GLN HXT  H N N 107 
GLU N    N N N 108 
GLU CA   C N S 109 
GLU C    C N N 110 
GLU O    O N N 111 
GLU CB   C N N 112 
GLU CG   C N N 113 
GLU CD   C N N 114 
GLU OE1  O N N 115 
GLU OE2  O N N 116 
GLU OXT  O N N 117 
GLU H    H N N 118 
GLU H2   H N N 119 
GLU HA   H N N 120 
GLU HB2  H N N 121 
GLU HB3  H N N 122 
GLU HG2  H N N 123 
GLU HG3  H N N 124 
GLU HE2  H N N 125 
GLU HXT  H N N 126 
GLY N    N N N 127 
GLY CA   C N N 128 
GLY C    C N N 129 
GLY O    O N N 130 
GLY OXT  O N N 131 
GLY H    H N N 132 
GLY H2   H N N 133 
GLY HA2  H N N 134 
GLY HA3  H N N 135 
GLY HXT  H N N 136 
HIS N    N N N 137 
HIS CA   C N S 138 
HIS C    C N N 139 
HIS O    O N N 140 
HIS CB   C N N 141 
HIS CG   C Y N 142 
HIS ND1  N Y N 143 
HIS CD2  C Y N 144 
HIS CE1  C Y N 145 
HIS NE2  N Y N 146 
HIS OXT  O N N 147 
HIS H    H N N 148 
HIS H2   H N N 149 
HIS HA   H N N 150 
HIS HB2  H N N 151 
HIS HB3  H N N 152 
HIS HD1  H N N 153 
HIS HD2  H N N 154 
HIS HE1  H N N 155 
HIS HE2  H N N 156 
HIS HXT  H N N 157 
ILE N    N N N 158 
ILE CA   C N S 159 
ILE C    C N N 160 
ILE O    O N N 161 
ILE CB   C N S 162 
ILE CG1  C N N 163 
ILE CG2  C N N 164 
ILE CD1  C N N 165 
ILE OXT  O N N 166 
ILE H    H N N 167 
ILE H2   H N N 168 
ILE HA   H N N 169 
ILE HB   H N N 170 
ILE HG12 H N N 171 
ILE HG13 H N N 172 
ILE HG21 H N N 173 
ILE HG22 H N N 174 
ILE HG23 H N N 175 
ILE HD11 H N N 176 
ILE HD12 H N N 177 
ILE HD13 H N N 178 
ILE HXT  H N N 179 
LEU N    N N N 180 
LEU CA   C N S 181 
LEU C    C N N 182 
LEU O    O N N 183 
LEU CB   C N N 184 
LEU CG   C N N 185 
LEU CD1  C N N 186 
LEU CD2  C N N 187 
LEU OXT  O N N 188 
LEU H    H N N 189 
LEU H2   H N N 190 
LEU HA   H N N 191 
LEU HB2  H N N 192 
LEU HB3  H N N 193 
LEU HG   H N N 194 
LEU HD11 H N N 195 
LEU HD12 H N N 196 
LEU HD13 H N N 197 
LEU HD21 H N N 198 
LEU HD22 H N N 199 
LEU HD23 H N N 200 
LEU HXT  H N N 201 
LYS N    N N N 202 
LYS CA   C N S 203 
LYS C    C N N 204 
LYS O    O N N 205 
LYS CB   C N N 206 
LYS CG   C N N 207 
LYS CD   C N N 208 
LYS CE   C N N 209 
LYS NZ   N N N 210 
LYS OXT  O N N 211 
LYS H    H N N 212 
LYS H2   H N N 213 
LYS HA   H N N 214 
LYS HB2  H N N 215 
LYS HB3  H N N 216 
LYS HG2  H N N 217 
LYS HG3  H N N 218 
LYS HD2  H N N 219 
LYS HD3  H N N 220 
LYS HE2  H N N 221 
LYS HE3  H N N 222 
LYS HZ1  H N N 223 
LYS HZ2  H N N 224 
LYS HZ3  H N N 225 
LYS HXT  H N N 226 
MET N    N N N 227 
MET CA   C N S 228 
MET C    C N N 229 
MET O    O N N 230 
MET CB   C N N 231 
MET CG   C N N 232 
MET SD   S N N 233 
MET CE   C N N 234 
MET OXT  O N N 235 
MET H    H N N 236 
MET H2   H N N 237 
MET HA   H N N 238 
MET HB2  H N N 239 
MET HB3  H N N 240 
MET HG2  H N N 241 
MET HG3  H N N 242 
MET HE1  H N N 243 
MET HE2  H N N 244 
MET HE3  H N N 245 
MET HXT  H N N 246 
PHE N    N N N 247 
PHE CA   C N S 248 
PHE C    C N N 249 
PHE O    O N N 250 
PHE CB   C N N 251 
PHE CG   C Y N 252 
PHE CD1  C Y N 253 
PHE CD2  C Y N 254 
PHE CE1  C Y N 255 
PHE CE2  C Y N 256 
PHE CZ   C Y N 257 
PHE OXT  O N N 258 
PHE H    H N N 259 
PHE H2   H N N 260 
PHE HA   H N N 261 
PHE HB2  H N N 262 
PHE HB3  H N N 263 
PHE HD1  H N N 264 
PHE HD2  H N N 265 
PHE HE1  H N N 266 
PHE HE2  H N N 267 
PHE HZ   H N N 268 
PHE HXT  H N N 269 
PRO N    N N N 270 
PRO CA   C N S 271 
PRO C    C N N 272 
PRO O    O N N 273 
PRO CB   C N N 274 
PRO CG   C N N 275 
PRO CD   C N N 276 
PRO OXT  O N N 277 
PRO H    H N N 278 
PRO HA   H N N 279 
PRO HB2  H N N 280 
PRO HB3  H N N 281 
PRO HG2  H N N 282 
PRO HG3  H N N 283 
PRO HD2  H N N 284 
PRO HD3  H N N 285 
PRO HXT  H N N 286 
SER N    N N N 287 
SER CA   C N S 288 
SER C    C N N 289 
SER O    O N N 290 
SER CB   C N N 291 
SER OG   O N N 292 
SER OXT  O N N 293 
SER H    H N N 294 
SER H2   H N N 295 
SER HA   H N N 296 
SER HB2  H N N 297 
SER HB3  H N N 298 
SER HG   H N N 299 
SER HXT  H N N 300 
THR N    N N N 301 
THR CA   C N S 302 
THR C    C N N 303 
THR O    O N N 304 
THR CB   C N R 305 
THR OG1  O N N 306 
THR CG2  C N N 307 
THR OXT  O N N 308 
THR H    H N N 309 
THR H2   H N N 310 
THR HA   H N N 311 
THR HB   H N N 312 
THR HG1  H N N 313 
THR HG21 H N N 314 
THR HG22 H N N 315 
THR HG23 H N N 316 
THR HXT  H N N 317 
TYR N    N N N 318 
TYR CA   C N S 319 
TYR C    C N N 320 
TYR O    O N N 321 
TYR CB   C N N 322 
TYR CG   C Y N 323 
TYR CD1  C Y N 324 
TYR CD2  C Y N 325 
TYR CE1  C Y N 326 
TYR CE2  C Y N 327 
TYR CZ   C Y N 328 
TYR OH   O N N 329 
TYR OXT  O N N 330 
TYR H    H N N 331 
TYR H2   H N N 332 
TYR HA   H N N 333 
TYR HB2  H N N 334 
TYR HB3  H N N 335 
TYR HD1  H N N 336 
TYR HD2  H N N 337 
TYR HE1  H N N 338 
TYR HE2  H N N 339 
TYR HH   H N N 340 
TYR HXT  H N N 341 
VAL N    N N N 342 
VAL CA   C N S 343 
VAL C    C N N 344 
VAL O    O N N 345 
VAL CB   C N N 346 
VAL CG1  C N N 347 
VAL CG2  C N N 348 
VAL OXT  O N N 349 
VAL H    H N N 350 
VAL H2   H N N 351 
VAL HA   H N N 352 
VAL HB   H N N 353 
VAL HG11 H N N 354 
VAL HG12 H N N 355 
VAL HG13 H N N 356 
VAL HG21 H N N 357 
VAL HG22 H N N 358 
VAL HG23 H N N 359 
VAL HXT  H N N 360 
# 
loop_
_chem_comp_bond.comp_id 
_chem_comp_bond.atom_id_1 
_chem_comp_bond.atom_id_2 
_chem_comp_bond.value_order 
_chem_comp_bond.pdbx_aromatic_flag 
_chem_comp_bond.pdbx_stereo_config 
_chem_comp_bond.pdbx_ordinal 
ALA N   CA   sing N N 1   
ALA N   H    sing N N 2   
ALA N   H2   sing N N 3   
ALA CA  C    sing N N 4   
ALA CA  CB   sing N N 5   
ALA CA  HA   sing N N 6   
ALA C   O    doub N N 7   
ALA C   OXT  sing N N 8   
ALA CB  HB1  sing N N 9   
ALA CB  HB2  sing N N 10  
ALA CB  HB3  sing N N 11  
ALA OXT HXT  sing N N 12  
ARG N   CA   sing N N 13  
ARG N   H    sing N N 14  
ARG N   H2   sing N N 15  
ARG CA  C    sing N N 16  
ARG CA  CB   sing N N 17  
ARG CA  HA   sing N N 18  
ARG C   O    doub N N 19  
ARG C   OXT  sing N N 20  
ARG CB  CG   sing N N 21  
ARG CB  HB2  sing N N 22  
ARG CB  HB3  sing N N 23  
ARG CG  CD   sing N N 24  
ARG CG  HG2  sing N N 25  
ARG CG  HG3  sing N N 26  
ARG CD  NE   sing N N 27  
ARG CD  HD2  sing N N 28  
ARG CD  HD3  sing N N 29  
ARG NE  CZ   sing N N 30  
ARG NE  HE   sing N N 31  
ARG CZ  NH1  sing N N 32  
ARG CZ  NH2  doub N N 33  
ARG NH1 HH11 sing N N 34  
ARG NH1 HH12 sing N N 35  
ARG NH2 HH21 sing N N 36  
ARG NH2 HH22 sing N N 37  
ARG OXT HXT  sing N N 38  
ASN N   CA   sing N N 39  
ASN N   H    sing N N 40  
ASN N   H2   sing N N 41  
ASN CA  C    sing N N 42  
ASN CA  CB   sing N N 43  
ASN CA  HA   sing N N 44  
ASN C   O    doub N N 45  
ASN C   OXT  sing N N 46  
ASN CB  CG   sing N N 47  
ASN CB  HB2  sing N N 48  
ASN CB  HB3  sing N N 49  
ASN CG  OD1  doub N N 50  
ASN CG  ND2  sing N N 51  
ASN ND2 HD21 sing N N 52  
ASN ND2 HD22 sing N N 53  
ASN OXT HXT  sing N N 54  
ASP N   CA   sing N N 55  
ASP N   H    sing N N 56  
ASP N   H2   sing N N 57  
ASP CA  C    sing N N 58  
ASP CA  CB   sing N N 59  
ASP CA  HA   sing N N 60  
ASP C   O    doub N N 61  
ASP C   OXT  sing N N 62  
ASP CB  CG   sing N N 63  
ASP CB  HB2  sing N N 64  
ASP CB  HB3  sing N N 65  
ASP CG  OD1  doub N N 66  
ASP CG  OD2  sing N N 67  
ASP OD2 HD2  sing N N 68  
ASP OXT HXT  sing N N 69  
CYS N   CA   sing N N 70  
CYS N   H    sing N N 71  
CYS N   H2   sing N N 72  
CYS CA  C    sing N N 73  
CYS CA  CB   sing N N 74  
CYS CA  HA   sing N N 75  
CYS C   O    doub N N 76  
CYS C   OXT  sing N N 77  
CYS CB  SG   sing N N 78  
CYS CB  HB2  sing N N 79  
CYS CB  HB3  sing N N 80  
CYS SG  HG   sing N N 81  
CYS OXT HXT  sing N N 82  
GLN N   CA   sing N N 83  
GLN N   H    sing N N 84  
GLN N   H2   sing N N 85  
GLN CA  C    sing N N 86  
GLN CA  CB   sing N N 87  
GLN CA  HA   sing N N 88  
GLN C   O    doub N N 89  
GLN C   OXT  sing N N 90  
GLN CB  CG   sing N N 91  
GLN CB  HB2  sing N N 92  
GLN CB  HB3  sing N N 93  
GLN CG  CD   sing N N 94  
GLN CG  HG2  sing N N 95  
GLN CG  HG3  sing N N 96  
GLN CD  OE1  doub N N 97  
GLN CD  NE2  sing N N 98  
GLN NE2 HE21 sing N N 99  
GLN NE2 HE22 sing N N 100 
GLN OXT HXT  sing N N 101 
GLU N   CA   sing N N 102 
GLU N   H    sing N N 103 
GLU N   H2   sing N N 104 
GLU CA  C    sing N N 105 
GLU CA  CB   sing N N 106 
GLU CA  HA   sing N N 107 
GLU C   O    doub N N 108 
GLU C   OXT  sing N N 109 
GLU CB  CG   sing N N 110 
GLU CB  HB2  sing N N 111 
GLU CB  HB3  sing N N 112 
GLU CG  CD   sing N N 113 
GLU CG  HG2  sing N N 114 
GLU CG  HG3  sing N N 115 
GLU CD  OE1  doub N N 116 
GLU CD  OE2  sing N N 117 
GLU OE2 HE2  sing N N 118 
GLU OXT HXT  sing N N 119 
GLY N   CA   sing N N 120 
GLY N   H    sing N N 121 
GLY N   H2   sing N N 122 
GLY CA  C    sing N N 123 
GLY CA  HA2  sing N N 124 
GLY CA  HA3  sing N N 125 
GLY C   O    doub N N 126 
GLY C   OXT  sing N N 127 
GLY OXT HXT  sing N N 128 
HIS N   CA   sing N N 129 
HIS N   H    sing N N 130 
HIS N   H2   sing N N 131 
HIS CA  C    sing N N 132 
HIS CA  CB   sing N N 133 
HIS CA  HA   sing N N 134 
HIS C   O    doub N N 135 
HIS C   OXT  sing N N 136 
HIS CB  CG   sing N N 137 
HIS CB  HB2  sing N N 138 
HIS CB  HB3  sing N N 139 
HIS CG  ND1  sing Y N 140 
HIS CG  CD2  doub Y N 141 
HIS ND1 CE1  doub Y N 142 
HIS ND1 HD1  sing N N 143 
HIS CD2 NE2  sing Y N 144 
HIS CD2 HD2  sing N N 145 
HIS CE1 NE2  sing Y N 146 
HIS CE1 HE1  sing N N 147 
HIS NE2 HE2  sing N N 148 
HIS OXT HXT  sing N N 149 
ILE N   CA   sing N N 150 
ILE N   H    sing N N 151 
ILE N   H2   sing N N 152 
ILE CA  C    sing N N 153 
ILE CA  CB   sing N N 154 
ILE CA  HA   sing N N 155 
ILE C   O    doub N N 156 
ILE C   OXT  sing N N 157 
ILE CB  CG1  sing N N 158 
ILE CB  CG2  sing N N 159 
ILE CB  HB   sing N N 160 
ILE CG1 CD1  sing N N 161 
ILE CG1 HG12 sing N N 162 
ILE CG1 HG13 sing N N 163 
ILE CG2 HG21 sing N N 164 
ILE CG2 HG22 sing N N 165 
ILE CG2 HG23 sing N N 166 
ILE CD1 HD11 sing N N 167 
ILE CD1 HD12 sing N N 168 
ILE CD1 HD13 sing N N 169 
ILE OXT HXT  sing N N 170 
LEU N   CA   sing N N 171 
LEU N   H    sing N N 172 
LEU N   H2   sing N N 173 
LEU CA  C    sing N N 174 
LEU CA  CB   sing N N 175 
LEU CA  HA   sing N N 176 
LEU C   O    doub N N 177 
LEU C   OXT  sing N N 178 
LEU CB  CG   sing N N 179 
LEU CB  HB2  sing N N 180 
LEU CB  HB3  sing N N 181 
LEU CG  CD1  sing N N 182 
LEU CG  CD2  sing N N 183 
LEU CG  HG   sing N N 184 
LEU CD1 HD11 sing N N 185 
LEU CD1 HD12 sing N N 186 
LEU CD1 HD13 sing N N 187 
LEU CD2 HD21 sing N N 188 
LEU CD2 HD22 sing N N 189 
LEU CD2 HD23 sing N N 190 
LEU OXT HXT  sing N N 191 
LYS N   CA   sing N N 192 
LYS N   H    sing N N 193 
LYS N   H2   sing N N 194 
LYS CA  C    sing N N 195 
LYS CA  CB   sing N N 196 
LYS CA  HA   sing N N 197 
LYS C   O    doub N N 198 
LYS C   OXT  sing N N 199 
LYS CB  CG   sing N N 200 
LYS CB  HB2  sing N N 201 
LYS CB  HB3  sing N N 202 
LYS CG  CD   sing N N 203 
LYS CG  HG2  sing N N 204 
LYS CG  HG3  sing N N 205 
LYS CD  CE   sing N N 206 
LYS CD  HD2  sing N N 207 
LYS CD  HD3  sing N N 208 
LYS CE  NZ   sing N N 209 
LYS CE  HE2  sing N N 210 
LYS CE  HE3  sing N N 211 
LYS NZ  HZ1  sing N N 212 
LYS NZ  HZ2  sing N N 213 
LYS NZ  HZ3  sing N N 214 
LYS OXT HXT  sing N N 215 
MET N   CA   sing N N 216 
MET N   H    sing N N 217 
MET N   H2   sing N N 218 
MET CA  C    sing N N 219 
MET CA  CB   sing N N 220 
MET CA  HA   sing N N 221 
MET C   O    doub N N 222 
MET C   OXT  sing N N 223 
MET CB  CG   sing N N 224 
MET CB  HB2  sing N N 225 
MET CB  HB3  sing N N 226 
MET CG  SD   sing N N 227 
MET CG  HG2  sing N N 228 
MET CG  HG3  sing N N 229 
MET SD  CE   sing N N 230 
MET CE  HE1  sing N N 231 
MET CE  HE2  sing N N 232 
MET CE  HE3  sing N N 233 
MET OXT HXT  sing N N 234 
PHE N   CA   sing N N 235 
PHE N   H    sing N N 236 
PHE N   H2   sing N N 237 
PHE CA  C    sing N N 238 
PHE CA  CB   sing N N 239 
PHE CA  HA   sing N N 240 
PHE C   O    doub N N 241 
PHE C   OXT  sing N N 242 
PHE CB  CG   sing N N 243 
PHE CB  HB2  sing N N 244 
PHE CB  HB3  sing N N 245 
PHE CG  CD1  doub Y N 246 
PHE CG  CD2  sing Y N 247 
PHE CD1 CE1  sing Y N 248 
PHE CD1 HD1  sing N N 249 
PHE CD2 CE2  doub Y N 250 
PHE CD2 HD2  sing N N 251 
PHE CE1 CZ   doub Y N 252 
PHE CE1 HE1  sing N N 253 
PHE CE2 CZ   sing Y N 254 
PHE CE2 HE2  sing N N 255 
PHE CZ  HZ   sing N N 256 
PHE OXT HXT  sing N N 257 
PRO N   CA   sing N N 258 
PRO N   CD   sing N N 259 
PRO N   H    sing N N 260 
PRO CA  C    sing N N 261 
PRO CA  CB   sing N N 262 
PRO CA  HA   sing N N 263 
PRO C   O    doub N N 264 
PRO C   OXT  sing N N 265 
PRO CB  CG   sing N N 266 
PRO CB  HB2  sing N N 267 
PRO CB  HB3  sing N N 268 
PRO CG  CD   sing N N 269 
PRO CG  HG2  sing N N 270 
PRO CG  HG3  sing N N 271 
PRO CD  HD2  sing N N 272 
PRO CD  HD3  sing N N 273 
PRO OXT HXT  sing N N 274 
SER N   CA   sing N N 275 
SER N   H    sing N N 276 
SER N   H2   sing N N 277 
SER CA  C    sing N N 278 
SER CA  CB   sing N N 279 
SER CA  HA   sing N N 280 
SER C   O    doub N N 281 
SER C   OXT  sing N N 282 
SER CB  OG   sing N N 283 
SER CB  HB2  sing N N 284 
SER CB  HB3  sing N N 285 
SER OG  HG   sing N N 286 
SER OXT HXT  sing N N 287 
THR N   CA   sing N N 288 
THR N   H    sing N N 289 
THR N   H2   sing N N 290 
THR CA  C    sing N N 291 
THR CA  CB   sing N N 292 
THR CA  HA   sing N N 293 
THR C   O    doub N N 294 
THR C   OXT  sing N N 295 
THR CB  OG1  sing N N 296 
THR CB  CG2  sing N N 297 
THR CB  HB   sing N N 298 
THR OG1 HG1  sing N N 299 
THR CG2 HG21 sing N N 300 
THR CG2 HG22 sing N N 301 
THR CG2 HG23 sing N N 302 
THR OXT HXT  sing N N 303 
TYR N   CA   sing N N 304 
TYR N   H    sing N N 305 
TYR N   H2   sing N N 306 
TYR CA  C    sing N N 307 
TYR CA  CB   sing N N 308 
TYR CA  HA   sing N N 309 
TYR C   O    doub N N 310 
TYR C   OXT  sing N N 311 
TYR CB  CG   sing N N 312 
TYR CB  HB2  sing N N 313 
TYR CB  HB3  sing N N 314 
TYR CG  CD1  doub Y N 315 
TYR CG  CD2  sing Y N 316 
TYR CD1 CE1  sing Y N 317 
TYR CD1 HD1  sing N N 318 
TYR CD2 CE2  doub Y N 319 
TYR CD2 HD2  sing N N 320 
TYR CE1 CZ   doub Y N 321 
TYR CE1 HE1  sing N N 322 
TYR CE2 CZ   sing Y N 323 
TYR CE2 HE2  sing N N 324 
TYR CZ  OH   sing N N 325 
TYR OH  HH   sing N N 326 
TYR OXT HXT  sing N N 327 
VAL N   CA   sing N N 328 
VAL N   H    sing N N 329 
VAL N   H2   sing N N 330 
VAL CA  C    sing N N 331 
VAL CA  CB   sing N N 332 
VAL CA  HA   sing N N 333 
VAL C   O    doub N N 334 
VAL C   OXT  sing N N 335 
VAL CB  CG1  sing N N 336 
VAL CB  CG2  sing N N 337 
VAL CB  HB   sing N N 338 
VAL CG1 HG11 sing N N 339 
VAL CG1 HG12 sing N N 340 
VAL CG1 HG13 sing N N 341 
VAL CG2 HG21 sing N N 342 
VAL CG2 HG22 sing N N 343 
VAL CG2 HG23 sing N N 344 
VAL OXT HXT  sing N N 345 
# 
_atom_sites.entry_id                    6E24 
_atom_sites.fract_transf_matrix[1][1]   -0.01264035 
_atom_sites.fract_transf_matrix[1][2]   0.00451052 
_atom_sites.fract_transf_matrix[1][3]   0.00261299 
_atom_sites.fract_transf_matrix[2][1]   -0.00520346 
_atom_sites.fract_transf_matrix[2][2]   -0.01050982 
_atom_sites.fract_transf_matrix[2][3]   -0.00702983 
_atom_sites.fract_transf_matrix[3][1]   -0.00029026 
_atom_sites.fract_transf_matrix[3][2]   -0.00700392 
_atom_sites.fract_transf_matrix[3][3]   0.01068594 
_atom_sites.fract_transf_vector[1]      2.389790 
_atom_sites.fract_transf_vector[2]      -0.059099 
_atom_sites.fract_transf_vector[3]      0.111539 
# 
loop_
_atom_type.symbol 
C 
N 
O 
S 
# 
loop_
_atom_site.group_PDB 
_atom_site.id 
_atom_site.type_symbol 
_atom_site.label_atom_id 
_atom_site.label_alt_id 
_atom_site.label_comp_id 
_atom_site.label_asym_id 
_atom_site.label_entity_id 
_atom_site.label_seq_id 
_atom_site.pdbx_PDB_ins_code 
_atom_site.Cartn_x 
_atom_site.Cartn_y 
_atom_site.Cartn_z 
_atom_site.occupancy 
_atom_site.B_iso_or_equiv 
_atom_site.pdbx_formal_charge 
_atom_site.auth_seq_id 
_atom_site.auth_comp_id 
_atom_site.auth_asym_id 
_atom_site.auth_atom_id 
_atom_site.pdbx_PDB_model_num 
ATOM 1    N N   . LYS A 1 1   ? -2.071  19.851  14.772  1.00 91.33  ? 9   LYS A N   1 
ATOM 2    C CA  . LYS A 1 1   ? -2.160  20.687  13.578  1.00 90.81  ? 9   LYS A CA  1 
ATOM 3    C C   . LYS A 1 1   ? -2.407  19.871  12.292  1.00 99.01  ? 9   LYS A C   1 
ATOM 4    O O   . LYS A 1 1   ? -2.314  20.430  11.195  1.00 102.36 ? 9   LYS A O   1 
ATOM 5    C CB  . LYS A 1 1   ? -0.886  21.534  13.422  1.00 82.67  ? 9   LYS A CB  1 
ATOM 6    N N   . THR A 1 2   ? -2.730  18.571  12.414  1.00 95.96  ? 10  THR A N   1 
ATOM 7    C CA  . THR A 1 2   ? -2.975  17.705  11.253  1.00 94.44  ? 10  THR A CA  1 
ATOM 8    C C   . THR A 1 2   ? -4.441  17.803  10.838  1.00 96.46  ? 10  THR A C   1 
ATOM 9    O O   . THR A 1 2   ? -5.323  17.254  11.508  1.00 98.20  ? 10  THR A O   1 
ATOM 10   C CB  . THR A 1 2   ? -2.611  16.251  11.544  1.00 88.99  ? 10  THR A CB  1 
ATOM 11   O OG1 . THR A 1 2   ? -1.190  16.107  11.546  1.00 93.30  ? 10  THR A OG1 1 
ATOM 12   C CG2 . THR A 1 2   ? -3.192  15.328  10.484  1.00 80.74  ? 10  THR A CG2 1 
ATOM 13   N N   . ASN A 1 3   ? -4.701  18.474  9.720   1.00 91.81  ? 11  ASN A N   1 
ATOM 14   C CA  . ASN A 1 3   ? -6.058  18.626  9.213   1.00 88.41  ? 11  ASN A CA  1 
ATOM 15   C C   . ASN A 1 3   ? -6.222  17.735  7.995   1.00 85.76  ? 11  ASN A C   1 
ATOM 16   O O   . ASN A 1 3   ? -5.492  17.882  7.003   1.00 80.18  ? 11  ASN A O   1 
ATOM 17   C CB  . ASN A 1 3   ? -6.357  20.079  8.855   1.00 91.32  ? 11  ASN A CB  1 
ATOM 18   C CG  . ASN A 1 3   ? -7.849  20.379  8.811   1.00 85.29  ? 11  ASN A CG  1 
ATOM 19   O OD1 . ASN A 1 3   ? -8.653  19.701  9.458   1.00 83.12  ? 11  ASN A OD1 1 
ATOM 20   N ND2 . ASN A 1 3   ? -8.220  21.410  8.054   1.00 87.72  ? 11  ASN A ND2 1 
ATOM 21   N N   . LEU A 1 4   ? -7.166  16.804  8.073   1.00 83.50  ? 12  LEU A N   1 
ATOM 22   C CA  . LEU A 1 4   ? -7.410  15.924  6.947   1.00 78.53  ? 12  LEU A CA  1 
ATOM 23   C C   . LEU A 1 4   ? -8.542  16.402  6.057   1.00 77.64  ? 12  LEU A C   1 
ATOM 24   O O   . LEU A 1 4   ? -8.760  15.809  4.996   1.00 77.13  ? 12  LEU A O   1 
ATOM 25   C CB  . LEU A 1 4   ? -7.688  14.498  7.432   1.00 75.87  ? 12  LEU A CB  1 
ATOM 26   C CG  . LEU A 1 4   ? -6.437  13.791  7.966   1.00 74.90  ? 12  LEU A CG  1 
ATOM 27   C CD1 . LEU A 1 4   ? -6.702  12.294  8.144   1.00 63.43  ? 12  LEU A CD1 1 
ATOM 28   C CD2 . LEU A 1 4   ? -5.179  14.071  7.093   1.00 68.60  ? 12  LEU A CD2 1 
ATOM 29   N N   . ALA A 1 5   ? -9.264  17.450  6.456   1.00 78.50  ? 13  ALA A N   1 
ATOM 30   C CA  . ALA A 1 5   ? -10.179 18.116  5.541   1.00 76.74  ? 13  ALA A CA  1 
ATOM 31   C C   . ALA A 1 5   ? -9.445  19.029  4.564   1.00 77.93  ? 13  ALA A C   1 
ATOM 32   O O   . ALA A 1 5   ? -10.040 19.448  3.564   1.00 77.64  ? 13  ALA A O   1 
ATOM 33   C CB  . ALA A 1 5   ? -11.232 18.897  6.327   1.00 75.58  ? 13  ALA A CB  1 
ATOM 34   N N   . ASN A 1 6   ? -8.174  19.335  4.833   1.00 79.44  ? 14  ASN A N   1 
ATOM 35   C CA  . ASN A 1 6   ? -7.298  19.960  3.848   1.00 79.78  ? 14  ASN A CA  1 
ATOM 36   C C   . ASN A 1 6   ? -6.932  18.966  2.764   1.00 79.21  ? 14  ASN A C   1 
ATOM 37   O O   . ASN A 1 6   ? -6.684  17.794  3.043   1.00 82.81  ? 14  ASN A O   1 
ATOM 38   C CB  . ASN A 1 6   ? -6.002  20.441  4.496   1.00 84.58  ? 14  ASN A CB  1 
ATOM 39   C CG  . ASN A 1 6   ? -5.947  21.923  4.644   1.00 86.34  ? 14  ASN A CG  1 
ATOM 40   O OD1 . ASN A 1 6   ? -6.936  22.551  5.023   1.00 85.26  ? 14  ASN A OD1 1 
ATOM 41   N ND2 . ASN A 1 6   ? -4.796  22.510  4.311   1.00 88.55  ? 14  ASN A ND2 1 
ATOM 42   N N   . GLU A 1 7   ? -6.836  19.447  1.526   1.00 85.34  ? 15  GLU A N   1 
ATOM 43   C CA  . GLU A 1 7   ? -6.448  18.548  0.442   1.00 78.80  ? 15  GLU A CA  1 
ATOM 44   C C   . GLU A 1 7   ? -4.945  18.321  0.413   1.00 80.05  ? 15  GLU A C   1 
ATOM 45   O O   . GLU A 1 7   ? -4.490  17.178  0.295   1.00 74.67  ? 15  GLU A O   1 
ATOM 46   C CB  . GLU A 1 7   ? -6.899  19.085  -0.912  1.00 83.31  ? 15  GLU A CB  1 
ATOM 47   C CG  . GLU A 1 7   ? -6.170  18.386  -2.048  1.00 82.54  ? 15  GLU A CG  1 
ATOM 48   C CD  . GLU A 1 7   ? -6.794  18.616  -3.408  1.00 84.60  ? 15  GLU A CD  1 
ATOM 49   O OE1 . GLU A 1 7   ? -7.956  19.084  -3.467  1.00 85.61  ? 15  GLU A OE1 1 
ATOM 50   O OE2 . GLU A 1 7   ? -6.116  18.288  -4.412  1.00 85.90  ? 15  GLU A OE2 1 
ATOM 51   N N   . ASP A 1 8   ? -4.154  19.397  0.481   1.00 87.51  ? 16  ASP A N   1 
ATOM 52   C CA  . ASP A 1 8   ? -2.707  19.222  0.481   1.00 82.65  ? 16  ASP A CA  1 
ATOM 53   C C   . ASP A 1 8   ? -2.278  18.295  1.622   1.00 83.85  ? 16  ASP A C   1 
ATOM 54   O O   . ASP A 1 8   ? -1.406  17.434  1.441   1.00 82.07  ? 16  ASP A O   1 
ATOM 55   C CB  . ASP A 1 8   ? -2.016  20.585  0.559   1.00 78.92  ? 16  ASP A CB  1 
ATOM 56   N N   . GLU A 1 9   ? -2.933  18.403  2.784   1.00 82.44  ? 17  GLU A N   1 
ATOM 57   C CA  . GLU A 1 9   ? -2.542  17.580  3.927   1.00 82.90  ? 17  GLU A CA  1 
ATOM 58   C C   . GLU A 1 9   ? -3.101  16.154  3.855   1.00 77.43  ? 17  GLU A C   1 
ATOM 59   O O   . GLU A 1 9   ? -2.493  15.233  4.414   1.00 75.88  ? 17  GLU A O   1 
ATOM 60   C CB  . GLU A 1 9   ? -2.960  18.272  5.237   1.00 82.19  ? 17  GLU A CB  1 
ATOM 61   N N   . ALA A 1 10  ? -4.233  15.935  3.176   1.00 77.01  ? 18  ALA A N   1 
ATOM 62   C CA  . ALA A 1 10  ? -4.831  14.601  3.118   1.00 70.16  ? 18  ALA A CA  1 
ATOM 63   C C   . ALA A 1 10  ? -4.122  13.692  2.112   1.00 71.58  ? 18  ALA A C   1 
ATOM 64   O O   . ALA A 1 10  ? -3.915  12.502  2.381   1.00 66.34  ? 18  ALA A O   1 
ATOM 65   C CB  . ALA A 1 10  ? -6.315  14.704  2.779   1.00 64.49  ? 18  ALA A CB  1 
ATOM 66   N N   . TYR A 1 11  ? -3.759  14.223  0.941   1.00 73.06  ? 19  TYR A N   1 
ATOM 67   C CA  . TYR A 1 11  ? -2.968  13.446  -0.011  1.00 66.83  ? 19  TYR A CA  1 
ATOM 68   C C   . TYR A 1 11  ? -1.600  13.121  0.578   1.00 68.76  ? 19  TYR A C   1 
ATOM 69   O O   . TYR A 1 11  ? -1.173  11.958  0.574   1.00 65.76  ? 19  TYR A O   1 
ATOM 70   C CB  . TYR A 1 11  ? -2.840  14.214  -1.339  1.00 65.45  ? 19  TYR A CB  1 
ATOM 71   C CG  . TYR A 1 11  ? -2.144  13.508  -2.516  1.00 60.99  ? 19  TYR A CG  1 
ATOM 72   C CD1 . TYR A 1 11  ? -2.872  12.747  -3.441  1.00 55.81  ? 19  TYR A CD1 1 
ATOM 73   C CD2 . TYR A 1 11  ? -0.776  13.651  -2.730  1.00 62.66  ? 19  TYR A CD2 1 
ATOM 74   C CE1 . TYR A 1 11  ? -2.247  12.121  -4.516  1.00 55.21  ? 19  TYR A CE1 1 
ATOM 75   C CE2 . TYR A 1 11  ? -0.142  13.033  -3.808  1.00 60.59  ? 19  TYR A CE2 1 
ATOM 76   C CZ  . TYR A 1 11  ? -0.881  12.275  -4.694  1.00 59.52  ? 19  TYR A CZ  1 
ATOM 77   O OH  . TYR A 1 11  ? -0.229  11.672  -5.748  1.00 63.06  ? 19  TYR A OH  1 
ATOM 78   N N   . GLU A 1 12  ? -0.916  14.136  1.135   1.00 72.69  ? 20  GLU A N   1 
ATOM 79   C CA  . GLU A 1 12  ? 0.422   13.935  1.698   1.00 68.48  ? 20  GLU A CA  1 
ATOM 80   C C   . GLU A 1 12  ? 0.420   12.884  2.806   1.00 60.84  ? 20  GLU A C   1 
ATOM 81   O O   . GLU A 1 12  ? 1.437   12.220  3.022   1.00 58.47  ? 20  GLU A O   1 
ATOM 82   C CB  . GLU A 1 12  ? 0.981   15.267  2.208   1.00 69.96  ? 20  GLU A CB  1 
ATOM 83   N N   . ALA A 1 13  ? -0.730  12.683  3.463   1.00 63.62  ? 21  ALA A N   1 
ATOM 84   C CA  . ALA A 1 13  ? -0.861  11.740  4.575   1.00 61.19  ? 21  ALA A CA  1 
ATOM 85   C C   . ALA A 1 13  ? -0.776  10.291  4.121   1.00 59.99  ? 21  ALA A C   1 
ATOM 86   O O   . ALA A 1 13  ? -0.268  9.434   4.851   1.00 60.36  ? 21  ALA A O   1 
ATOM 87   C CB  . ALA A 1 13  ? -2.194  11.961  5.293   1.00 64.49  ? 21  ALA A CB  1 
ATOM 88   N N   . ILE A 1 14  ? -1.312  9.990   2.939   1.00 66.59  ? 22  ILE A N   1 
ATOM 89   C CA  . ILE A 1 14  ? -1.338  8.615   2.440   1.00 63.56  ? 22  ILE A CA  1 
ATOM 90   C C   . ILE A 1 14  ? 0.071   8.061   2.243   1.00 58.87  ? 22  ILE A C   1 
ATOM 91   O O   . ILE A 1 14  ? 0.297   6.858   2.399   1.00 57.92  ? 22  ILE A O   1 
ATOM 92   C CB  . ILE A 1 14  ? -2.151  8.559   1.131   1.00 60.76  ? 22  ILE A CB  1 
ATOM 93   C CG1 . ILE A 1 14  ? -3.571  9.063   1.360   1.00 61.27  ? 22  ILE A CG1 1 
ATOM 94   C CG2 . ILE A 1 14  ? -2.156  7.161   0.554   1.00 57.41  ? 22  ILE A CG2 1 
ATOM 95   C CD1 . ILE A 1 14  ? -4.462  8.897   0.138   1.00 61.51  ? 22  ILE A CD1 1 
ATOM 96   N N   . PHE A 1 15  ? 1.034   8.912   1.902   1.00 57.92  ? 23  PHE A N   1 
ATOM 97   C CA  . PHE A 1 15  ? 2.370   8.460   1.553   1.00 59.87  ? 23  PHE A CA  1 
ATOM 98   C C   . PHE A 1 15  ? 3.412   8.829   2.597   1.00 63.57  ? 23  PHE A C   1 
ATOM 99   O O   . PHE A 1 15  ? 4.584   8.451   2.448   1.00 63.95  ? 23  PHE A O   1 
ATOM 100  C CB  . PHE A 1 15  ? 2.770   9.024   0.181   1.00 57.35  ? 23  PHE A CB  1 
ATOM 101  C CG  . PHE A 1 15  ? 1.743   8.785   -0.886  1.00 60.00  ? 23  PHE A CG  1 
ATOM 102  C CD1 . PHE A 1 15  ? 1.810   7.661   -1.688  1.00 62.04  ? 23  PHE A CD1 1 
ATOM 103  C CD2 . PHE A 1 15  ? 0.689   9.670   -1.071  1.00 62.43  ? 23  PHE A CD2 1 
ATOM 104  C CE1 . PHE A 1 15  ? 0.859   7.422   -2.671  1.00 58.13  ? 23  PHE A CE1 1 
ATOM 105  C CE2 . PHE A 1 15  ? -0.267  9.437   -2.049  1.00 59.73  ? 23  PHE A CE2 1 
ATOM 106  C CZ  . PHE A 1 15  ? -0.176  8.309   -2.851  1.00 59.12  ? 23  PHE A CZ  1 
ATOM 107  N N   . GLY A 1 16  ? 3.014   9.538   3.650   1.00 62.42  ? 24  GLY A N   1 
ATOM 108  C CA  . GLY A 1 16  ? 3.920   10.038  4.660   1.00 64.27  ? 24  GLY A CA  1 
ATOM 109  C C   . GLY A 1 16  ? 3.991   9.221   5.930   1.00 69.49  ? 24  GLY A C   1 
ATOM 110  O O   . GLY A 1 16  ? 4.612   9.672   6.901   1.00 73.00  ? 24  GLY A O   1 
ATOM 111  N N   . GLY A 1 17  ? 3.377   8.044   5.971   1.00 67.43  ? 25  GLY A N   1 
ATOM 112  C CA  . GLY A 1 17  ? 3.488   7.209   7.144   1.00 68.91  ? 25  GLY A CA  1 
ATOM 113  C C   . GLY A 1 17  ? 4.899   6.682   7.339   1.00 72.07  ? 25  GLY A C   1 
ATOM 114  O O   . GLY A 1 17  ? 5.815   6.886   6.529   1.00 67.60  ? 25  GLY A O   1 
ATOM 115  N N   . GLU A 1 18  ? 5.077   5.984   8.462   1.00 76.06  ? 26  GLU A N   1 
ATOM 116  C CA  . GLU A 1 18  ? 6.330   5.267   8.677   1.00 75.42  ? 26  GLU A CA  1 
ATOM 117  C C   . GLU A 1 18  ? 6.602   4.310   7.528   1.00 73.83  ? 26  GLU A C   1 
ATOM 118  O O   . GLU A 1 18  ? 7.736   4.206   7.039   1.00 76.51  ? 26  GLU A O   1 
ATOM 119  C CB  . GLU A 1 18  ? 6.282   4.515   10.012  1.00 74.14  ? 26  GLU A CB  1 
ATOM 120  C CG  . GLU A 1 18  ? 7.476   3.593   10.247  1.00 80.15  ? 26  GLU A CG  1 
ATOM 121  C CD  . GLU A 1 18  ? 8.795   4.342   10.479  1.00 87.73  ? 26  GLU A CD  1 
ATOM 122  O OE1 . GLU A 1 18  ? 8.806   5.288   11.306  1.00 88.34  ? 26  GLU A OE1 1 
ATOM 123  O OE2 . GLU A 1 18  ? 9.817   3.975   9.835   1.00 85.62  ? 26  GLU A OE2 1 
ATOM 124  N N   . PHE A 1 19  ? 5.558   3.627   7.066   1.00 70.24  ? 27  PHE A N   1 
ATOM 125  C CA  . PHE A 1 19  ? 5.660   2.670   5.979   1.00 67.68  ? 27  PHE A CA  1 
ATOM 126  C C   . PHE A 1 19  ? 4.999   3.186   4.709   1.00 66.52  ? 27  PHE A C   1 
ATOM 127  O O   . PHE A 1 19  ? 4.595   2.388   3.852   1.00 66.07  ? 27  PHE A O   1 
ATOM 128  C CB  . PHE A 1 19  ? 5.053   1.348   6.427   1.00 61.11  ? 27  PHE A CB  1 
ATOM 129  C CG  . PHE A 1 19  ? 5.714   0.787   7.639   1.00 65.15  ? 27  PHE A CG  1 
ATOM 130  C CD1 . PHE A 1 19  ? 7.098   0.795   7.749   1.00 67.86  ? 27  PHE A CD1 1 
ATOM 131  C CD2 . PHE A 1 19  ? 4.966   0.285   8.694   1.00 69.17  ? 27  PHE A CD2 1 
ATOM 132  C CE1 . PHE A 1 19  ? 7.725   0.266   8.884   1.00 65.70  ? 27  PHE A CE1 1 
ATOM 133  C CE2 . PHE A 1 19  ? 5.586   -0.244  9.825   1.00 63.55  ? 27  PHE A CE2 1 
ATOM 134  C CZ  . PHE A 1 19  ? 6.960   -0.253  9.918   1.00 57.82  ? 27  PHE A CZ  1 
ATOM 135  N N   . GLY A 1 20  ? 4.907   4.506   4.569   1.00 60.73  ? 28  GLY A N   1 
ATOM 136  C CA  . GLY A 1 20  ? 4.272   5.110   3.419   1.00 55.81  ? 28  GLY A CA  1 
ATOM 137  C C   . GLY A 1 20  ? 2.897   4.542   3.194   1.00 57.01  ? 28  GLY A C   1 
ATOM 138  O O   . GLY A 1 20  ? 2.108   4.348   4.128   1.00 58.09  ? 28  GLY A O   1 
ATOM 139  N N   . SER A 1 21  ? 2.622   4.225   1.930   1.00 59.98  ? 29  SER A N   1 
ATOM 140  C CA  . SER A 1 21  ? 1.325   3.754   1.462   1.00 55.47  ? 29  SER A CA  1 
ATOM 141  C C   . SER A 1 21  ? 1.005   2.318   1.879   1.00 56.49  ? 29  SER A C   1 
ATOM 142  O O   . SER A 1 21  ? -0.046  1.793   1.489   1.00 58.16  ? 29  SER A O   1 
ATOM 143  C CB  . SER A 1 21  ? 1.264   3.894   -0.055  1.00 50.91  ? 29  SER A CB  1 
ATOM 144  O OG  . SER A 1 21  ? 1.840   2.759   -0.670  1.00 56.11  ? 29  SER A OG  1 
ATOM 145  N N   . LEU A 1 22  ? 1.870   1.657   2.644   1.00 55.87  ? 30  LEU A N   1 
ATOM 146  C CA  . LEU A 1 22  ? 1.443   0.430   3.303   1.00 57.46  ? 30  LEU A CA  1 
ATOM 147  C C   . LEU A 1 22  ? 0.250   0.698   4.202   1.00 59.68  ? 30  LEU A C   1 
ATOM 148  O O   . LEU A 1 22  ? -0.653  -0.134  4.332   1.00 57.19  ? 30  LEU A O   1 
ATOM 149  C CB  . LEU A 1 22  ? 2.586   -0.142  4.124   1.00 58.60  ? 30  LEU A CB  1 
ATOM 150  C CG  . LEU A 1 22  ? 2.195   -1.395  4.883   1.00 50.12  ? 30  LEU A CG  1 
ATOM 151  C CD1 . LEU A 1 22  ? 2.078   -2.491  3.889   1.00 47.01  ? 30  LEU A CD1 1 
ATOM 152  C CD2 . LEU A 1 22  ? 3.265   -1.678  5.892   1.00 51.89  ? 30  LEU A CD2 1 
ATOM 153  N N   . GLU A 1 23  ? 0.231   1.873   4.822   1.00 63.26  ? 31  GLU A N   1 
ATOM 154  C CA  . GLU A 1 23  ? -0.787  2.261   5.777   1.00 66.33  ? 31  GLU A CA  1 
ATOM 155  C C   . GLU A 1 23  ? -2.051  2.794   5.114   1.00 65.51  ? 31  GLU A C   1 
ATOM 156  O O   . GLU A 1 23  ? -2.878  3.398   5.806   1.00 66.87  ? 31  GLU A O   1 
ATOM 157  C CB  . GLU A 1 23  ? -0.207  3.299   6.744   1.00 68.66  ? 31  GLU A CB  1 
ATOM 158  C CG  . GLU A 1 23  ? 0.926   2.745   7.604   1.00 74.39  ? 31  GLU A CG  1 
ATOM 159  C CD  . GLU A 1 23  ? 1.632   3.805   8.423   1.00 80.58  ? 31  GLU A CD  1 
ATOM 160  O OE1 . GLU A 1 23  ? 2.881   3.724   8.521   1.00 76.01  ? 31  GLU A OE1 1 
ATOM 161  O OE2 . GLU A 1 23  ? 0.942   4.708   8.960   1.00 82.39  ? 31  GLU A OE2 1 
ATOM 162  N N   . ILE A 1 24  ? -2.249  2.575   3.811   1.00 62.13  ? 32  ILE A N   1 
ATOM 163  C CA  . ILE A 1 24  ? -3.314  3.303   3.130   1.00 60.24  ? 32  ILE A CA  1 
ATOM 164  C C   . ILE A 1 24  ? -4.702  2.869   3.577   1.00 60.97  ? 32  ILE A C   1 
ATOM 165  O O   . ILE A 1 24  ? -5.665  3.608   3.371   1.00 61.52  ? 32  ILE A O   1 
ATOM 166  C CB  . ILE A 1 24  ? -3.202  3.181   1.600   1.00 53.53  ? 32  ILE A CB  1 
ATOM 167  C CG1 . ILE A 1 24  ? -4.111  4.235   0.934   1.00 47.62  ? 32  ILE A CG1 1 
ATOM 168  C CG2 . ILE A 1 24  ? -3.498  1.774   1.173   1.00 48.10  ? 32  ILE A CG2 1 
ATOM 169  C CD1 . ILE A 1 24  ? -4.080  4.269   -0.568  1.00 44.51  ? 32  ILE A CD1 1 
ATOM 170  N N   . GLY A 1 25  ? -4.844  1.700   4.194   1.00 62.44  ? 33  GLY A N   1 
ATOM 171  C CA  . GLY A 1 25  ? -6.165  1.299   4.634   1.00 59.42  ? 33  GLY A CA  1 
ATOM 172  C C   . GLY A 1 25  ? -6.730  2.124   5.782   1.00 64.40  ? 33  GLY A C   1 
ATOM 173  O O   . GLY A 1 25  ? -7.944  2.100   6.004   1.00 65.65  ? 33  GLY A O   1 
ATOM 174  N N   . SER A 1 26  ? -5.887  2.840   6.533   1.00 65.59  ? 34  SER A N   1 
ATOM 175  C CA  . SER A 1 26  ? -6.429  3.624   7.637   1.00 64.00  ? 34  SER A CA  1 
ATOM 176  C C   . SER A 1 26  ? -7.142  4.888   7.164   1.00 72.67  ? 34  SER A C   1 
ATOM 177  O O   . SER A 1 26  ? -7.826  5.545   7.964   1.00 78.52  ? 34  SER A O   1 
ATOM 178  C CB  . SER A 1 26  ? -5.331  3.979   8.647   1.00 68.22  ? 34  SER A CB  1 
ATOM 179  O OG  . SER A 1 26  ? -4.166  4.462   8.016   1.00 71.17  ? 34  SER A OG  1 
ATOM 180  N N   . TYR A 1 27  ? -7.031  5.228   5.881   1.00 71.85  ? 35  TYR A N   1 
ATOM 181  C CA  . TYR A 1 27  ? -7.755  6.354   5.313   1.00 65.09  ? 35  TYR A CA  1 
ATOM 182  C C   . TYR A 1 27  ? -8.916  5.918   4.428   1.00 64.73  ? 35  TYR A C   1 
ATOM 183  O O   . TYR A 1 27  ? -9.331  6.690   3.570   1.00 69.83  ? 35  TYR A O   1 
ATOM 184  C CB  . TYR A 1 27  ? -6.811  7.249   4.519   1.00 59.29  ? 35  TYR A CB  1 
ATOM 185  C CG  . TYR A 1 27  ? -5.558  7.646   5.266   1.00 67.69  ? 35  TYR A CG  1 
ATOM 186  C CD1 . TYR A 1 27  ? -5.604  8.501   6.357   1.00 67.27  ? 35  TYR A CD1 1 
ATOM 187  C CD2 . TYR A 1 27  ? -4.319  7.173   4.868   1.00 69.66  ? 35  TYR A CD2 1 
ATOM 188  C CE1 . TYR A 1 27  ? -4.449  8.868   7.022   1.00 65.51  ? 35  TYR A CE1 1 
ATOM 189  C CE2 . TYR A 1 27  ? -3.160  7.534   5.533   1.00 66.80  ? 35  TYR A CE2 1 
ATOM 190  C CZ  . TYR A 1 27  ? -3.232  8.377   6.605   1.00 65.41  ? 35  TYR A CZ  1 
ATOM 191  O OH  . TYR A 1 27  ? -2.072  8.718   7.255   1.00 73.08  ? 35  TYR A OH  1 
ATOM 192  N N   . ILE A 1 28  ? -9.449  4.702   4.604   1.00 68.19  ? 36  ILE A N   1 
ATOM 193  C CA  . ILE A 1 28  ? -10.597 4.237   3.817   1.00 70.61  ? 36  ILE A CA  1 
ATOM 194  C C   . ILE A 1 28  ? -11.480 3.309   4.655   1.00 82.10  ? 36  ILE A C   1 
ATOM 195  O O   . ILE A 1 28  ? -12.192 2.460   4.101   1.00 82.74  ? 36  ILE A O   1 
ATOM 196  C CB  . ILE A 1 28  ? -10.171 3.509   2.518   1.00 63.13  ? 36  ILE A CB  1 
ATOM 197  C CG1 . ILE A 1 28  ? -9.315  2.280   2.822   1.00 59.22  ? 36  ILE A CG1 1 
ATOM 198  C CG2 . ILE A 1 28  ? -9.439  4.441   1.516   1.00 57.92  ? 36  ILE A CG2 1 
ATOM 199  C CD1 . ILE A 1 28  ? -8.732  1.632   1.605   1.00 51.12  ? 36  ILE A CD1 1 
ATOM 200  N N   . GLY A 1 29  ? -11.448 3.455   5.984   1.00 83.24  ? 37  GLY A N   1 
ATOM 201  C CA  . GLY A 1 29  ? -12.079 2.487   6.881   1.00 78.32  ? 37  GLY A CA  1 
ATOM 202  C C   . GLY A 1 29  ? -13.569 2.664   7.124   1.00 84.95  ? 37  GLY A C   1 
ATOM 203  O O   . GLY A 1 29  ? -14.050 2.494   8.249   1.00 84.13  ? 37  GLY A O   1 
ATOM 204  C C   . ALA A 1 37  ? -4.198  -2.883  15.587  1.00 87.74  ? 196 ALA A C   1 
ATOM 205  O O   . ALA A 1 37  ? -4.701  -4.010  15.448  1.00 85.86  ? 196 ALA A O   1 
ATOM 206  N N   . ASP A 1 38  ? -4.850  -1.753  15.307  1.00 90.18  ? 197 ASP A N   1 
ATOM 207  C CA  . ASP A 1 38  ? -5.217  -1.393  13.935  1.00 87.83  ? 197 ASP A CA  1 
ATOM 208  C C   . ASP A 1 38  ? -3.943  -1.239  13.121  1.00 87.11  ? 197 ASP A C   1 
ATOM 209  O O   . ASP A 1 38  ? -3.879  -1.643  11.958  1.00 82.50  ? 197 ASP A O   1 
ATOM 210  C CB  . ASP A 1 38  ? -6.046  -0.100  13.891  1.00 91.38  ? 197 ASP A CB  1 
ATOM 211  C CG  . ASP A 1 38  ? -7.091  -0.115  12.780  1.00 95.29  ? 197 ASP A CG  1 
ATOM 212  O OD1 . ASP A 1 38  ? -7.007  -1.013  11.912  1.00 92.55  ? 197 ASP A OD1 1 
ATOM 213  O OD2 . ASP A 1 38  ? -8.001  0.751   12.783  1.00 94.41  ? 197 ASP A OD2 1 
ATOM 214  N N   . GLN A 1 39  ? -2.928  -0.645  13.748  1.00 86.50  ? 198 GLN A N   1 
ATOM 215  C CA  . GLN A 1 39  ? -1.590  -0.687  13.176  1.00 81.76  ? 198 GLN A CA  1 
ATOM 216  C C   . GLN A 1 39  ? -1.196  -2.130  12.874  1.00 81.77  ? 198 GLN A C   1 
ATOM 217  O O   . GLN A 1 39  ? -0.836  -2.466  11.741  1.00 77.47  ? 198 GLN A O   1 
ATOM 218  C CB  . GLN A 1 39  ? -0.606  -0.025  14.142  1.00 85.30  ? 198 GLN A CB  1 
ATOM 219  C CG  . GLN A 1 39  ? 0.849   -0.302  13.866  1.00 86.57  ? 198 GLN A CG  1 
ATOM 220  C CD  . GLN A 1 39  ? 1.411   0.589   12.760  1.00 92.97  ? 198 GLN A CD  1 
ATOM 221  O OE1 . GLN A 1 39  ? 0.709   1.454   12.216  1.00 96.43  ? 198 GLN A OE1 1 
ATOM 222  N NE2 . GLN A 1 39  ? 2.689   0.394   12.435  1.00 87.53  ? 198 GLN A NE2 1 
ATOM 223  N N   . LEU A 1 40  ? -1.313  -3.012  13.877  1.00 85.56  ? 199 LEU A N   1 
ATOM 224  C CA  . LEU A 1 40  ? -0.982  -4.424  13.684  1.00 76.77  ? 199 LEU A CA  1 
ATOM 225  C C   . LEU A 1 40  ? -1.945  -5.103  12.719  1.00 69.61  ? 199 LEU A C   1 
ATOM 226  O O   . LEU A 1 40  ? -1.543  -5.961  11.927  1.00 67.68  ? 199 LEU A O   1 
ATOM 227  C CB  . LEU A 1 40  ? -0.983  -5.147  15.029  1.00 70.84  ? 199 LEU A CB  1 
ATOM 228  C CG  . LEU A 1 40  ? -0.872  -6.659  14.902  1.00 63.93  ? 199 LEU A CG  1 
ATOM 229  C CD1 . LEU A 1 40  ? 0.383   -6.994  14.151  1.00 65.35  ? 199 LEU A CD1 1 
ATOM 230  C CD2 . LEU A 1 40  ? -0.871  -7.351  16.249  1.00 64.18  ? 199 LEU A CD2 1 
ATOM 231  N N   . GLU A 1 41  ? -3.223  -4.748  12.779  1.00 75.60  ? 200 GLU A N   1 
ATOM 232  C CA  . GLU A 1 41  ? -4.203  -5.363  11.891  1.00 75.13  ? 200 GLU A CA  1 
ATOM 233  C C   . GLU A 1 41  ? -3.924  -5.030  10.433  1.00 72.26  ? 200 GLU A C   1 
ATOM 234  O O   . GLU A 1 41  ? -4.152  -5.860  9.546   1.00 68.01  ? 200 GLU A O   1 
ATOM 235  C CB  . GLU A 1 41  ? -5.611  -4.916  12.281  1.00 83.60  ? 200 GLU A CB  1 
ATOM 236  C CG  . GLU A 1 41  ? -6.657  -5.115  11.191  1.00 82.92  ? 200 GLU A CG  1 
ATOM 237  C CD  . GLU A 1 41  ? -7.974  -5.666  11.722  1.00 91.29  ? 200 GLU A CD  1 
ATOM 238  O OE1 . GLU A 1 41  ? -8.110  -5.808  12.959  1.00 95.40  ? 200 GLU A OE1 1 
ATOM 239  O OE2 . GLU A 1 41  ? -8.878  -5.953  10.902  1.00 91.76  ? 200 GLU A OE2 1 
ATOM 240  N N   . MET A 1 42  ? -3.437  -3.816  10.157  1.00 73.19  ? 201 MET A N   1 
ATOM 241  C CA  . MET A 1 42  ? -3.182  -3.448  8.767   1.00 69.63  ? 201 MET A CA  1 
ATOM 242  C C   . MET A 1 42  ? -2.155  -4.373  8.134   1.00 63.40  ? 201 MET A C   1 
ATOM 243  O O   . MET A 1 42  ? -2.328  -4.814  6.993   1.00 60.75  ? 201 MET A O   1 
ATOM 244  C CB  . MET A 1 42  ? -2.720  -1.995  8.661   1.00 75.20  ? 201 MET A CB  1 
ATOM 245  C CG  . MET A 1 42  ? -3.853  -0.960  8.457   1.00 86.04  ? 201 MET A CG  1 
ATOM 246  S SD  . MET A 1 42  ? -3.276  0.752   8.647   1.00 100.06 ? 201 MET A SD  1 
ATOM 247  C CE  . MET A 1 42  ? -1.483  0.507   8.776   1.00 79.30  ? 201 MET A CE  1 
ATOM 248  N N   . VAL A 1 43  ? -1.086  -4.685  8.871   1.00 64.66  ? 202 VAL A N   1 
ATOM 249  C CA  . VAL A 1 43  ? -0.032  -5.547  8.350   1.00 57.02  ? 202 VAL A CA  1 
ATOM 250  C C   . VAL A 1 43  ? -0.541  -6.969  8.162   1.00 55.13  ? 202 VAL A C   1 
ATOM 251  O O   . VAL A 1 43  ? -0.429  -7.546  7.076   1.00 54.11  ? 202 VAL A O   1 
ATOM 252  C CB  . VAL A 1 43  ? 1.189   -5.510  9.279   1.00 49.88  ? 202 VAL A CB  1 
ATOM 253  C CG1 . VAL A 1 43  ? 2.308   -6.333  8.670   1.00 50.03  ? 202 VAL A CG1 1 
ATOM 254  C CG2 . VAL A 1 43  ? 1.614   -4.089  9.495   1.00 49.58  ? 202 VAL A CG2 1 
ATOM 255  N N   . THR A 1 44  ? -1.110  -7.556  9.215   1.00 55.72  ? 203 THR A N   1 
ATOM 256  C CA  . THR A 1 44  ? -1.453  -8.970  9.174   1.00 54.25  ? 203 THR A CA  1 
ATOM 257  C C   . THR A 1 44  ? -2.484  -9.290  8.097   1.00 59.03  ? 203 THR A C   1 
ATOM 258  O O   . THR A 1 44  ? -2.543  -10.443 7.650   1.00 57.37  ? 203 THR A O   1 
ATOM 259  C CB  . THR A 1 44  ? -1.939  -9.438  10.553  1.00 57.61  ? 203 THR A CB  1 
ATOM 260  O OG1 . THR A 1 44  ? -3.061  -8.656  10.987  1.00 63.04  ? 203 THR A OG1 1 
ATOM 261  C CG2 . THR A 1 44  ? -0.834  -9.283  11.573  1.00 57.36  ? 203 THR A CG2 1 
ATOM 262  N N   . GLU A 1 45  ? -3.294  -8.307  7.660   1.00 63.52  ? 204 GLU A N   1 
ATOM 263  C CA  . GLU A 1 45  ? -4.234  -8.560  6.563   1.00 59.20  ? 204 GLU A CA  1 
ATOM 264  C C   . GLU A 1 45  ? -3.494  -8.937  5.303   1.00 59.78  ? 204 GLU A C   1 
ATOM 265  O O   . GLU A 1 45  ? -4.017  -9.691  4.473   1.00 63.69  ? 204 GLU A O   1 
ATOM 266  C CB  . GLU A 1 45  ? -5.091  -7.340  6.243   1.00 59.89  ? 204 GLU A CB  1 
ATOM 267  C CG  . GLU A 1 45  ? -6.032  -6.857  7.310   1.00 72.62  ? 204 GLU A CG  1 
ATOM 268  C CD  . GLU A 1 45  ? -6.728  -5.553  6.896   1.00 85.43  ? 204 GLU A CD  1 
ATOM 269  O OE1 . GLU A 1 45  ? -7.809  -5.250  7.461   1.00 87.60  ? 204 GLU A OE1 1 
ATOM 270  O OE2 . GLU A 1 45  ? -6.201  -4.840  5.998   1.00 79.11  ? 204 GLU A OE2 1 
ATOM 271  N N   . LEU A 1 46  ? -2.276  -8.415  5.150   1.00 59.96  ? 205 LEU A N   1 
ATOM 272  C CA  . LEU A 1 46  ? -1.454  -8.600  3.965   1.00 57.48  ? 205 LEU A CA  1 
ATOM 273  C C   . LEU A 1 46  ? -0.776  -9.957  3.952   1.00 59.51  ? 205 LEU A C   1 
ATOM 274  O O   . LEU A 1 46  ? 0.279   -10.108 3.337   1.00 64.03  ? 205 LEU A O   1 
ATOM 275  C CB  . LEU A 1 46  ? -0.419  -7.489  3.883   1.00 53.48  ? 205 LEU A CB  1 
ATOM 276  C CG  . LEU A 1 46  ? -1.077  -6.131  3.661   1.00 47.77  ? 205 LEU A CG  1 
ATOM 277  C CD1 . LEU A 1 46  ? -0.145  -5.045  4.089   1.00 45.53  ? 205 LEU A CD1 1 
ATOM 278  C CD2 . LEU A 1 46  ? -1.430  -5.993  2.194   1.00 40.90  ? 205 LEU A CD2 1 
ATOM 279  N N   . LEU A 1 47  ? -1.379  -10.947 4.618   1.00 64.34  ? 206 LEU A N   1 
ATOM 280  C CA  . LEU A 1 47  ? -0.887  -12.323 4.597   1.00 64.68  ? 206 LEU A CA  1 
ATOM 281  C C   . LEU A 1 47  ? -1.941  -13.247 3.994   1.00 76.74  ? 206 LEU A C   1 
ATOM 282  O O   . LEU A 1 47  ? -1.811  -13.625 2.822   1.00 79.70  ? 206 LEU A O   1 
ATOM 283  C CB  . LEU A 1 47  ? -0.475  -12.734 6.015   1.00 60.89  ? 206 LEU A CB  1 
ATOM 284  C CG  . LEU A 1 47  ? 0.619   -11.914 6.730   1.00 53.56  ? 206 LEU A CG  1 
ATOM 285  C CD1 . LEU A 1 47  ? 0.739   -12.301 8.207   1.00 52.78  ? 206 LEU A CD1 1 
ATOM 286  C CD2 . LEU A 1 47  ? 1.966   -12.049 6.068   1.00 50.89  ? 206 LEU A CD2 1 
ATOM 287  N N   . GLY A 1 48  ? -2.994  -13.613 4.744   1.00 71.88  ? 207 GLY A N   1 
ATOM 288  C CA  . GLY A 1 48  ? -4.156  -14.361 4.256   1.00 71.58  ? 207 GLY A CA  1 
ATOM 289  C C   . GLY A 1 48  ? -4.036  -15.278 3.045   1.00 84.14  ? 207 GLY A C   1 
ATOM 290  O O   . GLY A 1 48  ? -4.184  -14.835 1.897   1.00 82.10  ? 207 GLY A O   1 
ATOM 291  N N   . GLY A 1 81  ? 11.457  -24.265 -2.721  1.00 73.32  ? 262 GLY A N   1 
ATOM 292  C CA  . GLY A 1 81  ? 10.595  -23.809 -3.800  1.00 65.59  ? 262 GLY A CA  1 
ATOM 293  C C   . GLY A 1 81  ? 9.690   -22.659 -3.385  1.00 73.80  ? 262 GLY A C   1 
ATOM 294  O O   . GLY A 1 81  ? 8.528   -22.629 -3.791  1.00 78.12  ? 262 GLY A O   1 
ATOM 295  N N   . ILE A 1 82  ? 10.226  -21.710 -2.591  1.00 68.66  ? 263 ILE A N   1 
ATOM 296  C CA  . ILE A 1 82  ? 9.447   -20.624 -1.987  1.00 58.77  ? 263 ILE A CA  1 
ATOM 297  C C   . ILE A 1 82  ? 9.434   -19.408 -2.911  1.00 56.94  ? 263 ILE A C   1 
ATOM 298  O O   . ILE A 1 82  ? 10.474  -18.987 -3.437  1.00 56.73  ? 263 ILE A O   1 
ATOM 299  C CB  . ILE A 1 82  ? 10.005  -20.255 -0.598  1.00 60.21  ? 263 ILE A CB  1 
ATOM 300  C CG1 . ILE A 1 82  ? 10.117  -21.493 0.284   1.00 56.03  ? 263 ILE A CG1 1 
ATOM 301  C CG2 . ILE A 1 82  ? 9.129   -19.215 0.109   1.00 58.63  ? 263 ILE A CG2 1 
ATOM 302  C CD1 . ILE A 1 82  ? 8.796   -21.969 0.797   1.00 54.52  ? 263 ILE A CD1 1 
ATOM 303  N N   . VAL A 1 83  ? 8.256   -18.820 -3.082  1.00 54.97  ? 264 VAL A N   1 
ATOM 304  C CA  . VAL A 1 83  ? 8.061   -17.737 -4.045  1.00 53.85  ? 264 VAL A CA  1 
ATOM 305  C C   . VAL A 1 83  ? 7.127   -16.672 -3.479  1.00 51.61  ? 264 VAL A C   1 
ATOM 306  O O   . VAL A 1 83  ? 6.008   -16.981 -3.048  1.00 50.94  ? 264 VAL A O   1 
ATOM 307  C CB  . VAL A 1 83  ? 7.521   -18.295 -5.369  1.00 53.74  ? 264 VAL A CB  1 
ATOM 308  C CG1 . VAL A 1 83  ? 6.782   -17.230 -6.125  1.00 50.65  ? 264 VAL A CG1 1 
ATOM 309  C CG2 . VAL A 1 83  ? 8.654   -18.864 -6.194  1.00 56.48  ? 264 VAL A CG2 1 
ATOM 310  N N   . PRO A 1 84  ? 7.523   -15.407 -3.476  1.00 53.67  ? 265 PRO A N   1 
ATOM 311  C CA  . PRO A 1 84  ? 6.663   -14.369 -2.898  1.00 50.53  ? 265 PRO A CA  1 
ATOM 312  C C   . PRO A 1 84  ? 5.384   -14.223 -3.704  1.00 49.05  ? 265 PRO A C   1 
ATOM 313  O O   . PRO A 1 84  ? 5.237   -14.757 -4.801  1.00 54.44  ? 265 PRO A O   1 
ATOM 314  C CB  . PRO A 1 84  ? 7.519   -13.096 -2.977  1.00 54.31  ? 265 PRO A CB  1 
ATOM 315  C CG  . PRO A 1 84  ? 8.940   -13.586 -3.195  1.00 56.99  ? 265 PRO A CG  1 
ATOM 316  C CD  . PRO A 1 84  ? 8.783   -14.856 -3.997  1.00 55.62  ? 265 PRO A CD  1 
ATOM 317  N N   . THR A 1 85  ? 4.458   -13.452 -3.149  1.00 49.11  ? 266 THR A N   1 
ATOM 318  C CA  . THR A 1 85  ? 3.155   -13.206 -3.754  1.00 49.09  ? 266 THR A CA  1 
ATOM 319  C C   . THR A 1 85  ? 2.746   -11.739 -3.562  1.00 50.00  ? 266 THR A C   1 
ATOM 320  O O   . THR A 1 85  ? 2.902   -11.198 -2.462  1.00 52.98  ? 266 THR A O   1 
ATOM 321  C CB  . THR A 1 85  ? 2.126   -14.184 -3.158  1.00 48.05  ? 266 THR A CB  1 
ATOM 322  O OG1 . THR A 1 85  ? 0.814   -13.775 -3.540  1.00 58.29  ? 266 THR A OG1 1 
ATOM 323  C CG2 . THR A 1 85  ? 2.218   -14.281 -1.623  1.00 53.92  ? 266 THR A CG2 1 
ATOM 324  N N   . LEU A 1 86  ? 2.259   -11.083 -4.632  1.00 46.03  ? 267 LEU A N   1 
ATOM 325  C CA  . LEU A 1 86  ? 1.806   -9.692  -4.539  1.00 43.04  ? 267 LEU A CA  1 
ATOM 326  C C   . LEU A 1 86  ? 0.514   -9.591  -3.741  1.00 42.81  ? 267 LEU A C   1 
ATOM 327  O O   . LEU A 1 86  ? -0.478  -10.219 -4.101  1.00 45.83  ? 267 LEU A O   1 
ATOM 328  C CB  . LEU A 1 86  ? 1.553   -9.109  -5.925  1.00 40.04  ? 267 LEU A CB  1 
ATOM 329  C CG  . LEU A 1 86  ? 2.734   -9.041  -6.878  1.00 42.47  ? 267 LEU A CG  1 
ATOM 330  C CD1 . LEU A 1 86  ? 2.385   -8.237  -8.122  1.00 41.53  ? 267 LEU A CD1 1 
ATOM 331  C CD2 . LEU A 1 86  ? 3.929   -8.453  -6.169  1.00 44.32  ? 267 LEU A CD2 1 
ATOM 332  N N   . GLN A 1 87  ? 0.496   -8.756  -2.697  1.00 45.41  ? 268 GLN A N   1 
ATOM 333  C CA  . GLN A 1 87  ? -0.699  -8.583  -1.872  1.00 43.73  ? 268 GLN A CA  1 
ATOM 334  C C   . GLN A 1 87  ? -1.431  -7.263  -2.077  1.00 48.16  ? 268 GLN A C   1 
ATOM 335  O O   . GLN A 1 87  ? -2.648  -7.223  -1.870  1.00 53.78  ? 268 GLN A O   1 
ATOM 336  C CB  . GLN A 1 87  ? -0.359  -8.712  -0.387  1.00 44.61  ? 268 GLN A CB  1 
ATOM 337  C CG  . GLN A 1 87  ? 0.161   -10.066 -0.018  1.00 53.15  ? 268 GLN A CG  1 
ATOM 338  C CD  . GLN A 1 87  ? -0.902  -11.158 0.003   1.00 62.14  ? 268 GLN A CD  1 
ATOM 339  O OE1 . GLN A 1 87  ? -1.627  -11.366 -0.978  1.00 59.82  ? 268 GLN A OE1 1 
ATOM 340  N NE2 . GLN A 1 87  ? -0.981  -11.884 1.127   1.00 66.23  ? 268 GLN A NE2 1 
ATOM 341  N N   . ASN A 1 88  ? -0.743  -6.182  -2.461  1.00 46.72  ? 269 ASN A N   1 
ATOM 342  C CA  . ASN A 1 88  ? -1.423  -4.931  -2.787  1.00 47.34  ? 269 ASN A CA  1 
ATOM 343  C C   . ASN A 1 88  ? -0.565  -4.101  -3.732  1.00 48.20  ? 269 ASN A C   1 
ATOM 344  O O   . ASN A 1 88  ? 0.659   -4.247  -3.777  1.00 52.01  ? 269 ASN A O   1 
ATOM 345  C CB  . ASN A 1 88  ? -1.750  -4.111  -1.539  1.00 42.91  ? 269 ASN A CB  1 
ATOM 346  C CG  . ASN A 1 88  ? -2.548  -2.868  -1.871  1.00 45.96  ? 269 ASN A CG  1 
ATOM 347  O OD1 . ASN A 1 88  ? -3.199  -2.801  -2.923  1.00 46.65  ? 269 ASN A OD1 1 
ATOM 348  N ND2 . ASN A 1 88  ? -2.494  -1.871  -0.995  1.00 44.02  ? 269 ASN A ND2 1 
ATOM 349  N N   . ILE A 1 89  ? -1.217  -3.213  -4.480  1.00 41.73  ? 270 ILE A N   1 
ATOM 350  C CA  . ILE A 1 89  ? -0.508  -2.305  -5.368  1.00 40.92  ? 270 ILE A CA  1 
ATOM 351  C C   . ILE A 1 89  ? -1.199  -0.953  -5.313  1.00 44.34  ? 270 ILE A C   1 
ATOM 352  O O   . ILE A 1 89  ? -2.387  -0.846  -5.649  1.00 46.38  ? 270 ILE A O   1 
ATOM 353  C CB  . ILE A 1 89  ? -0.475  -2.818  -6.819  1.00 47.50  ? 270 ILE A CB  1 
ATOM 354  C CG1 . ILE A 1 89  ? 0.203   -4.183  -6.887  1.00 42.90  ? 270 ILE A CG1 1 
ATOM 355  C CG2 . ILE A 1 89  ? 0.244   -1.808  -7.734  1.00 44.17  ? 270 ILE A CG2 1 
ATOM 356  C CD1 . ILE A 1 89  ? 0.171   -4.770  -8.226  1.00 43.38  ? 270 ILE A CD1 1 
ATOM 357  N N   . VAL A 1 90  ? -0.443  0.081   -4.930  1.00 44.18  ? 271 VAL A N   1 
ATOM 358  C CA  . VAL A 1 90  ? -0.910  1.467   -4.911  1.00 45.64  ? 271 VAL A CA  1 
ATOM 359  C C   . VAL A 1 90  ? -0.416  2.182   -6.161  1.00 50.09  ? 271 VAL A C   1 
ATOM 360  O O   . VAL A 1 90  ? 0.795   2.207   -6.436  1.00 49.79  ? 271 VAL A O   1 
ATOM 361  C CB  . VAL A 1 90  ? -0.422  2.211   -3.659  1.00 44.48  ? 271 VAL A CB  1 
ATOM 362  C CG1 . VAL A 1 90  ? -0.811  3.655   -3.770  1.00 43.27  ? 271 VAL A CG1 1 
ATOM 363  C CG2 . VAL A 1 90  ? -0.980  1.568   -2.388  1.00 42.59  ? 271 VAL A CG2 1 
ATOM 364  N N   . ALA A 1 91  ? -1.351  2.785   -6.904  1.00 49.15  ? 272 ALA A N   1 
ATOM 365  C CA  . ALA A 1 91  ? -1.055  3.559   -8.102  1.00 45.70  ? 272 ALA A CA  1 
ATOM 366  C C   . ALA A 1 91  ? -1.654  4.951   -7.973  1.00 49.97  ? 272 ALA A C   1 
ATOM 367  O O   . ALA A 1 91  ? -2.666  5.148   -7.281  1.00 47.99  ? 272 ALA A O   1 
ATOM 368  C CB  . ALA A 1 91  ? -1.608  2.896   -9.355  1.00 42.15  ? 272 ALA A CB  1 
ATOM 369  N N   . THR A 1 92  ? -1.020  5.915   -8.646  1.00 50.35  ? 273 THR A N   1 
ATOM 370  C CA  . THR A 1 92  ? -1.532  7.279   -8.747  1.00 49.89  ? 273 THR A CA  1 
ATOM 371  C C   . THR A 1 92  ? -1.924  7.591   -10.187 1.00 50.04  ? 273 THR A C   1 
ATOM 372  O O   . THR A 1 92  ? -1.219  7.218   -11.135 1.00 50.60  ? 273 THR A O   1 
ATOM 373  C CB  . THR A 1 92  ? -0.510  8.312   -8.258  1.00 48.21  ? 273 THR A CB  1 
ATOM 374  O OG1 . THR A 1 92  ? 0.737   8.123   -8.944  1.00 51.47  ? 273 THR A OG1 1 
ATOM 375  C CG2 . THR A 1 92  ? -0.310  8.188   -6.757  1.00 45.03  ? 273 THR A CG2 1 
ATOM 376  N N   . VAL A 1 93  ? -3.061  8.273   -10.341 1.00 47.63  ? 274 VAL A N   1 
ATOM 377  C CA  . VAL A 1 93  ? -3.527  8.773   -11.624 1.00 48.36  ? 274 VAL A CA  1 
ATOM 378  C C   . VAL A 1 93  ? -3.812  10.265  -11.495 1.00 52.08  ? 274 VAL A C   1 
ATOM 379  O O   . VAL A 1 93  ? -4.318  10.725  -10.465 1.00 53.61  ? 274 VAL A O   1 
ATOM 380  C CB  . VAL A 1 93  ? -4.779  8.010   -12.088 1.00 49.50  ? 274 VAL A CB  1 
ATOM 381  C CG1 . VAL A 1 93  ? -5.377  8.651   -13.320 1.00 54.37  ? 274 VAL A CG1 1 
ATOM 382  C CG2 . VAL A 1 93  ? -4.413  6.587   -12.364 1.00 53.76  ? 274 VAL A CG2 1 
ATOM 383  N N   . THR A 1 94  ? -3.442  11.024  -12.524 1.00 50.97  ? 275 THR A N   1 
ATOM 384  C CA  . THR A 1 94  ? -3.830  12.423  -12.661 1.00 55.25  ? 275 THR A CA  1 
ATOM 385  C C   . THR A 1 94  ? -5.021  12.506  -13.623 1.00 59.66  ? 275 THR A C   1 
ATOM 386  O O   . THR A 1 94  ? -4.893  12.170  -14.805 1.00 60.99  ? 275 THR A O   1 
ATOM 387  C CB  . THR A 1 94  ? -2.640  13.241  -13.153 1.00 52.68  ? 275 THR A CB  1 
ATOM 388  O OG1 . THR A 1 94  ? -1.732  13.436  -12.063 1.00 54.09  ? 275 THR A OG1 1 
ATOM 389  C CG2 . THR A 1 94  ? -3.082  14.582  -13.708 1.00 49.48  ? 275 THR A CG2 1 
ATOM 390  N N   . LEU A 1 95  ? -6.192  12.930  -13.122 1.00 55.58  ? 276 LEU A N   1 
ATOM 391  C CA  . LEU A 1 95  ? -7.367  12.958  -13.996 1.00 58.02  ? 276 LEU A CA  1 
ATOM 392  C C   . LEU A 1 95  ? -7.417  14.195  -14.890 1.00 58.14  ? 276 LEU A C   1 
ATOM 393  O O   . LEU A 1 95  ? -8.056  14.159  -15.945 1.00 59.51  ? 276 LEU A O   1 
ATOM 394  C CB  . LEU A 1 95  ? -8.664  12.842  -13.186 1.00 52.91  ? 276 LEU A CB  1 
ATOM 395  C CG  . LEU A 1 95  ? -8.984  11.414  -12.734 1.00 52.57  ? 276 LEU A CG  1 
ATOM 396  C CD1 . LEU A 1 95  ? -9.954  11.390  -11.570 1.00 49.63  ? 276 LEU A CD1 1 
ATOM 397  C CD2 . LEU A 1 95  ? -9.495  10.584  -13.886 1.00 47.89  ? 276 LEU A CD2 1 
ATOM 398  N N   . GLY A 1 96  ? -6.754  15.279  -14.518 1.00 60.55  ? 277 GLY A N   1 
ATOM 399  C CA  . GLY A 1 96  ? -6.522  16.364  -15.433 1.00 65.52  ? 277 GLY A CA  1 
ATOM 400  C C   . GLY A 1 96  ? -7.403  17.580  -15.229 1.00 68.69  ? 277 GLY A C   1 
ATOM 401  O O   . GLY A 1 96  ? -6.975  18.695  -15.550 1.00 71.91  ? 277 GLY A O   1 
ATOM 402  N N   . CYS A 1 97  ? -8.610  17.403  -14.699 1.00 61.74  ? 278 CYS A N   1 
ATOM 403  C CA  . CYS A 1 97  ? -9.536  18.510  -14.527 1.00 62.66  ? 278 CYS A CA  1 
ATOM 404  C C   . CYS A 1 97  ? -9.930  18.655  -13.062 1.00 63.86  ? 278 CYS A C   1 
ATOM 405  O O   . CYS A 1 97  ? -9.966  17.678  -12.314 1.00 70.22  ? 278 CYS A O   1 
ATOM 406  C CB  . CYS A 1 97  ? -10.768 18.308  -15.393 1.00 58.34  ? 278 CYS A CB  1 
ATOM 407  S SG  . CYS A 1 97  ? -11.721 16.890  -14.870 1.00 63.82  ? 278 CYS A SG  1 
ATOM 408  N N   . ARG A 1 98  ? -10.203 19.890  -12.651 1.00 65.88  ? 279 ARG A N   1 
ATOM 409  C CA  . ARG A 1 98  ? -10.744 20.128  -11.322 1.00 65.90  ? 279 ARG A CA  1 
ATOM 410  C C   . ARG A 1 98  ? -12.057 19.363  -11.158 1.00 64.44  ? 279 ARG A C   1 
ATOM 411  O O   . ARG A 1 98  ? -12.849 19.250  -12.097 1.00 64.23  ? 279 ARG A O   1 
ATOM 412  C CB  . ARG A 1 98  ? -10.960 21.628  -11.098 1.00 69.51  ? 279 ARG A CB  1 
ATOM 413  C CG  . ARG A 1 98  ? -9.671  22.437  -10.927 1.00 70.60  ? 279 ARG A CG  1 
ATOM 414  C CD  . ARG A 1 98  ? -9.027  22.160  -9.566  1.00 79.58  ? 279 ARG A CD  1 
ATOM 415  N NE  . ARG A 1 98  ? -9.994  22.285  -8.467  1.00 90.90  ? 279 ARG A NE  1 
ATOM 416  C CZ  . ARG A 1 98  ? -9.682  22.328  -7.168  1.00 89.21  ? 279 ARG A CZ  1 
ATOM 417  N NH1 . ARG A 1 98  ? -8.405  22.267  -6.778  1.00 83.18  ? 279 ARG A NH1 1 
ATOM 418  N NH2 . ARG A 1 98  ? -10.653 22.438  -6.258  1.00 84.92  ? 279 ARG A NH2 1 
ATOM 419  N N   . LEU A 1 99  ? -12.269 18.810  -9.965  1.00 62.82  ? 280 LEU A N   1 
ATOM 420  C CA  . LEU A 1 99  ? -13.398 17.937  -9.688  1.00 60.31  ? 280 LEU A CA  1 
ATOM 421  C C   . LEU A 1 99  ? -14.208 18.506  -8.540  1.00 61.64  ? 280 LEU A C   1 
ATOM 422  O O   . LEU A 1 99  ? -13.654 19.071  -7.592  1.00 62.37  ? 280 LEU A O   1 
ATOM 423  C CB  . LEU A 1 99  ? -12.965 16.513  -9.326  1.00 60.12  ? 280 LEU A CB  1 
ATOM 424  C CG  . LEU A 1 99  ? -12.629 15.521  -10.441 1.00 59.10  ? 280 LEU A CG  1 
ATOM 425  C CD1 . LEU A 1 99  ? -12.465 14.144  -9.862  1.00 58.47  ? 280 LEU A CD1 1 
ATOM 426  C CD2 . LEU A 1 99  ? -13.692 15.493  -11.480 1.00 57.73  ? 280 LEU A CD2 1 
ATOM 427  N N   . ASP A 1 100 ? -15.518 18.343  -8.632  1.00 63.27  ? 281 ASP A N   1 
ATOM 428  C CA  . ASP A 1 100 ? -16.450 18.784  -7.608  1.00 58.16  ? 281 ASP A CA  1 
ATOM 429  C C   . ASP A 1 100 ? -16.868 17.538  -6.834  1.00 57.77  ? 281 ASP A C   1 
ATOM 430  O O   . ASP A 1 100 ? -17.682 16.744  -7.306  1.00 57.97  ? 281 ASP A O   1 
ATOM 431  C CB  . ASP A 1 100 ? -17.628 19.498  -8.249  1.00 56.51  ? 281 ASP A CB  1 
ATOM 432  C CG  . ASP A 1 100 ? -18.668 19.919  -7.244  1.00 60.92  ? 281 ASP A CG  1 
ATOM 433  O OD1 . ASP A 1 100 ? -19.424 19.040  -6.761  1.00 63.31  ? 281 ASP A OD1 1 
ATOM 434  O OD2 . ASP A 1 100 ? -18.743 21.131  -6.954  1.00 59.70  ? 281 ASP A OD2 1 
ATOM 435  N N   . LEU A 1 101 ? -16.305 17.369  -5.638  1.00 61.36  ? 282 LEU A N   1 
ATOM 436  C CA  . LEU A 1 101 ? -16.416 16.082  -4.956  1.00 59.66  ? 282 LEU A CA  1 
ATOM 437  C C   . LEU A 1 101 ? -17.838 15.811  -4.471  1.00 60.01  ? 282 LEU A C   1 
ATOM 438  O O   . LEU A 1 101 ? -18.224 14.646  -4.328  1.00 61.25  ? 282 LEU A O   1 
ATOM 439  C CB  . LEU A 1 101 ? -15.419 16.019  -3.796  1.00 58.86  ? 282 LEU A CB  1 
ATOM 440  C CG  . LEU A 1 101 ? -13.937 16.274  -4.146  1.00 61.02  ? 282 LEU A CG  1 
ATOM 441  C CD1 . LEU A 1 101 ? -13.049 16.150  -2.908  1.00 62.01  ? 282 LEU A CD1 1 
ATOM 442  C CD2 . LEU A 1 101 ? -13.418 15.380  -5.274  1.00 61.66  ? 282 LEU A CD2 1 
ATOM 443  N N   . LYS A 1 102 ? -18.638 16.854  -4.229  1.00 60.47  ? 283 LYS A N   1 
ATOM 444  C CA  . LYS A 1 102 ? -20.041 16.631  -3.879  1.00 56.82  ? 283 LYS A CA  1 
ATOM 445  C C   . LYS A 1 102 ? -20.767 15.947  -5.029  1.00 62.31  ? 283 LYS A C   1 
ATOM 446  O O   . LYS A 1 102 ? -21.482 14.950  -4.826  1.00 63.32  ? 283 LYS A O   1 
ATOM 447  C CB  . LYS A 1 102 ? -20.725 17.956  -3.518  1.00 58.47  ? 283 LYS A CB  1 
ATOM 448  C CG  . LYS A 1 102 ? -20.406 18.538  -2.125  1.00 59.03  ? 283 LYS A CG  1 
ATOM 449  N N   . THR A 1 103 ? -20.569 16.461  -6.253  1.00 59.59  ? 284 THR A N   1 
ATOM 450  C CA  . THR A 1 103 ? -21.133 15.840  -7.454  1.00 58.30  ? 284 THR A CA  1 
ATOM 451  C C   . THR A 1 103 ? -20.645 14.405  -7.616  1.00 62.53  ? 284 THR A C   1 
ATOM 452  O O   . THR A 1 103 ? -21.451 13.467  -7.701  1.00 63.19  ? 284 THR A O   1 
ATOM 453  C CB  . THR A 1 103 ? -20.769 16.655  -8.697  1.00 56.91  ? 284 THR A CB  1 
ATOM 454  O OG1 . THR A 1 103 ? -21.197 18.011  -8.535  1.00 58.06  ? 284 THR A OG1 1 
ATOM 455  C CG2 . THR A 1 103 ? -21.416 16.044  -9.959  1.00 54.24  ? 284 THR A CG2 1 
ATOM 456  N N   . VAL A 1 104 ? -19.317 14.220  -7.674  1.00 58.85  ? 285 VAL A N   1 
ATOM 457  C CA  . VAL A 1 104 ? -18.745 12.884  -7.848  1.00 60.46  ? 285 VAL A CA  1 
ATOM 458  C C   . VAL A 1 104 ? -19.377 11.916  -6.863  1.00 62.88  ? 285 VAL A C   1 
ATOM 459  O O   . VAL A 1 104 ? -19.847 10.832  -7.233  1.00 60.32  ? 285 VAL A O   1 
ATOM 460  C CB  . VAL A 1 104 ? -17.214 12.924  -7.677  1.00 58.70  ? 285 VAL A CB  1 
ATOM 461  C CG1 . VAL A 1 104 ? -16.660 11.508  -7.565  1.00 57.03  ? 285 VAL A CG1 1 
ATOM 462  C CG2 . VAL A 1 104 ? -16.549 13.676  -8.818  1.00 58.97  ? 285 VAL A CG2 1 
ATOM 463  N N   . ALA A 1 105 ? -19.429 12.327  -5.591  1.00 64.05  ? 286 ALA A N   1 
ATOM 464  C CA  . ALA A 1 105 ? -19.957 11.470  -4.534  1.00 65.68  ? 286 ALA A CA  1 
ATOM 465  C C   . ALA A 1 105 ? -21.426 11.155  -4.757  1.00 67.36  ? 286 ALA A C   1 
ATOM 466  O O   . ALA A 1 105 ? -21.869 10.020  -4.510  1.00 68.74  ? 286 ALA A O   1 
ATOM 467  C CB  . ALA A 1 105 ? -19.763 12.146  -3.179  1.00 64.50  ? 286 ALA A CB  1 
ATOM 468  N N   . LEU A 1 106 ? -22.191 12.148  -5.229  1.00 60.55  ? 287 LEU A N   1 
ATOM 469  C CA  . LEU A 1 106 ? -23.623 11.970  -5.436  1.00 59.08  ? 287 LEU A CA  1 
ATOM 470  C C   . LEU A 1 106 ? -23.900 10.860  -6.451  1.00 61.28  ? 287 LEU A C   1 
ATOM 471  O O   . LEU A 1 106 ? -24.623 9.900   -6.164  1.00 62.89  ? 287 LEU A O   1 
ATOM 472  C CB  . LEU A 1 106 ? -24.235 13.286  -5.902  1.00 57.66  ? 287 LEU A CB  1 
ATOM 473  C CG  . LEU A 1 106 ? -25.727 13.493  -5.618  1.00 53.94  ? 287 LEU A CG  1 
ATOM 474  C CD1 . LEU A 1 106 ? -26.159 14.819  -6.224  1.00 48.29  ? 287 LEU A CD1 1 
ATOM 475  C CD2 . LEU A 1 106 ? -26.637 12.342  -6.050  1.00 57.20  ? 287 LEU A CD2 1 
ATOM 476  N N   . HIS A 1 107 ? -23.311 10.968  -7.640  1.00 60.85  ? 288 HIS A N   1 
ATOM 477  C CA  . HIS A 1 107 ? -23.675 10.106  -8.753  1.00 59.91  ? 288 HIS A CA  1 
ATOM 478  C C   . HIS A 1 107 ? -22.926 8.784   -8.792  1.00 62.69  ? 288 HIS A C   1 
ATOM 479  O O   . HIS A 1 107 ? -23.320 7.895   -9.555  1.00 68.83  ? 288 HIS A O   1 
ATOM 480  C CB  . HIS A 1 107 ? -23.475 10.860  -10.054 1.00 56.75  ? 288 HIS A CB  1 
ATOM 481  C CG  . HIS A 1 107 ? -24.318 12.088  -10.140 1.00 58.20  ? 288 HIS A CG  1 
ATOM 482  N ND1 . HIS A 1 107 ? -23.837 13.349  -9.850  1.00 57.81  ? 288 HIS A ND1 1 
ATOM 483  C CD2 . HIS A 1 107 ? -25.634 12.240  -10.416 1.00 54.73  ? 288 HIS A CD2 1 
ATOM 484  C CE1 . HIS A 1 107 ? -24.812 14.230  -9.980  1.00 55.12  ? 288 HIS A CE1 1 
ATOM 485  N NE2 . HIS A 1 107 ? -25.912 13.582  -10.324 1.00 56.00  ? 288 HIS A NE2 1 
ATOM 486  N N   . ALA A 1 108 ? -21.888 8.619   -7.987  1.00 63.95  ? 289 ALA A N   1 
ATOM 487  C CA  . ALA A 1 108 ? -21.191 7.345   -7.924  1.00 69.89  ? 289 ALA A CA  1 
ATOM 488  C C   . ALA A 1 108 ? -21.993 6.353   -7.091  1.00 75.39  ? 289 ALA A C   1 
ATOM 489  O O   . ALA A 1 108 ? -22.624 6.733   -6.095  1.00 74.56  ? 289 ALA A O   1 
ATOM 490  C CB  . ALA A 1 108 ? -19.800 7.537   -7.328  1.00 71.37  ? 289 ALA A CB  1 
ATOM 491  N N   . ARG A 1 109 ? -21.964 5.075   -7.509  1.00 73.89  ? 290 ARG A N   1 
ATOM 492  C CA  . ARG A 1 109 ? -22.738 4.016   -6.858  1.00 79.04  ? 290 ARG A CA  1 
ATOM 493  C C   . ARG A 1 109 ? -22.212 3.728   -5.444  1.00 81.40  ? 290 ARG A C   1 
ATOM 494  O O   . ARG A 1 109 ? -22.678 4.324   -4.463  1.00 78.35  ? 290 ARG A O   1 
ATOM 495  C CB  . ARG A 1 109 ? -22.743 2.742   -7.729  1.00 69.80  ? 290 ARG A CB  1 
ATOM 496  N N   . ASN A 1 110 ? -21.251 2.816   -5.315  1.00 83.37  ? 291 ASN A N   1 
ATOM 497  C CA  . ASN A 1 110 ? -20.620 2.550   -4.021  1.00 83.98  ? 291 ASN A CA  1 
ATOM 498  C C   . ASN A 1 110 ? -19.610 3.666   -3.761  1.00 77.54  ? 291 ASN A C   1 
ATOM 499  O O   . ASN A 1 110 ? -18.459 3.602   -4.204  1.00 75.66  ? 291 ASN A O   1 
ATOM 500  C CB  . ASN A 1 110 ? -19.963 1.170   -4.013  1.00 78.19  ? 291 ASN A CB  1 
ATOM 501  N N   . ALA A 1 111 ? -20.040 4.718   -3.054  1.00 73.33  ? 292 ALA A N   1 
ATOM 502  C CA  . ALA A 1 111 ? -19.143 5.835   -2.762  1.00 69.97  ? 292 ALA A CA  1 
ATOM 503  C C   . ALA A 1 111 ? -19.476 6.450   -1.411  1.00 65.78  ? 292 ALA A C   1 
ATOM 504  O O   . ALA A 1 111 ? -20.611 6.362   -0.933  1.00 71.97  ? 292 ALA A O   1 
ATOM 505  C CB  . ALA A 1 111 ? -19.184 6.929   -3.835  1.00 65.50  ? 292 ALA A CB  1 
ATOM 506  N N   . GLU A 1 112 ? -18.456 7.073   -0.808  1.00 58.39  ? 293 GLU A N   1 
ATOM 507  C CA  . GLU A 1 112 ? -18.522 7.720   0.497   1.00 59.81  ? 293 GLU A CA  1 
ATOM 508  C C   . GLU A 1 112 ? -17.783 9.047   0.403   1.00 60.57  ? 293 GLU A C   1 
ATOM 509  O O   . GLU A 1 112 ? -16.719 9.117   -0.217  1.00 60.45  ? 293 GLU A O   1 
ATOM 510  C CB  . GLU A 1 112 ? -17.897 6.848   1.612   1.00 53.88  ? 293 GLU A CB  1 
ATOM 511  N N   . TYR A 1 113 ? -18.354 10.105  0.997   1.00 60.25  ? 294 TYR A N   1 
ATOM 512  C CA  . TYR A 1 113 ? -17.677 11.406  1.048   1.00 58.79  ? 294 TYR A CA  1 
ATOM 513  C C   . TYR A 1 113 ? -18.119 12.112  2.330   1.00 65.31  ? 294 TYR A C   1 
ATOM 514  O O   . TYR A 1 113 ? -19.203 12.704  2.366   1.00 66.29  ? 294 TYR A O   1 
ATOM 515  C CB  . TYR A 1 113 ? -17.986 12.257  -0.184  1.00 52.72  ? 294 TYR A CB  1 
ATOM 516  C CG  . TYR A 1 113 ? -17.244 13.591  -0.236  1.00 59.58  ? 294 TYR A CG  1 
ATOM 517  C CD1 . TYR A 1 113 ? -15.919 13.680  0.143   1.00 64.15  ? 294 TYR A CD1 1 
ATOM 518  C CD2 . TYR A 1 113 ? -17.876 14.771  -0.639  1.00 63.49  ? 294 TYR A CD2 1 
ATOM 519  C CE1 . TYR A 1 113 ? -15.226 14.896  0.106   1.00 62.61  ? 294 TYR A CE1 1 
ATOM 520  C CE2 . TYR A 1 113 ? -17.179 16.005  -0.676  1.00 57.15  ? 294 TYR A CE2 1 
ATOM 521  C CZ  . TYR A 1 113 ? -15.855 16.044  -0.295  1.00 59.52  ? 294 TYR A CZ  1 
ATOM 522  O OH  . TYR A 1 113 ? -15.117 17.207  -0.306  1.00 61.79  ? 294 TYR A OH  1 
ATOM 523  N N   . ASN A 1 114 ? -17.288 12.040  3.377   1.00 64.62  ? 295 ASN A N   1 
ATOM 524  C CA  . ASN A 1 114 ? -17.415 12.952  4.511   1.00 71.64  ? 295 ASN A CA  1 
ATOM 525  C C   . ASN A 1 114 ? -16.224 13.910  4.509   1.00 72.03  ? 295 ASN A C   1 
ATOM 526  O O   . ASN A 1 114 ? -15.117 13.526  4.915   1.00 73.29  ? 295 ASN A O   1 
ATOM 527  C CB  . ASN A 1 114 ? -17.506 12.205  5.849   1.00 77.52  ? 295 ASN A CB  1 
ATOM 528  C CG  . ASN A 1 114 ? -17.691 13.171  7.050   1.00 84.14  ? 295 ASN A CG  1 
ATOM 529  O OD1 . ASN A 1 114 ? -16.716 13.627  7.646   1.00 81.15  ? 295 ASN A OD1 1 
ATOM 530  N ND2 . ASN A 1 114 ? -18.944 13.505  7.370   1.00 83.52  ? 295 ASN A ND2 1 
ATOM 531  N N   . PRO A 1 115 ? -16.402 15.165  4.078   1.00 69.12  ? 296 PRO A N   1 
ATOM 532  C CA  . PRO A 1 115 ? -15.245 16.063  3.885   1.00 70.15  ? 296 PRO A CA  1 
ATOM 533  C C   . PRO A 1 115 ? -14.622 16.555  5.170   1.00 76.31  ? 296 PRO A C   1 
ATOM 534  O O   . PRO A 1 115 ? -13.519 17.127  5.117   1.00 75.63  ? 296 PRO A O   1 
ATOM 535  C CB  . PRO A 1 115 ? -15.835 17.243  3.098   1.00 68.20  ? 296 PRO A CB  1 
ATOM 536  C CG  . PRO A 1 115 ? -17.263 16.863  2.788   1.00 69.79  ? 296 PRO A CG  1 
ATOM 537  C CD  . PRO A 1 115 ? -17.672 15.838  3.789   1.00 70.35  ? 296 PRO A CD  1 
ATOM 538  N N   . LYS A 1 116 ? -15.309 16.395  6.307   1.00 79.47  ? 297 LYS A N   1 
ATOM 539  C CA  . LYS A 1 116 ? -14.719 16.755  7.590   1.00 77.41  ? 297 LYS A CA  1 
ATOM 540  C C   . LYS A 1 116 ? -13.661 15.730  8.002   1.00 78.09  ? 297 LYS A C   1 
ATOM 541  O O   . LYS A 1 116 ? -12.539 16.104  8.371   1.00 82.80  ? 297 LYS A O   1 
ATOM 542  C CB  . LYS A 1 116 ? -15.822 16.904  8.647   1.00 71.92  ? 297 LYS A CB  1 
ATOM 543  N N   . ARG A 1 117 ? -13.982 14.428  7.878   1.00 77.45  ? 298 ARG A N   1 
ATOM 544  C CA  . ARG A 1 117 ? -13.047 13.345  8.220   1.00 77.57  ? 298 ARG A CA  1 
ATOM 545  C C   . ARG A 1 117 ? -11.816 13.340  7.305   1.00 81.74  ? 298 ARG A C   1 
ATOM 546  O O   . ARG A 1 117 ? -10.674 13.440  7.779   1.00 80.47  ? 298 ARG A O   1 
ATOM 547  C CB  . ARG A 1 117 ? -13.768 11.988  8.168   1.00 68.73  ? 298 ARG A CB  1 
ATOM 548  C CG  . ARG A 1 117 ? -12.864 10.769  8.343   1.00 61.93  ? 298 ARG A CG  1 
ATOM 549  N N   . PHE A 1 118 ? -12.027 13.219  5.988   1.00 78.39  ? 299 PHE A N   1 
ATOM 550  C CA  . PHE A 1 118 ? -10.945 13.113  5.013   1.00 69.01  ? 299 PHE A CA  1 
ATOM 551  C C   . PHE A 1 118 ? -11.382 13.776  3.712   1.00 67.77  ? 299 PHE A C   1 
ATOM 552  O O   . PHE A 1 118 ? -12.532 13.617  3.285   1.00 64.89  ? 299 PHE A O   1 
ATOM 553  C CB  . PHE A 1 118 ? -10.551 11.639  4.777   1.00 71.41  ? 299 PHE A CB  1 
ATOM 554  C CG  . PHE A 1 118 ? -9.297  11.463  3.951   1.00 71.71  ? 299 PHE A CG  1 
ATOM 555  C CD1 . PHE A 1 118 ? -8.046  11.540  4.533   1.00 72.64  ? 299 PHE A CD1 1 
ATOM 556  C CD2 . PHE A 1 118 ? -9.373  11.229  2.585   1.00 70.90  ? 299 PHE A CD2 1 
ATOM 557  C CE1 . PHE A 1 118 ? -6.890  11.395  3.761   1.00 69.77  ? 299 PHE A CE1 1 
ATOM 558  C CE2 . PHE A 1 118 ? -8.226  11.088  1.816   1.00 67.26  ? 299 PHE A CE2 1 
ATOM 559  C CZ  . PHE A 1 118 ? -6.984  11.171  2.408   1.00 64.40  ? 299 PHE A CZ  1 
ATOM 560  N N   . ALA A 1 119 ? -10.441 14.480  3.070   1.00 67.08  ? 300 ALA A N   1 
ATOM 561  C CA  . ALA A 1 119 ? -10.735 15.428  1.984   1.00 66.41  ? 300 ALA A CA  1 
ATOM 562  C C   . ALA A 1 119 ? -10.668 14.787  0.590   1.00 68.90  ? 300 ALA A C   1 
ATOM 563  O O   . ALA A 1 119 ? -9.975  15.267  -0.311  1.00 69.81  ? 300 ALA A O   1 
ATOM 564  C CB  . ALA A 1 119 ? -9.785  16.615  2.065   1.00 68.24  ? 300 ALA A CB  1 
ATOM 565  N N   . ALA A 1 120 ? -11.442 13.719  0.397   1.00 66.35  ? 301 ALA A N   1 
ATOM 566  C CA  . ALA A 1 120 ? -11.502 13.050  -0.895  1.00 60.57  ? 301 ALA A CA  1 
ATOM 567  C C   . ALA A 1 120 ? -12.727 12.142  -0.924  1.00 61.88  ? 301 ALA A C   1 
ATOM 568  O O   . ALA A 1 120 ? -13.305 11.817  0.124   1.00 61.77  ? 301 ALA A O   1 
ATOM 569  C CB  . ALA A 1 120 ? -10.214 12.261  -1.168  1.00 60.52  ? 301 ALA A CB  1 
ATOM 570  N N   . VAL A 1 121 ? -13.129 11.742  -2.152  1.00 58.43  ? 302 VAL A N   1 
ATOM 571  C CA  . VAL A 1 121 ? -14.216 10.786  -2.357  1.00 58.92  ? 302 VAL A CA  1 
ATOM 572  C C   . VAL A 1 121 ? -13.644 9.379   -2.357  1.00 59.98  ? 302 VAL A C   1 
ATOM 573  O O   . VAL A 1 121 ? -12.636 9.099   -3.021  1.00 60.81  ? 302 VAL A O   1 
ATOM 574  C CB  . VAL A 1 121 ? -14.972 11.059  -3.673  1.00 58.70  ? 302 VAL A CB  1 
ATOM 575  C CG1 . VAL A 1 121 ? -16.032 10.002  -3.902  1.00 51.40  ? 302 VAL A CG1 1 
ATOM 576  C CG2 . VAL A 1 121 ? -15.598 12.430  -3.654  1.00 59.18  ? 302 VAL A CG2 1 
ATOM 577  N N   . ILE A 1 122 ? -14.298 8.483   -1.628  1.00 59.70  ? 303 ILE A N   1 
ATOM 578  C CA  . ILE A 1 122 ? -13.892 7.084   -1.536  1.00 61.02  ? 303 ILE A CA  1 
ATOM 579  C C   . ILE A 1 122 ? -14.853 6.284   -2.402  1.00 60.11  ? 303 ILE A C   1 
ATOM 580  O O   . ILE A 1 122 ? -16.024 6.121   -2.046  1.00 64.45  ? 303 ILE A O   1 
ATOM 581  C CB  . ILE A 1 122 ? -13.904 6.575   -0.084  1.00 60.05  ? 303 ILE A CB  1 
ATOM 582  C CG1 . ILE A 1 122 ? -13.055 7.472   0.833   1.00 53.90  ? 303 ILE A CG1 1 
ATOM 583  C CG2 . ILE A 1 122 ? -13.469 5.122   -0.005  1.00 58.99  ? 303 ILE A CG2 1 
ATOM 584  C CD1 . ILE A 1 122 ? -11.697 7.822   0.299   1.00 60.61  ? 303 ILE A CD1 1 
ATOM 585  N N   . MET A 1 123 ? -14.371 5.792   -3.539  1.00 59.25  ? 304 MET A N   1 
ATOM 586  C CA  . MET A 1 123 ? -15.180 5.024   -4.474  1.00 62.43  ? 304 MET A CA  1 
ATOM 587  C C   . MET A 1 123 ? -14.623 3.610   -4.557  1.00 58.12  ? 304 MET A C   1 
ATOM 588  O O   . MET A 1 123 ? -13.421 3.406   -4.377  1.00 57.35  ? 304 MET A O   1 
ATOM 589  C CB  . MET A 1 123 ? -15.176 5.695   -5.847  1.00 61.92  ? 304 MET A CB  1 
ATOM 590  C CG  . MET A 1 123 ? -16.180 5.168   -6.836  1.00 64.84  ? 304 MET A CG  1 
ATOM 591  S SD  . MET A 1 123 ? -15.953 6.113   -8.351  1.00 72.98  ? 304 MET A SD  1 
ATOM 592  C CE  . MET A 1 123 ? -16.165 7.776   -7.736  1.00 54.44  ? 304 MET A CE  1 
ATOM 593  N N   . ARG A 1 124 ? -15.495 2.623   -4.797  1.00 56.57  ? 305 ARG A N   1 
ATOM 594  C CA  . ARG A 1 124 ? -15.071 1.224   -4.837  1.00 56.21  ? 305 ARG A CA  1 
ATOM 595  C C   . ARG A 1 124 ? -15.706 0.520   -6.023  1.00 61.53  ? 305 ARG A C   1 
ATOM 596  O O   . ARG A 1 124 ? -16.787 0.902   -6.484  1.00 67.14  ? 305 ARG A O   1 
ATOM 597  C CB  . ARG A 1 124 ? -15.436 0.452   -3.558  1.00 58.92  ? 305 ARG A CB  1 
ATOM 598  C CG  . ARG A 1 124 ? -15.392 1.309   -2.306  1.00 66.59  ? 305 ARG A CG  1 
ATOM 599  C CD  . ARG A 1 124 ? -15.250 0.533   -0.995  1.00 65.25  ? 305 ARG A CD  1 
ATOM 600  N NE  . ARG A 1 124 ? -15.222 1.468   0.138   1.00 75.74  ? 305 ARG A NE  1 
ATOM 601  C CZ  . ARG A 1 124 ? -14.206 1.609   0.996   1.00 77.88  ? 305 ARG A CZ  1 
ATOM 602  N NH1 . ARG A 1 124 ? -13.116 0.847   0.888   1.00 68.24  ? 305 ARG A NH1 1 
ATOM 603  N NH2 . ARG A 1 124 ? -14.291 2.505   1.982   1.00 77.36  ? 305 ARG A NH2 1 
ATOM 604  N N   . ILE A 1 125 ? -15.013 -0.508  -6.526  1.00 58.68  ? 306 ILE A N   1 
ATOM 605  C CA  . ILE A 1 125 ? -15.527 -1.368  -7.580  1.00 57.02  ? 306 ILE A CA  1 
ATOM 606  C C   . ILE A 1 125 ? -15.289 -2.819  -7.163  1.00 59.07  ? 306 ILE A C   1 
ATOM 607  O O   . ILE A 1 125 ? -14.576 -3.097  -6.198  1.00 58.64  ? 306 ILE A O   1 
ATOM 608  C CB  . ILE A 1 125 ? -14.913 -1.051  -8.969  1.00 57.62  ? 306 ILE A CB  1 
ATOM 609  C CG1 . ILE A 1 125 ? -13.453 -1.472  -9.081  1.00 57.32  ? 306 ILE A CG1 1 
ATOM 610  C CG2 . ILE A 1 125 ? -15.053 0.444   -9.306  1.00 49.26  ? 306 ILE A CG2 1 
ATOM 611  C CD1 . ILE A 1 125 ? -12.876 -1.197  -10.480 1.00 53.16  ? 306 ILE A CD1 1 
ATOM 612  N N   . ARG A 1 126 ? -15.950 -3.748  -7.866  1.00 60.01  ? 307 ARG A N   1 
ATOM 613  C CA  . ARG A 1 126 ? -16.037 -5.132  -7.409  1.00 58.16  ? 307 ARG A CA  1 
ATOM 614  C C   . ARG A 1 126 ? -15.093 -6.069  -8.157  1.00 64.09  ? 307 ARG A C   1 
ATOM 615  O O   . ARG A 1 126 ? -14.687 -7.101  -7.593  1.00 66.02  ? 307 ARG A O   1 
ATOM 616  C CB  . ARG A 1 126 ? -17.490 -5.644  -7.513  1.00 53.11  ? 307 ARG A CB  1 
ATOM 617  N N   . GLU A 1 127 ? -14.738 -5.734  -9.402  1.00 57.89  ? 308 GLU A N   1 
ATOM 618  C CA  . GLU A 1 127 ? -13.675 -6.432  -10.147 1.00 61.63  ? 308 GLU A CA  1 
ATOM 619  C C   . GLU A 1 127 ? -12.983 -5.471  -11.151 1.00 63.50  ? 308 GLU A C   1 
ATOM 620  O O   . GLU A 1 127 ? -13.636 -4.922  -12.046 1.00 66.85  ? 308 GLU A O   1 
ATOM 621  C CB  . GLU A 1 127 ? -14.225 -7.670  -10.881 1.00 64.66  ? 308 GLU A CB  1 
ATOM 622  C CG  . GLU A 1 127 ? -13.150 -8.569  -11.526 1.00 60.58  ? 308 GLU A CG  1 
ATOM 623  N N   . PRO A 1 128 ? -11.660 -5.244  -10.997 1.00 59.87  ? 309 PRO A N   1 
ATOM 624  C CA  . PRO A 1 128 ? -10.818 -5.787  -9.922  1.00 63.19  ? 309 PRO A CA  1 
ATOM 625  C C   . PRO A 1 128 ? -11.192 -5.146  -8.582  1.00 59.56  ? 309 PRO A C   1 
ATOM 626  O O   . PRO A 1 128 ? -11.192 -3.913  -8.500  1.00 52.99  ? 309 PRO A O   1 
ATOM 627  C CB  . PRO A 1 128 ? -9.378  -5.408  -10.351 1.00 50.67  ? 309 PRO A CB  1 
ATOM 628  C CG  . PRO A 1 128 ? -9.482  -4.847  -11.733 1.00 46.88  ? 309 PRO A CG  1 
ATOM 629  C CD  . PRO A 1 128 ? -10.896 -4.344  -11.878 1.00 53.43  ? 309 PRO A CD  1 
ATOM 630  N N   . LYS A 1 129 ? -11.548 -5.964  -7.582  1.00 58.10  ? 310 LYS A N   1 
ATOM 631  C CA  . LYS A 1 129 ? -11.968 -5.420  -6.297  1.00 53.33  ? 310 LYS A CA  1 
ATOM 632  C C   . LYS A 1 129 ? -10.928 -4.444  -5.782  1.00 50.44  ? 310 LYS A C   1 
ATOM 633  O O   . LYS A 1 129 ? -9.850  -4.854  -5.340  1.00 54.55  ? 310 LYS A O   1 
ATOM 634  C CB  . LYS A 1 129 ? -12.200 -6.523  -5.277  1.00 52.06  ? 310 LYS A CB  1 
ATOM 635  C CG  . LYS A 1 129 ? -12.486 -5.984  -3.894  1.00 52.51  ? 310 LYS A CG  1 
ATOM 636  C CD  . LYS A 1 129 ? -12.818 -7.120  -2.947  1.00 58.44  ? 310 LYS A CD  1 
ATOM 637  C CE  . LYS A 1 129 ? -13.206 -6.606  -1.574  1.00 69.87  ? 310 LYS A CE  1 
ATOM 638  N NZ  . LYS A 1 129 ? -13.429 -7.732  -0.629  1.00 74.18  ? 310 LYS A NZ  1 
ATOM 639  N N   . THR A 1 130 ? -11.225 -3.150  -5.878  1.00 51.14  ? 311 THR A N   1 
ATOM 640  C CA  . THR A 1 130 ? -10.286 -2.107  -5.501  1.00 50.25  ? 311 THR A CA  1 
ATOM 641  C C   . THR A 1 130 ? -11.023 -0.963  -4.822  1.00 49.67  ? 311 THR A C   1 
ATOM 642  O O   . THR A 1 130 ? -12.238 -1.000  -4.610  1.00 54.77  ? 311 THR A O   1 
ATOM 643  C CB  . THR A 1 130 ? -9.511  -1.564  -6.709  1.00 50.83  ? 311 THR A CB  1 
ATOM 644  O OG1 . THR A 1 130 ? -10.429 -1.086  -7.700  1.00 52.67  ? 311 THR A OG1 1 
ATOM 645  C CG2 . THR A 1 130 ? -8.598  -2.626  -7.304  1.00 51.89  ? 311 THR A CG2 1 
ATOM 646  N N   . THR A 1 131 ? -10.258 0.069   -4.499  1.00 44.81  ? 312 THR A N   1 
ATOM 647  C CA  . THR A 1 131 ? -10.745 1.262   -3.842  1.00 49.07  ? 312 THR A CA  1 
ATOM 648  C C   . THR A 1 131 ? -9.971  2.428   -4.442  1.00 51.51  ? 312 THR A C   1 
ATOM 649  O O   . THR A 1 131 ? -8.780  2.295   -4.728  1.00 53.37  ? 312 THR A O   1 
ATOM 650  C CB  . THR A 1 131 ? -10.546 1.138   -2.314  1.00 49.64  ? 312 THR A CB  1 
ATOM 651  O OG1 . THR A 1 131 ? -11.287 0.006   -1.845  1.00 51.54  ? 312 THR A OG1 1 
ATOM 652  C CG2 . THR A 1 131 ? -10.992 2.402   -1.545  1.00 45.25  ? 312 THR A CG2 1 
ATOM 653  N N   . ALA A 1 132 ? -10.638 3.556   -4.672  1.00 50.85  ? 313 ALA A N   1 
ATOM 654  C CA  . ALA A 1 132 ? -9.945  4.740   -5.151  1.00 51.84  ? 313 ALA A CA  1 
ATOM 655  C C   . ALA A 1 132 ? -10.235 5.915   -4.230  1.00 54.16  ? 313 ALA A C   1 
ATOM 656  O O   . ALA A 1 132 ? -11.311 6.009   -3.633  1.00 56.23  ? 313 ALA A O   1 
ATOM 657  C CB  . ALA A 1 132 ? -10.339 5.084   -6.596  1.00 51.86  ? 313 ALA A CB  1 
ATOM 658  N N   . LEU A 1 133 ? -9.251  6.805   -4.114  1.00 58.59  ? 314 LEU A N   1 
ATOM 659  C CA  . LEU A 1 133 ? -9.380  8.083   -3.412  1.00 58.77  ? 314 LEU A CA  1 
ATOM 660  C C   . LEU A 1 133 ? -9.252  9.221   -4.419  1.00 55.76  ? 314 LEU A C   1 
ATOM 661  O O   . LEU A 1 133 ? -8.211  9.373   -5.075  1.00 52.38  ? 314 LEU A O   1 
ATOM 662  C CB  . LEU A 1 133 ? -8.329  8.225   -2.312  1.00 58.92  ? 314 LEU A CB  1 
ATOM 663  C CG  . LEU A 1 133 ? -8.340  7.194   -1.189  1.00 55.18  ? 314 LEU A CG  1 
ATOM 664  C CD1 . LEU A 1 133 ? -7.346  6.101   -1.488  1.00 56.98  ? 314 LEU A CD1 1 
ATOM 665  C CD2 . LEU A 1 133 ? -8.004  7.876   0.097   1.00 54.53  ? 314 LEU A CD2 1 
ATOM 666  N N   . ILE A 1 134 ? -10.304 10.021  -4.533  1.00 59.01  ? 315 ILE A N   1 
ATOM 667  C CA  . ILE A 1 134 ? -10.463 10.958  -5.635  1.00 61.73  ? 315 ILE A CA  1 
ATOM 668  C C   . ILE A 1 134 ? -10.480 12.357  -5.044  1.00 58.56  ? 315 ILE A C   1 
ATOM 669  O O   . ILE A 1 134 ? -11.423 12.731  -4.332  1.00 55.90  ? 315 ILE A O   1 
ATOM 670  C CB  . ILE A 1 134 ? -11.737 10.676  -6.437  1.00 60.32  ? 315 ILE A CB  1 
ATOM 671  C CG1 . ILE A 1 134 ? -11.684 9.256   -6.995  1.00 53.85  ? 315 ILE A CG1 1 
ATOM 672  C CG2 . ILE A 1 134 ? -11.852 11.675  -7.557  1.00 59.00  ? 315 ILE A CG2 1 
ATOM 673  C CD1 . ILE A 1 134 ? -13.003 8.668   -7.181  1.00 53.53  ? 315 ILE A CD1 1 
ATOM 674  N N   . PHE A 1 135 ? -9.457  13.130  -5.354  1.00 55.38  ? 316 PHE A N   1 
ATOM 675  C CA  . PHE A 1 135 ? -9.286  14.425  -4.734  1.00 60.97  ? 316 PHE A CA  1 
ATOM 676  C C   . PHE A 1 135 ? -9.972  15.524  -5.540  1.00 69.41  ? 316 PHE A C   1 
ATOM 677  O O   . PHE A 1 135 ? -10.318 15.356  -6.714  1.00 66.08  ? 316 PHE A O   1 
ATOM 678  C CB  . PHE A 1 135 ? -7.796  14.707  -4.551  1.00 64.28  ? 316 PHE A CB  1 
ATOM 679  C CG  . PHE A 1 135 ? -7.163  13.796  -3.548  1.00 66.03  ? 316 PHE A CG  1 
ATOM 680  C CD1 . PHE A 1 135 ? -6.541  12.618  -3.955  1.00 64.21  ? 316 PHE A CD1 1 
ATOM 681  C CD2 . PHE A 1 135 ? -7.276  14.061  -2.189  1.00 64.13  ? 316 PHE A CD2 1 
ATOM 682  C CE1 . PHE A 1 135 ? -5.998  11.739  -3.025  1.00 63.29  ? 316 PHE A CE1 1 
ATOM 683  C CE2 . PHE A 1 135 ? -6.740  13.196  -1.252  1.00 66.82  ? 316 PHE A CE2 1 
ATOM 684  C CZ  . PHE A 1 135 ? -6.097  12.028  -1.670  1.00 68.81  ? 316 PHE A CZ  1 
ATOM 685  N N   . ALA A 1 136 ? -10.197 16.655  -4.867  1.00 70.89  ? 317 ALA A N   1 
ATOM 686  C CA  . ALA A 1 136 ? -10.758 17.819  -5.532  1.00 67.03  ? 317 ALA A CA  1 
ATOM 687  C C   . ALA A 1 136 ? -9.929  18.278  -6.737  1.00 71.16  ? 317 ALA A C   1 
ATOM 688  O O   . ALA A 1 136 ? -10.477 18.921  -7.637  1.00 75.36  ? 317 ALA A O   1 
ATOM 689  C CB  . ALA A 1 136 ? -10.901 18.953  -4.523  1.00 65.40  ? 317 ALA A CB  1 
ATOM 690  N N   . SER A 1 137 ? -8.635  17.971  -6.797  1.00 68.68  ? 318 SER A N   1 
ATOM 691  C CA  . SER A 1 137 ? -7.805  18.456  -7.898  1.00 71.27  ? 318 SER A CA  1 
ATOM 692  C C   . SER A 1 137 ? -7.803  17.542  -9.122  1.00 71.68  ? 318 SER A C   1 
ATOM 693  O O   . SER A 1 137 ? -7.125  17.854  -10.113 1.00 68.08  ? 318 SER A O   1 
ATOM 694  C CB  . SER A 1 137 ? -6.360  18.671  -7.421  1.00 71.35  ? 318 SER A CB  1 
ATOM 695  O OG  . SER A 1 137 ? -5.786  17.491  -6.874  1.00 67.41  ? 318 SER A OG  1 
ATOM 696  N N   . GLY A 1 138 ? -8.549  16.434  -9.091  1.00 67.34  ? 319 GLY A N   1 
ATOM 697  C CA  . GLY A 1 138 ? -8.416  15.413  -10.102 1.00 62.26  ? 319 GLY A CA  1 
ATOM 698  C C   . GLY A 1 138 ? -7.279  14.435  -9.876  1.00 63.69  ? 319 GLY A C   1 
ATOM 699  O O   . GLY A 1 138 ? -7.132  13.487  -10.664 1.00 60.88  ? 319 GLY A O   1 
ATOM 700  N N   . LYS A 1 139 ? -6.453  14.632  -8.848  1.00 59.77  ? 320 LYS A N   1 
ATOM 701  C CA  . LYS A 1 139 ? -5.533  13.580  -8.461  1.00 51.99  ? 320 LYS A CA  1 
ATOM 702  C C   . LYS A 1 139 ? -6.343  12.401  -7.945  1.00 54.12  ? 320 LYS A C   1 
ATOM 703  O O   . LYS A 1 139 ? -7.441  12.559  -7.403  1.00 54.92  ? 320 LYS A O   1 
ATOM 704  C CB  . LYS A 1 139 ? -4.549  14.060  -7.399  1.00 53.01  ? 320 LYS A CB  1 
ATOM 705  C CG  . LYS A 1 139 ? -3.557  15.116  -7.866  1.00 51.76  ? 320 LYS A CG  1 
ATOM 706  C CD  . LYS A 1 139 ? -2.528  14.562  -8.835  1.00 57.66  ? 320 LYS A CD  1 
ATOM 707  N N   . MET A 1 140 ? -5.814  11.206  -8.165  1.00 54.36  ? 321 MET A N   1 
ATOM 708  C CA  . MET A 1 140 ? -6.513  9.988   -7.803  1.00 50.13  ? 321 MET A CA  1 
ATOM 709  C C   . MET A 1 140 ? -5.474  8.982   -7.363  1.00 47.83  ? 321 MET A C   1 
ATOM 710  O O   . MET A 1 140 ? -4.380  8.939   -7.934  1.00 50.31  ? 321 MET A O   1 
ATOM 711  C CB  . MET A 1 140 ? -7.331  9.449   -8.971  1.00 49.67  ? 321 MET A CB  1 
ATOM 712  C CG  . MET A 1 140 ? -8.076  8.190   -8.627  1.00 53.57  ? 321 MET A CG  1 
ATOM 713  S SD  . MET A 1 140 ? -9.372  7.831   -9.819  1.00 56.61  ? 321 MET A SD  1 
ATOM 714  C CE  . MET A 1 140 ? -8.403  7.407   -11.267 1.00 51.58  ? 321 MET A CE  1 
ATOM 715  N N   . VAL A 1 141 ? -5.799  8.223   -6.317  1.00 46.33  ? 322 VAL A N   1 
ATOM 716  C CA  . VAL A 1 141 ? -4.939  7.165   -5.787  1.00 50.02  ? 322 VAL A CA  1 
ATOM 717  C C   . VAL A 1 141 ? -5.746  5.880   -5.773  1.00 51.67  ? 322 VAL A C   1 
ATOM 718  O O   . VAL A 1 141 ? -6.912  5.885   -5.362  1.00 53.30  ? 322 VAL A O   1 
ATOM 719  C CB  . VAL A 1 141 ? -4.406  7.496   -4.381  1.00 48.07  ? 322 VAL A CB  1 
ATOM 720  C CG1 . VAL A 1 141 ? -3.378  6.472   -3.949  1.00 43.87  ? 322 VAL A CG1 1 
ATOM 721  C CG2 . VAL A 1 141 ? -3.787  8.894   -4.384  1.00 48.87  ? 322 VAL A CG2 1 
ATOM 722  N N   . VAL A 1 142 ? -5.149  4.787   -6.250  1.00 49.38  ? 323 VAL A N   1 
ATOM 723  C CA  . VAL A 1 142 ? -5.903  3.564   -6.516  1.00 48.46  ? 323 VAL A CA  1 
ATOM 724  C C   . VAL A 1 142 ? -5.176  2.387   -5.873  1.00 50.02  ? 323 VAL A C   1 
ATOM 725  O O   . VAL A 1 142 ? -4.044  2.061   -6.252  1.00 52.78  ? 323 VAL A O   1 
ATOM 726  C CB  . VAL A 1 142 ? -6.114  3.338   -8.023  1.00 44.23  ? 323 VAL A CB  1 
ATOM 727  C CG1 . VAL A 1 142 ? -6.794  2.028   -8.264  1.00 42.65  ? 323 VAL A CG1 1 
ATOM 728  C CG2 . VAL A 1 142 ? -6.932  4.476   -8.608  1.00 44.70  ? 323 VAL A CG2 1 
ATOM 729  N N   . THR A 1 143 ? -5.838  1.750   -4.909  1.00 48.16  ? 324 THR A N   1 
ATOM 730  C CA  . THR A 1 143 ? -5.279  0.676   -4.102  1.00 47.40  ? 324 THR A CA  1 
ATOM 731  C C   . THR A 1 143 ? -6.200  -0.536  -4.157  1.00 46.54  ? 324 THR A C   1 
ATOM 732  O O   . THR A 1 143 ? -7.387  -0.424  -4.472  1.00 49.01  ? 324 THR A O   1 
ATOM 733  C CB  . THR A 1 143 ? -5.079  1.126   -2.635  1.00 49.46  ? 324 THR A CB  1 
ATOM 734  O OG1 . THR A 1 143 ? -4.621  0.020   -1.833  1.00 54.52  ? 324 THR A OG1 1 
ATOM 735  C CG2 . THR A 1 143 ? -6.379  1.692   -2.055  1.00 45.04  ? 324 THR A CG2 1 
ATOM 736  N N   . GLY A 1 144 ? -5.643  -1.704  -3.845  1.00 44.25  ? 325 GLY A N   1 
ATOM 737  C CA  . GLY A 1 144 ? -6.402  -2.932  -3.771  1.00 43.16  ? 325 GLY A CA  1 
ATOM 738  C C   . GLY A 1 144 ? -6.044  -3.961  -4.817  1.00 42.61  ? 325 GLY A C   1 
ATOM 739  O O   . GLY A 1 144 ? -6.331  -5.144  -4.618  1.00 47.90  ? 325 GLY A O   1 
ATOM 740  N N   . ALA A 1 145 ? -5.460  -3.556  -5.935  1.00 43.37  ? 326 ALA A N   1 
ATOM 741  C CA  . ALA A 1 145 ? -5.162  -4.522  -6.972  1.00 44.50  ? 326 ALA A CA  1 
ATOM 742  C C   . ALA A 1 145 ? -4.057  -5.447  -6.505  1.00 46.66  ? 326 ALA A C   1 
ATOM 743  O O   . ALA A 1 145 ? -3.301  -5.139  -5.576  1.00 45.74  ? 326 ALA A O   1 
ATOM 744  C CB  . ALA A 1 145 ? -4.756  -3.836  -8.270  1.00 45.66  ? 326 ALA A CB  1 
ATOM 745  N N   . LYS A 1 146 ? -3.986  -6.609  -7.139  1.00 47.14  ? 327 LYS A N   1 
ATOM 746  C CA  . LYS A 1 146 ? -2.946  -7.558  -6.797  1.00 44.61  ? 327 LYS A CA  1 
ATOM 747  C C   . LYS A 1 146 ? -2.076  -7.913  -7.981  1.00 47.71  ? 327 LYS A C   1 
ATOM 748  O O   . LYS A 1 146 ? -1.151  -8.723  -7.821  1.00 47.88  ? 327 LYS A O   1 
ATOM 749  C CB  . LYS A 1 146 ? -3.548  -8.820  -6.180  1.00 40.00  ? 327 LYS A CB  1 
ATOM 750  C CG  . LYS A 1 146 ? -3.719  -8.693  -4.695  1.00 41.14  ? 327 LYS A CG  1 
ATOM 751  C CD  . LYS A 1 146 ? -4.943  -9.398  -4.210  1.00 46.71  ? 327 LYS A CD  1 
ATOM 752  C CE  . LYS A 1 146 ? -4.993  -9.455  -2.698  1.00 51.25  ? 327 LYS A CE  1 
ATOM 753  N NZ  . LYS A 1 146 ? -4.217  -10.655 -2.227  1.00 57.69  ? 327 LYS A NZ  1 
ATOM 754  N N   . SER A 1 147 ? -2.338  -7.332  -9.155  1.00 46.00  ? 328 SER A N   1 
ATOM 755  C CA  . SER A 1 147 ? -1.429  -7.395  -10.289 1.00 46.07  ? 328 SER A CA  1 
ATOM 756  C C   . SER A 1 147 ? -1.221  -6.000  -10.850 1.00 48.52  ? 328 SER A C   1 
ATOM 757  O O   . SER A 1 147 ? -2.026  -5.088  -10.637 1.00 51.07  ? 328 SER A O   1 
ATOM 758  C CB  . SER A 1 147 ? -1.956  -8.304  -11.386 1.00 49.99  ? 328 SER A CB  1 
ATOM 759  O OG  . SER A 1 147 ? -3.137  -7.755  -11.933 1.00 52.82  ? 328 SER A OG  1 
ATOM 760  N N   . GLU A 1 148 ? -0.120  -5.829  -11.569 1.00 47.72  ? 329 GLU A N   1 
ATOM 761  C CA  . GLU A 1 148 ? 0.102   -4.534  -12.192 1.00 47.77  ? 329 GLU A CA  1 
ATOM 762  C C   . GLU A 1 148 ? -0.891  -4.261  -13.307 1.00 48.63  ? 329 GLU A C   1 
ATOM 763  O O   . GLU A 1 148 ? -1.063  -3.100  -13.702 1.00 51.46  ? 329 GLU A O   1 
ATOM 764  C CB  . GLU A 1 148 ? 1.524   -4.443  -12.731 1.00 47.56  ? 329 GLU A CB  1 
ATOM 765  C CG  . GLU A 1 148 ? 2.580   -4.601  -11.665 1.00 45.55  ? 329 GLU A CG  1 
ATOM 766  C CD  . GLU A 1 148 ? 3.132   -5.997  -11.644 1.00 51.64  ? 329 GLU A CD  1 
ATOM 767  O OE1 . GLU A 1 148 ? 4.364   -6.138  -11.635 1.00 58.53  ? 329 GLU A OE1 1 
ATOM 768  O OE2 . GLU A 1 148 ? 2.337   -6.952  -11.662 1.00 52.82  ? 329 GLU A OE2 1 
ATOM 769  N N   . ASP A 1 149 ? -1.528  -5.305  -13.839 1.00 48.62  ? 330 ASP A N   1 
ATOM 770  C CA  . ASP A 1 149 ? -2.567  -5.100  -14.837 1.00 45.07  ? 330 ASP A CA  1 
ATOM 771  C C   . ASP A 1 149 ? -3.880  -4.699  -14.196 1.00 46.22  ? 330 ASP A C   1 
ATOM 772  O O   . ASP A 1 149 ? -4.557  -3.794  -14.690 1.00 46.59  ? 330 ASP A O   1 
ATOM 773  C CB  . ASP A 1 149 ? -2.764  -6.360  -15.668 1.00 50.46  ? 330 ASP A CB  1 
ATOM 774  C CG  . ASP A 1 149 ? -1.585  -6.664  -16.554 1.00 58.68  ? 330 ASP A CG  1 
ATOM 775  O OD1 . ASP A 1 149 ? -0.764  -5.750  -16.822 1.00 56.59  ? 330 ASP A OD1 1 
ATOM 776  O OD2 . ASP A 1 149 ? -1.506  -7.818  -17.017 1.00 63.68  ? 330 ASP A OD2 1 
ATOM 777  N N   . ASP A 1 150 ? -4.277  -5.388  -13.124 1.00 47.05  ? 331 ASP A N   1 
ATOM 778  C CA  . ASP A 1 150 ? -5.465  -4.975  -12.388 1.00 47.82  ? 331 ASP A CA  1 
ATOM 779  C C   . ASP A 1 150 ? -5.341  -3.531  -11.917 1.00 48.58  ? 331 ASP A C   1 
ATOM 780  O O   . ASP A 1 150 ? -6.330  -2.788  -11.892 1.00 48.58  ? 331 ASP A O   1 
ATOM 781  C CB  . ASP A 1 150 ? -5.707  -5.899  -11.188 1.00 53.74  ? 331 ASP A CB  1 
ATOM 782  C CG  . ASP A 1 150 ? -6.214  -7.281  -11.586 1.00 54.50  ? 331 ASP A CG  1 
ATOM 783  O OD1 . ASP A 1 150 ? -6.542  -7.466  -12.782 1.00 46.94  ? 331 ASP A OD1 1 
ATOM 784  O OD2 . ASP A 1 150 ? -6.316  -8.155  -10.679 1.00 53.38  ? 331 ASP A OD2 1 
ATOM 785  N N   . SER A 1 151 ? -4.137  -3.109  -11.532 1.00 46.20  ? 332 SER A N   1 
ATOM 786  C CA  . SER A 1 151 ? -4.005  -1.749  -11.036 1.00 48.45  ? 332 SER A CA  1 
ATOM 787  C C   . SER A 1 151 ? -4.321  -0.756  -12.149 1.00 47.15  ? 332 SER A C   1 
ATOM 788  O O   . SER A 1 151 ? -5.157  0.142   -11.975 1.00 44.98  ? 332 SER A O   1 
ATOM 789  C CB  . SER A 1 151 ? -2.602  -1.527  -10.441 1.00 52.30  ? 332 SER A CB  1 
ATOM 790  O OG  . SER A 1 151 ? -2.585  -0.487  -9.440  1.00 52.49  ? 332 SER A OG  1 
ATOM 791  N N   . LYS A 1 152 ? -3.722  -0.956  -13.330 1.00 50.31  ? 333 LYS A N   1 
ATOM 792  C CA  . LYS A 1 152 ? -3.983  -0.060  -14.451 1.00 46.57  ? 333 LYS A CA  1 
ATOM 793  C C   . LYS A 1 152 ? -5.424  -0.177  -14.933 1.00 44.14  ? 333 LYS A C   1 
ATOM 794  O O   . LYS A 1 152 ? -6.039  0.823   -15.287 1.00 47.01  ? 333 LYS A O   1 
ATOM 795  C CB  . LYS A 1 152 ? -2.985  -0.333  -15.575 1.00 40.47  ? 333 LYS A CB  1 
ATOM 796  C CG  . LYS A 1 152 ? -2.822  0.845   -16.495 1.00 47.80  ? 333 LYS A CG  1 
ATOM 797  C CD  . LYS A 1 152 ? -1.690  0.631   -17.473 1.00 55.11  ? 333 LYS A CD  1 
ATOM 798  C CE  . LYS A 1 152 ? -1.506  1.840   -18.373 1.00 59.52  ? 333 LYS A CE  1 
ATOM 799  N NZ  . LYS A 1 152 ? -0.615  1.519   -19.510 1.00 70.94  ? 333 LYS A NZ  1 
ATOM 800  N N   . LEU A 1 153 ? -6.006  -1.367  -14.894 1.00 42.53  ? 334 LEU A N   1 
ATOM 801  C CA  . LEU A 1 153 ? -7.351  -1.525  -15.413 1.00 40.62  ? 334 LEU A CA  1 
ATOM 802  C C   . LEU A 1 153 ? -8.380  -0.908  -14.478 1.00 44.18  ? 334 LEU A C   1 
ATOM 803  O O   . LEU A 1 153 ? -9.231  -0.132  -14.914 1.00 46.17  ? 334 LEU A O   1 
ATOM 804  C CB  . LEU A 1 153 ? -7.633  -3.001  -15.648 1.00 48.70  ? 334 LEU A CB  1 
ATOM 805  C CG  . LEU A 1 153 ? -9.024  -3.411  -16.130 1.00 47.16  ? 334 LEU A CG  1 
ATOM 806  C CD1 . LEU A 1 153 ? -9.592  -2.411  -17.127 1.00 44.75  ? 334 LEU A CD1 1 
ATOM 807  C CD2 . LEU A 1 153 ? -8.859  -4.747  -16.769 1.00 39.32  ? 334 LEU A CD2 1 
ATOM 808  N N   . ALA A 1 154 ? -8.340  -1.261  -13.191 1.00 47.42  ? 335 ALA A N   1 
ATOM 809  C CA  . ALA A 1 154 ? -9.171  -0.571  -12.205 1.00 45.28  ? 335 ALA A CA  1 
ATOM 810  C C   . ALA A 1 154 ? -9.080  0.940   -12.366 1.00 48.64  ? 335 ALA A C   1 
ATOM 811  O O   . ALA A 1 154 ? -10.103 1.638   -12.386 1.00 49.18  ? 335 ALA A O   1 
ATOM 812  C CB  . ALA A 1 154 ? -8.755  -0.964  -10.788 1.00 42.32  ? 335 ALA A CB  1 
ATOM 813  N N   . SER A 1 155 ? -7.854  1.470   -12.477 1.00 48.65  ? 336 SER A N   1 
ATOM 814  C CA  . SER A 1 155 ? -7.687  2.916   -12.578 1.00 46.40  ? 336 SER A CA  1 
ATOM 815  C C   . SER A 1 155 ? -8.412  3.464   -13.792 1.00 46.91  ? 336 SER A C   1 
ATOM 816  O O   . SER A 1 155 ? -9.046  4.520   -13.708 1.00 49.95  ? 336 SER A O   1 
ATOM 817  C CB  . SER A 1 155 ? -6.208  3.284   -12.634 1.00 47.31  ? 336 SER A CB  1 
ATOM 818  O OG  . SER A 1 155 ? -5.535  2.813   -11.494 1.00 50.90  ? 336 SER A OG  1 
ATOM 819  N N   . ARG A 1 156 ? -8.343  2.758   -14.925 1.00 43.08  ? 337 ARG A N   1 
ATOM 820  C CA  . ARG A 1 156 ? -9.071  3.193   -16.113 1.00 44.50  ? 337 ARG A CA  1 
ATOM 821  C C   . ARG A 1 156 ? -10.582 3.213   -15.860 1.00 43.56  ? 337 ARG A C   1 
ATOM 822  O O   . ARG A 1 156 ? -11.277 4.143   -16.280 1.00 44.26  ? 337 ARG A O   1 
ATOM 823  C CB  . ARG A 1 156 ? -8.701  2.302   -17.311 1.00 47.84  ? 337 ARG A CB  1 
ATOM 824  C CG  . ARG A 1 156 ? -7.305  2.607   -17.955 1.00 50.00  ? 337 ARG A CG  1 
ATOM 825  C CD  . ARG A 1 156 ? -7.086  1.953   -19.354 1.00 49.51  ? 337 ARG A CD  1 
ATOM 826  N NE  . ARG A 1 156 ? -6.133  2.735   -20.156 1.00 56.18  ? 337 ARG A NE  1 
ATOM 827  C CZ  . ARG A 1 156 ? -4.963  2.297   -20.623 1.00 61.55  ? 337 ARG A CZ  1 
ATOM 828  N NH1 . ARG A 1 156 ? -4.571  1.040   -20.415 1.00 67.15  ? 337 ARG A NH1 1 
ATOM 829  N NH2 . ARG A 1 156 ? -4.180  3.120   -21.320 1.00 59.96  ? 337 ARG A NH2 1 
ATOM 830  N N   . LYS A 1 157 ? -11.100 2.232   -15.121 1.00 46.25  ? 338 LYS A N   1 
ATOM 831  C CA  . LYS A 1 157 ? -12.519 2.221   -14.772 1.00 42.50  ? 338 LYS A CA  1 
ATOM 832  C C   . LYS A 1 157 ? -12.900 3.451   -13.945 1.00 46.79  ? 338 LYS A C   1 
ATOM 833  O O   . LYS A 1 157 ? -13.876 4.130   -14.263 1.00 54.19  ? 338 LYS A O   1 
ATOM 834  C CB  . LYS A 1 157 ? -12.879 0.930   -14.014 1.00 47.02  ? 338 LYS A CB  1 
ATOM 835  C CG  . LYS A 1 157 ? -12.453 -0.388  -14.681 1.00 47.03  ? 338 LYS A CG  1 
ATOM 836  C CD  . LYS A 1 157 ? -13.605 -1.359  -14.896 1.00 51.56  ? 338 LYS A CD  1 
ATOM 837  C CE  . LYS A 1 157 ? -14.437 -1.543  -13.629 1.00 64.26  ? 338 LYS A CE  1 
ATOM 838  N NZ  . LYS A 1 157 ? -15.610 -2.481  -13.786 1.00 68.61  ? 338 LYS A NZ  1 
ATOM 839  N N   . TYR A 1 158 ? -12.164 3.753   -12.865 1.00 46.87  ? 339 TYR A N   1 
ATOM 840  C CA  . TYR A 1 158 ? -12.527 4.917   -12.049 1.00 47.18  ? 339 TYR A CA  1 
ATOM 841  C C   . TYR A 1 158 ? -12.564 6.182   -12.885 1.00 46.27  ? 339 TYR A C   1 
ATOM 842  O O   . TYR A 1 158 ? -13.421 7.046   -12.683 1.00 44.17  ? 339 TYR A O   1 
ATOM 843  C CB  . TYR A 1 158 ? -11.551 5.105   -10.879 1.00 49.02  ? 339 TYR A CB  1 
ATOM 844  C CG  . TYR A 1 158 ? -11.755 4.064   -9.827  1.00 50.79  ? 339 TYR A CG  1 
ATOM 845  C CD1 . TYR A 1 158 ? -12.853 4.116   -8.978  1.00 51.34  ? 339 TYR A CD1 1 
ATOM 846  C CD2 . TYR A 1 158 ? -10.887 2.998   -9.714  1.00 50.30  ? 339 TYR A CD2 1 
ATOM 847  C CE1 . TYR A 1 158 ? -13.070 3.135   -8.046  1.00 52.25  ? 339 TYR A CE1 1 
ATOM 848  C CE2 . TYR A 1 158 ? -11.090 2.014   -8.777  1.00 50.88  ? 339 TYR A CE2 1 
ATOM 849  C CZ  . TYR A 1 158 ? -12.180 2.084   -7.950  1.00 52.03  ? 339 TYR A CZ  1 
ATOM 850  O OH  . TYR A 1 158 ? -12.371 1.089   -7.024  1.00 55.48  ? 339 TYR A OH  1 
ATOM 851  N N   . ALA A 1 159 ? -11.637 6.305   -13.830 1.00 48.51  ? 340 ALA A N   1 
ATOM 852  C CA  . ALA A 1 159 ? -11.564 7.503   -14.649 1.00 48.64  ? 340 ALA A CA  1 
ATOM 853  C C   . ALA A 1 159 ? -12.776 7.605   -15.556 1.00 50.35  ? 340 ALA A C   1 
ATOM 854  O O   . ALA A 1 159 ? -13.400 8.668   -15.656 1.00 53.53  ? 340 ALA A O   1 
ATOM 855  C CB  . ALA A 1 159 ? -10.274 7.492   -15.463 1.00 52.29  ? 340 ALA A CB  1 
ATOM 856  N N   . ARG A 1 160 ? -13.134 6.494   -16.205 1.00 52.21  ? 341 ARG A N   1 
ATOM 857  C CA  . ARG A 1 160 ? -14.318 6.457   -17.063 1.00 54.53  ? 341 ARG A CA  1 
ATOM 858  C C   . ARG A 1 160 ? -15.599 6.756   -16.270 1.00 52.82  ? 341 ARG A C   1 
ATOM 859  O O   . ARG A 1 160 ? -16.433 7.550   -16.720 1.00 56.93  ? 341 ARG A O   1 
ATOM 860  C CB  . ARG A 1 160 ? -14.358 5.107   -17.792 1.00 48.83  ? 341 ARG A CB  1 
ATOM 861  C CG  . ARG A 1 160 ? -15.675 4.675   -18.379 1.00 61.60  ? 341 ARG A CG  1 
ATOM 862  C CD  . ARG A 1 160 ? -15.483 3.629   -19.511 1.00 73.71  ? 341 ARG A CD  1 
ATOM 863  N NE  . ARG A 1 160 ? -15.329 4.272   -20.828 1.00 80.36  ? 341 ARG A NE  1 
ATOM 864  C CZ  . ARG A 1 160 ? -16.259 4.279   -21.790 1.00 78.03  ? 341 ARG A CZ  1 
ATOM 865  N NH1 . ARG A 1 160 ? -17.424 3.644   -21.616 1.00 76.09  ? 341 ARG A NH1 1 
ATOM 866  N NH2 . ARG A 1 160 ? -16.016 4.913   -22.936 1.00 75.42  ? 341 ARG A NH2 1 
ATOM 867  N N   . ILE A 1 161 ? -15.746 6.176   -15.071 1.00 48.80  ? 342 ILE A N   1 
ATOM 868  C CA  . ILE A 1 161 ? -16.855 6.521   -14.170 1.00 48.37  ? 342 ILE A CA  1 
ATOM 869  C C   . ILE A 1 161 ? -16.981 8.027   -14.025 1.00 53.97  ? 342 ILE A C   1 
ATOM 870  O O   . ILE A 1 161 ? -18.061 8.604   -14.203 1.00 57.52  ? 342 ILE A O   1 
ATOM 871  C CB  . ILE A 1 161 ? -16.654 5.873   -12.789 1.00 50.13  ? 342 ILE A CB  1 
ATOM 872  C CG1 . ILE A 1 161 ? -16.998 4.386   -12.792 1.00 48.07  ? 342 ILE A CG1 1 
ATOM 873  C CG2 . ILE A 1 161 ? -17.426 6.620   -11.705 1.00 44.86  ? 342 ILE A CG2 1 
ATOM 874  C CD1 . ILE A 1 161 ? -16.622 3.726   -11.503 1.00 45.32  ? 342 ILE A CD1 1 
ATOM 875  N N   . ILE A 1 162 ? -15.876 8.681   -13.671 1.00 52.45  ? 343 ILE A N   1 
ATOM 876  C CA  . ILE A 1 162 ? -15.909 10.109  -13.400 1.00 51.70  ? 343 ILE A CA  1 
ATOM 877  C C   . ILE A 1 162 ? -16.252 10.892  -14.661 1.00 56.55  ? 343 ILE A C   1 
ATOM 878  O O   . ILE A 1 162 ? -16.985 11.889  -14.603 1.00 58.06  ? 343 ILE A O   1 
ATOM 879  C CB  . ILE A 1 162 ? -14.567 10.539  -12.797 1.00 51.04  ? 343 ILE A CB  1 
ATOM 880  C CG1 . ILE A 1 162 ? -14.470 9.959   -11.389 1.00 49.86  ? 343 ILE A CG1 1 
ATOM 881  C CG2 . ILE A 1 162 ? -14.435 12.059  -12.829 1.00 51.79  ? 343 ILE A CG2 1 
ATOM 882  C CD1 . ILE A 1 162 ? -13.182 10.234  -10.707 1.00 49.05  ? 343 ILE A CD1 1 
ATOM 883  N N   . GLN A 1 163 ? -15.741 10.460  -15.819 1.00 53.46  ? 344 GLN A N   1 
ATOM 884  C CA  . GLN A 1 163 ? -16.134 11.090  -17.076 1.00 53.47  ? 344 GLN A CA  1 
ATOM 885  C C   . GLN A 1 163 ? -17.632 10.978  -17.300 1.00 55.76  ? 344 GLN A C   1 
ATOM 886  O O   . GLN A 1 163 ? -18.291 11.960  -17.650 1.00 56.80  ? 344 GLN A O   1 
ATOM 887  C CB  . GLN A 1 163 ? -15.421 10.443  -18.255 1.00 57.37  ? 344 GLN A CB  1 
ATOM 888  C CG  . GLN A 1 163 ? -13.946 10.377  -18.185 1.00 57.15  ? 344 GLN A CG  1 
ATOM 889  C CD  . GLN A 1 163 ? -13.431 9.635   -19.362 1.00 60.19  ? 344 GLN A CD  1 
ATOM 890  O OE1 . GLN A 1 163 ? -14.199 9.299   -20.255 1.00 68.39  ? 344 GLN A OE1 1 
ATOM 891  N NE2 . GLN A 1 163 ? -12.134 9.359   -19.386 1.00 67.06  ? 344 GLN A NE2 1 
ATOM 892  N N   . LYS A 1 164 ? -18.178 9.766   -17.135 1.00 53.94  ? 345 LYS A N   1 
ATOM 893  C CA  . LYS A 1 164 ? -19.585 9.533   -17.440 1.00 53.14  ? 345 LYS A CA  1 
ATOM 894  C C   . LYS A 1 164 ? -20.491 10.413  -16.587 1.00 53.26  ? 345 LYS A C   1 
ATOM 895  O O   . LYS A 1 164 ? -21.528 10.883  -17.067 1.00 53.94  ? 345 LYS A O   1 
ATOM 896  C CB  . LYS A 1 164 ? -19.929 8.052   -17.249 1.00 52.71  ? 345 LYS A CB  1 
ATOM 897  C CG  . LYS A 1 164 ? -19.291 7.076   -18.257 1.00 51.58  ? 345 LYS A CG  1 
ATOM 898  C CD  . LYS A 1 164 ? -19.734 5.613   -17.995 1.00 50.56  ? 345 LYS A CD  1 
ATOM 899  C CE  . LYS A 1 164 ? -19.248 4.636   -19.065 1.00 55.81  ? 345 LYS A CE  1 
ATOM 900  N NZ  . LYS A 1 164 ? -19.186 3.208   -18.588 1.00 62.81  ? 345 LYS A NZ  1 
ATOM 901  N N   . ILE A 1 165 ? -20.110 10.665  -15.332 1.00 54.73  ? 346 ILE A N   1 
ATOM 902  C CA  . ILE A 1 165 ? -20.869 11.591  -14.491 1.00 55.37  ? 346 ILE A CA  1 
ATOM 903  C C   . ILE A 1 165 ? -20.943 12.961  -15.155 1.00 58.39  ? 346 ILE A C   1 
ATOM 904  O O   . ILE A 1 165 ? -21.953 13.667  -15.049 1.00 57.21  ? 346 ILE A O   1 
ATOM 905  C CB  . ILE A 1 165 ? -20.239 11.684  -13.088 1.00 56.79  ? 346 ILE A CB  1 
ATOM 906  C CG1 . ILE A 1 165 ? -20.309 10.339  -12.353 1.00 57.37  ? 346 ILE A CG1 1 
ATOM 907  C CG2 . ILE A 1 165 ? -20.911 12.769  -12.270 1.00 54.30  ? 346 ILE A CG2 1 
ATOM 908  C CD1 . ILE A 1 165 ? -19.591 10.344  -11.023 1.00 55.20  ? 346 ILE A CD1 1 
ATOM 909  N N   . GLY A 1 166 ? -19.876 13.354  -15.855 1.00 56.08  ? 347 GLY A N   1 
ATOM 910  C CA  . GLY A 1 166 ? -19.851 14.607  -16.576 1.00 52.83  ? 347 GLY A CA  1 
ATOM 911  C C   . GLY A 1 166 ? -18.630 15.456  -16.291 1.00 53.88  ? 347 GLY A C   1 
ATOM 912  O O   . GLY A 1 166 ? -18.755 16.630  -15.918 1.00 55.98  ? 347 GLY A O   1 
ATOM 913  N N   . PHE A 1 167 ? -17.439 14.897  -16.453 1.00 49.48  ? 348 PHE A N   1 
ATOM 914  C CA  . PHE A 1 167 ? -16.240 15.687  -16.248 1.00 54.49  ? 348 PHE A CA  1 
ATOM 915  C C   . PHE A 1 167 ? -15.260 15.459  -17.385 1.00 59.90  ? 348 PHE A C   1 
ATOM 916  O O   . PHE A 1 167 ? -15.247 14.403  -18.028 1.00 57.19  ? 348 PHE A O   1 
ATOM 917  C CB  . PHE A 1 167 ? -15.562 15.384  -14.915 1.00 52.91  ? 348 PHE A CB  1 
ATOM 918  C CG  . PHE A 1 167 ? -16.370 15.788  -13.719 1.00 57.49  ? 348 PHE A CG  1 
ATOM 919  C CD1 . PHE A 1 167 ? -16.174 17.023  -13.119 1.00 56.26  ? 348 PHE A CD1 1 
ATOM 920  C CD2 . PHE A 1 167 ? -17.338 14.927  -13.189 1.00 59.47  ? 348 PHE A CD2 1 
ATOM 921  C CE1 . PHE A 1 167 ? -16.919 17.399  -12.005 1.00 58.93  ? 348 PHE A CE1 1 
ATOM 922  C CE2 . PHE A 1 167 ? -18.092 15.298  -12.076 1.00 56.20  ? 348 PHE A CE2 1 
ATOM 923  C CZ  . PHE A 1 167 ? -17.878 16.540  -11.483 1.00 55.30  ? 348 PHE A CZ  1 
ATOM 924  N N   . ALA A 1 168 ? -14.441 16.483  -17.618 1.00 60.54  ? 349 ALA A N   1 
ATOM 925  C CA  . ALA A 1 168 ? -13.404 16.464  -18.637 1.00 59.63  ? 349 ALA A CA  1 
ATOM 926  C C   . ALA A 1 168 ? -12.205 15.700  -18.102 1.00 63.54  ? 349 ALA A C   1 
ATOM 927  O O   . ALA A 1 168 ? -11.053 16.129  -18.246 1.00 66.86  ? 349 ALA A O   1 
ATOM 928  C CB  . ALA A 1 168 ? -13.012 17.889  -19.033 1.00 60.97  ? 349 ALA A CB  1 
ATOM 929  N N   . ALA A 1 169 ? -12.475 14.583  -17.447 1.00 56.83  ? 350 ALA A N   1 
ATOM 930  C CA  . ALA A 1 169 ? -11.406 13.753  -16.934 1.00 60.25  ? 350 ALA A CA  1 
ATOM 931  C C   . ALA A 1 169 ? -10.767 12.983  -18.082 1.00 62.41  ? 350 ALA A C   1 
ATOM 932  O O   . ALA A 1 169 ? -11.459 12.497  -18.981 1.00 67.76  ? 350 ALA A O   1 
ATOM 933  C CB  . ALA A 1 169 ? -11.948 12.795  -15.870 1.00 61.69  ? 350 ALA A CB  1 
ATOM 934  N N   . LYS A 1 170 ? -9.441  12.906  -18.071 1.00 60.04  ? 351 LYS A N   1 
ATOM 935  C CA  . LYS A 1 170 ? -8.727  12.005  -18.962 1.00 64.25  ? 351 LYS A CA  1 
ATOM 936  C C   . LYS A 1 170 ? -7.731  11.205  -18.123 1.00 62.05  ? 351 LYS A C   1 
ATOM 937  O O   . LYS A 1 170 ? -7.099  11.742  -17.207 1.00 61.10  ? 351 LYS A O   1 
ATOM 938  C CB  . LYS A 1 170 ? -8.033  12.775  -20.132 1.00 50.97  ? 351 LYS A CB  1 
ATOM 939  N N   . PHE A 1 171 ? -7.628  9.911   -18.415 1.00 58.41  ? 352 PHE A N   1 
ATOM 940  C CA  . PHE A 1 171 ? -6.721  9.009   -17.706 1.00 59.17  ? 352 PHE A CA  1 
ATOM 941  C C   . PHE A 1 171 ? -5.268  9.294   -18.108 1.00 62.60  ? 352 PHE A C   1 
ATOM 942  O O   . PHE A 1 171 ? -4.848  8.962   -19.220 1.00 65.38  ? 352 PHE A O   1 
ATOM 943  C CB  . PHE A 1 171 ? -7.134  7.577   -18.033 1.00 55.38  ? 352 PHE A CB  1 
ATOM 944  C CG  . PHE A 1 171 ? -6.244  6.522   -17.455 1.00 56.99  ? 352 PHE A CG  1 
ATOM 945  C CD1 . PHE A 1 171 ? -6.379  6.130   -16.127 1.00 56.85  ? 352 PHE A CD1 1 
ATOM 946  C CD2 . PHE A 1 171 ? -5.299  5.883   -18.253 1.00 58.30  ? 352 PHE A CD2 1 
ATOM 947  C CE1 . PHE A 1 171 ? -5.559  5.135   -15.588 1.00 55.54  ? 352 PHE A CE1 1 
ATOM 948  C CE2 . PHE A 1 171 ? -4.475  4.885   -17.727 1.00 61.57  ? 352 PHE A CE2 1 
ATOM 949  C CZ  . PHE A 1 171 ? -4.603  4.511   -16.390 1.00 56.56  ? 352 PHE A CZ  1 
ATOM 950  N N   . THR A 1 172 ? -4.488  9.929   -17.222 1.00 58.01  ? 353 THR A N   1 
ATOM 951  C CA  . THR A 1 172 ? -3.124  10.336  -17.558 1.00 58.82  ? 353 THR A CA  1 
ATOM 952  C C   . THR A 1 172 ? -2.197  10.154  -16.355 1.00 62.20  ? 353 THR A C   1 
ATOM 953  O O   . THR A 1 172 ? -2.632  10.165  -15.197 1.00 58.92  ? 353 THR A O   1 
ATOM 954  C CB  . THR A 1 172 ? -3.061  11.809  -18.032 1.00 63.35  ? 353 THR A CB  1 
ATOM 955  O OG1 . THR A 1 172 ? -2.981  12.705  -16.905 1.00 63.57  ? 353 THR A OG1 1 
ATOM 956  C CG2 . THR A 1 172 ? -4.290  12.176  -18.864 1.00 55.76  ? 353 THR A CG2 1 
ATOM 957  N N   . ASP A 1 173 ? -0.897  9.994   -16.647 1.00 62.40  ? 354 ASP A N   1 
ATOM 958  C CA  . ASP A 1 173 ? 0.137   9.951   -15.612 1.00 55.25  ? 354 ASP A CA  1 
ATOM 959  C C   . ASP A 1 173 ? -0.032  8.763   -14.686 1.00 54.02  ? 354 ASP A C   1 
ATOM 960  O O   . ASP A 1 173 ? 0.137   8.880   -13.467 1.00 56.59  ? 354 ASP A O   1 
ATOM 961  C CB  . ASP A 1 173 ? 0.155   11.234  -14.786 1.00 63.03  ? 354 ASP A CB  1 
ATOM 962  C CG  . ASP A 1 173 ? 1.160   12.225  -15.277 1.00 75.88  ? 354 ASP A CG  1 
ATOM 963  O OD1 . ASP A 1 173 ? 1.766   12.920  -14.419 1.00 77.74  ? 354 ASP A OD1 1 
ATOM 964  O OD2 . ASP A 1 173 ? 1.350   12.296  -16.513 1.00 85.96  ? 354 ASP A OD2 1 
ATOM 965  N N   . PHE A 1 174 ? -0.388  7.617   -15.250 1.00 51.09  ? 355 PHE A N   1 
ATOM 966  C CA  . PHE A 1 174 ? -0.485  6.420   -14.430 1.00 49.41  ? 355 PHE A CA  1 
ATOM 967  C C   . PHE A 1 174 ? 0.906   5.989   -14.008 1.00 51.90  ? 355 PHE A C   1 
ATOM 968  O O   . PHE A 1 174 ? 1.745   5.676   -14.865 1.00 51.37  ? 355 PHE A O   1 
ATOM 969  C CB  . PHE A 1 174 ? -1.163  5.297   -15.185 1.00 53.50  ? 355 PHE A CB  1 
ATOM 970  C CG  . PHE A 1 174 ? -1.226  4.013   -14.420 1.00 49.58  ? 355 PHE A CG  1 
ATOM 971  C CD1 . PHE A 1 174 ? -2.243  3.780   -13.516 1.00 53.51  ? 355 PHE A CD1 1 
ATOM 972  C CD2 . PHE A 1 174 ? -0.275  3.041   -14.614 1.00 43.67  ? 355 PHE A CD2 1 
ATOM 973  C CE1 . PHE A 1 174 ? -2.298  2.592   -12.831 1.00 53.54  ? 355 PHE A CE1 1 
ATOM 974  C CE2 . PHE A 1 174 ? -0.323  1.866   -13.933 1.00 44.42  ? 355 PHE A CE2 1 
ATOM 975  C CZ  . PHE A 1 174 ? -1.321  1.631   -13.040 1.00 47.99  ? 355 PHE A CZ  1 
ATOM 976  N N   . LYS A 1 175 ? 1.145   6.008   -12.688 1.00 49.02  ? 356 LYS A N   1 
ATOM 977  C CA  . LYS A 1 175 ? 2.375   5.552   -12.056 1.00 44.24  ? 356 LYS A CA  1 
ATOM 978  C C   . LYS A 1 175 ? 1.997   4.591   -10.939 1.00 45.26  ? 356 LYS A C   1 
ATOM 979  O O   . LYS A 1 175 ? 1.008   4.809   -10.235 1.00 50.05  ? 356 LYS A O   1 
ATOM 980  C CB  . LYS A 1 175 ? 3.207   6.722   -11.492 1.00 45.75  ? 356 LYS A CB  1 
ATOM 981  C CG  . LYS A 1 175 ? 4.300   7.245   -12.415 1.00 46.58  ? 356 LYS A CG  1 
ATOM 982  N N   . ILE A 1 176 ? 2.760   3.515   -10.795 1.00 47.08  ? 357 ILE A N   1 
ATOM 983  C CA  . ILE A 1 176 ? 2.612   2.607   -9.661  1.00 44.83  ? 357 ILE A CA  1 
ATOM 984  C C   . ILE A 1 176 ? 3.561   3.098   -8.586  1.00 49.17  ? 357 ILE A C   1 
ATOM 985  O O   . ILE A 1 176 ? 4.766   3.255   -8.830  1.00 49.69  ? 357 ILE A O   1 
ATOM 986  C CB  . ILE A 1 176 ? 2.906   1.148   -10.049 1.00 46.27  ? 357 ILE A CB  1 
ATOM 987  C CG1 . ILE A 1 176 ? 1.654   0.517   -10.665 1.00 47.14  ? 357 ILE A CG1 1 
ATOM 988  C CG2 . ILE A 1 176 ? 3.347   0.329   -8.836  1.00 42.84  ? 357 ILE A CG2 1 
ATOM 989  C CD1 . ILE A 1 176 ? 1.747   -0.948  -10.895 1.00 38.97  ? 357 ILE A CD1 1 
ATOM 990  N N   . GLN A 1 177 ? 3.013   3.389   -7.412  1.00 49.30  ? 358 GLN A N   1 
ATOM 991  C CA  . GLN A 1 177 ? 3.783   4.051   -6.368  1.00 53.68  ? 358 GLN A CA  1 
ATOM 992  C C   . GLN A 1 177 ? 4.381   3.071   -5.362  1.00 53.39  ? 358 GLN A C   1 
ATOM 993  O O   . GLN A 1 177 ? 5.511   3.274   -4.893  1.00 48.60  ? 358 GLN A O   1 
ATOM 994  C CB  . GLN A 1 177 ? 2.890   5.083   -5.659  1.00 53.11  ? 358 GLN A CB  1 
ATOM 995  C CG  . GLN A 1 177 ? 3.626   5.952   -4.664  1.00 55.32  ? 358 GLN A CG  1 
ATOM 996  C CD  . GLN A 1 177 ? 3.607   5.360   -3.268  1.00 57.64  ? 358 GLN A CD  1 
ATOM 997  O OE1 . GLN A 1 177 ? 2.861   4.410   -2.996  1.00 53.85  ? 358 GLN A OE1 1 
ATOM 998  N NE2 . GLN A 1 177 ? 4.447   5.905   -2.374  1.00 62.14  ? 358 GLN A NE2 1 
ATOM 999  N N   . ASN A 1 178 ? 3.646   2.002   -5.042  1.00 52.84  ? 359 ASN A N   1 
ATOM 1000 C CA  . ASN A 1 178 ? 4.084   0.987   -4.100  1.00 47.35  ? 359 ASN A CA  1 
ATOM 1001 C C   . ASN A 1 178 ? 3.506   -0.366  -4.502  1.00 44.60  ? 359 ASN A C   1 
ATOM 1002 O O   . ASN A 1 178 ? 2.392   -0.451  -5.025  1.00 43.78  ? 359 ASN A O   1 
ATOM 1003 C CB  . ASN A 1 178 ? 3.654   1.328   -2.679  1.00 42.48  ? 359 ASN A CB  1 
ATOM 1004 C CG  . ASN A 1 178 ? 4.227   0.383   -1.670  1.00 44.05  ? 359 ASN A CG  1 
ATOM 1005 O OD1 . ASN A 1 178 ? 5.373   -0.045  -1.800  1.00 46.94  ? 359 ASN A OD1 1 
ATOM 1006 N ND2 . ASN A 1 178 ? 3.439   0.039   -0.656  1.00 45.16  ? 359 ASN A ND2 1 
ATOM 1007 N N   . ILE A 1 179 ? 4.283   -1.417  -4.252  1.00 43.53  ? 360 ILE A N   1 
ATOM 1008 C CA  . ILE A 1 179 ? 3.842   -2.800  -4.379  1.00 41.29  ? 360 ILE A CA  1 
ATOM 1009 C C   . ILE A 1 179 ? 4.175   -3.507  -3.080  1.00 46.00  ? 360 ILE A C   1 
ATOM 1010 O O   . ILE A 1 179 ? 5.345   -3.539  -2.671  1.00 48.66  ? 360 ILE A O   1 
ATOM 1011 C CB  . ILE A 1 179 ? 4.531   -3.533  -5.530  1.00 40.83  ? 360 ILE A CB  1 
ATOM 1012 C CG1 . ILE A 1 179 ? 4.289   -2.849  -6.857  1.00 42.58  ? 360 ILE A CG1 1 
ATOM 1013 C CG2 . ILE A 1 179 ? 4.023   -4.941  -5.591  1.00 42.61  ? 360 ILE A CG2 1 
ATOM 1014 C CD1 . ILE A 1 179 ? 5.181   -3.407  -7.915  1.00 46.62  ? 360 ILE A CD1 1 
ATOM 1015 N N   . VAL A 1 180 ? 3.166   -4.087  -2.443  1.00 44.25  ? 361 VAL A N   1 
ATOM 1016 C CA  . VAL A 1 180 ? 3.342   -4.832  -1.205  1.00 43.09  ? 361 VAL A CA  1 
ATOM 1017 C C   . VAL A 1 180 ? 3.378   -6.309  -1.553  1.00 46.35  ? 361 VAL A C   1 
ATOM 1018 O O   . VAL A 1 180 ? 2.491   -6.813  -2.255  1.00 47.79  ? 361 VAL A O   1 
ATOM 1019 C CB  . VAL A 1 180 ? 2.214   -4.532  -0.205  1.00 42.99  ? 361 VAL A CB  1 
ATOM 1020 C CG1 . VAL A 1 180 ? 2.403   -5.346  1.076   1.00 38.64  ? 361 VAL A CG1 1 
ATOM 1021 C CG2 . VAL A 1 180 ? 2.161   -3.050  0.089   1.00 46.99  ? 361 VAL A CG2 1 
ATOM 1022 N N   . GLY A 1 181 ? 4.403   -7.000  -1.082  1.00 47.25  ? 362 GLY A N   1 
ATOM 1023 C CA  . GLY A 1 181 ? 4.488   -8.429  -1.299  1.00 44.11  ? 362 GLY A CA  1 
ATOM 1024 C C   . GLY A 1 181 ? 4.436   -9.137  0.029   1.00 46.14  ? 362 GLY A C   1 
ATOM 1025 O O   . GLY A 1 181 ? 4.691   -8.510  1.071   1.00 49.35  ? 362 GLY A O   1 
ATOM 1026 N N   . SER A 1 182 ? 4.088   -10.426 0.016   1.00 46.10  ? 363 SER A N   1 
ATOM 1027 C CA  . SER A 1 182 ? 4.096   -11.252 1.217   1.00 50.01  ? 363 SER A CA  1 
ATOM 1028 C C   . SER A 1 182 ? 4.840   -12.547 0.944   1.00 50.11  ? 363 SER A C   1 
ATOM 1029 O O   . SER A 1 182 ? 4.944   -13.009 -0.195  1.00 45.98  ? 363 SER A O   1 
ATOM 1030 C CB  . SER A 1 182 ? 2.685   -11.587 1.725   1.00 49.57  ? 363 SER A CB  1 
ATOM 1031 O OG  . SER A 1 182 ? 2.201   -12.791 1.143   1.00 57.72  ? 363 SER A OG  1 
ATOM 1032 N N   . CYS A 1 183 ? 5.344   -13.139 2.019   1.00 47.77  ? 364 CYS A N   1 
ATOM 1033 C CA  . CYS A 1 183 ? 6.091   -14.368 1.888   1.00 46.49  ? 364 CYS A CA  1 
ATOM 1034 C C   . CYS A 1 183 ? 5.947   -15.188 3.157   1.00 49.50  ? 364 CYS A C   1 
ATOM 1035 O O   . CYS A 1 183 ? 5.687   -14.640 4.229   1.00 55.14  ? 364 CYS A O   1 
ATOM 1036 C CB  . CYS A 1 183 ? 7.547   -14.059 1.619   1.00 47.53  ? 364 CYS A CB  1 
ATOM 1037 S SG  . CYS A 1 183 ? 8.292   -15.477 0.933   1.00 78.72  ? 364 CYS A SG  1 
ATOM 1038 N N   . ASP A 1 184 ? 6.135   -16.502 3.037   1.00 51.79  ? 365 ASP A N   1 
ATOM 1039 C CA  . ASP A 1 184 ? 6.127   -17.412 4.189   1.00 53.47  ? 365 ASP A CA  1 
ATOM 1040 C C   . ASP A 1 184 ? 7.203   -18.474 3.980   1.00 58.23  ? 365 ASP A C   1 
ATOM 1041 O O   . ASP A 1 184 ? 7.005   -19.415 3.210   1.00 65.78  ? 365 ASP A O   1 
ATOM 1042 C CB  . ASP A 1 184 ? 4.749   -18.035 4.381   1.00 54.21  ? 365 ASP A CB  1 
ATOM 1043 C CG  . ASP A 1 184 ? 4.671   -18.950 5.597   1.00 58.32  ? 365 ASP A CG  1 
ATOM 1044 O OD1 . ASP A 1 184 ? 5.621   -18.976 6.409   1.00 57.93  ? 365 ASP A OD1 1 
ATOM 1045 O OD2 . ASP A 1 184 ? 3.625   -19.628 5.760   1.00 65.39  ? 365 ASP A OD2 1 
ATOM 1046 N N   . VAL A 1 185 ? 8.346   -18.315 4.663   1.00 55.60  ? 366 VAL A N   1 
ATOM 1047 C CA  . VAL A 1 185 ? 9.428   -19.299 4.578   1.00 55.88  ? 366 VAL A CA  1 
ATOM 1048 C C   . VAL A 1 185 ? 9.134   -20.563 5.368   1.00 58.17  ? 366 VAL A C   1 
ATOM 1049 O O   . VAL A 1 185 ? 9.959   -21.481 5.368   1.00 59.24  ? 366 VAL A O   1 
ATOM 1050 C CB  . VAL A 1 185 ? 10.783  -18.733 5.061   1.00 54.81  ? 366 VAL A CB  1 
ATOM 1051 C CG1 . VAL A 1 185 ? 11.200  -17.515 4.230   1.00 55.63  ? 366 VAL A CG1 1 
ATOM 1052 C CG2 . VAL A 1 185 ? 10.731  -18.364 6.530   1.00 51.67  ? 366 VAL A CG2 1 
ATOM 1053 N N   . LYS A 1 186 ? 7.995   -20.627 6.065   1.00 63.22  ? 367 LYS A N   1 
ATOM 1054 C CA  . LYS A 1 186 ? 7.488   -21.854 6.692   1.00 65.58  ? 367 LYS A CA  1 
ATOM 1055 C C   . LYS A 1 186 ? 8.442   -22.444 7.745   1.00 59.06  ? 367 LYS A C   1 
ATOM 1056 O O   . LYS A 1 186 ? 8.432   -23.652 7.992   1.00 59.93  ? 367 LYS A O   1 
ATOM 1057 C CB  . LYS A 1 186 ? 7.102   -22.893 5.617   1.00 61.75  ? 367 LYS A CB  1 
ATOM 1058 C CG  . LYS A 1 186 ? 5.738   -22.547 4.946   1.00 64.49  ? 367 LYS A CG  1 
ATOM 1059 C CD  . LYS A 1 186 ? 5.140   -23.640 4.064   1.00 70.46  ? 367 LYS A CD  1 
ATOM 1060 C CE  . LYS A 1 186 ? 3.601   -23.537 4.039   1.00 63.48  ? 367 LYS A CE  1 
ATOM 1061 N N   . PHE A 1 187 ? 9.237   -21.602 8.412   1.00 57.93  ? 368 PHE A N   1 
ATOM 1062 C CA  . PHE A 1 187 ? 10.050  -21.998 9.561   1.00 54.15  ? 368 PHE A CA  1 
ATOM 1063 C C   . PHE A 1 187 ? 10.298  -20.802 10.482  1.00 52.79  ? 368 PHE A C   1 
ATOM 1064 O O   . PHE A 1 187 ? 10.456  -19.674 9.999   1.00 53.70  ? 368 PHE A O   1 
ATOM 1065 C CB  . PHE A 1 187 ? 11.381  -22.649 9.124   1.00 55.57  ? 368 PHE A CB  1 
ATOM 1066 C CG  . PHE A 1 187 ? 12.405  -21.712 8.542   1.00 52.55  ? 368 PHE A CG  1 
ATOM 1067 C CD1 . PHE A 1 187 ? 13.245  -20.979 9.355   1.00 55.65  ? 368 PHE A CD1 1 
ATOM 1068 C CD2 . PHE A 1 187 ? 12.616  -21.662 7.179   1.00 55.55  ? 368 PHE A CD2 1 
ATOM 1069 C CE1 . PHE A 1 187 ? 14.225  -20.139 8.803   1.00 56.39  ? 368 PHE A CE1 1 
ATOM 1070 C CE2 . PHE A 1 187 ? 13.600  -20.837 6.623   1.00 52.29  ? 368 PHE A CE2 1 
ATOM 1071 C CZ  . PHE A 1 187 ? 14.404  -20.077 7.441   1.00 50.21  ? 368 PHE A CZ  1 
ATOM 1072 N N   . PRO A 1 188 ? 10.382  -21.021 11.803  1.00 53.60  ? 369 PRO A N   1 
ATOM 1073 C CA  . PRO A 1 188 ? 10.331  -19.898 12.760  1.00 53.72  ? 369 PRO A CA  1 
ATOM 1074 C C   . PRO A 1 188 ? 11.669  -19.181 12.941  1.00 54.68  ? 369 PRO A C   1 
ATOM 1075 O O   . PRO A 1 188 ? 12.731  -19.806 12.990  1.00 57.69  ? 369 PRO A O   1 
ATOM 1076 C CB  . PRO A 1 188 ? 9.921   -20.593 14.057  1.00 53.28  ? 369 PRO A CB  1 
ATOM 1077 C CG  . PRO A 1 188 ? 10.629  -21.922 13.960  1.00 51.22  ? 369 PRO A CG  1 
ATOM 1078 C CD  . PRO A 1 188 ? 10.647  -22.299 12.493  1.00 51.20  ? 369 PRO A CD  1 
ATOM 1079 N N   . ILE A 1 189 ? 11.609  -17.853 13.086  1.00 52.97  ? 370 ILE A N   1 
ATOM 1080 C CA  . ILE A 1 189 ? 12.803  -16.998 13.075  1.00 57.27  ? 370 ILE A CA  1 
ATOM 1081 C C   . ILE A 1 189 ? 13.212  -16.646 14.503  1.00 54.21  ? 370 ILE A C   1 
ATOM 1082 O O   . ILE A 1 189 ? 12.369  -16.271 15.327  1.00 53.10  ? 370 ILE A O   1 
ATOM 1083 C CB  . ILE A 1 189 ? 12.564  -15.716 12.254  1.00 52.45  ? 370 ILE A CB  1 
ATOM 1084 C CG1 . ILE A 1 189 ? 12.085  -16.068 10.868  1.00 45.79  ? 370 ILE A CG1 1 
ATOM 1085 C CG2 . ILE A 1 189 ? 13.841  -14.933 12.126  1.00 54.13  ? 370 ILE A CG2 1 
ATOM 1086 C CD1 . ILE A 1 189 ? 12.975  -17.091 10.234  1.00 51.59  ? 370 ILE A CD1 1 
ATOM 1087 N N   . ARG A 1 190 ? 14.510  -16.752 14.802  1.00 55.19  ? 371 ARG A N   1 
ATOM 1088 C CA  . ARG A 1 190 ? 15.034  -16.308 16.095  1.00 57.75  ? 371 ARG A CA  1 
ATOM 1089 C C   . ARG A 1 190 ? 15.283  -14.791 16.007  1.00 57.07  ? 371 ARG A C   1 
ATOM 1090 O O   . ARG A 1 190 ? 16.410  -14.288 15.965  1.00 57.05  ? 371 ARG A O   1 
ATOM 1091 C CB  . ARG A 1 190 ? 16.269  -17.125 16.481  1.00 57.94  ? 371 ARG A CB  1 
ATOM 1092 C CG  . ARG A 1 190 ? 16.912  -16.780 17.861  1.00 67.61  ? 371 ARG A CG  1 
ATOM 1093 C CD  . ARG A 1 190 ? 18.069  -17.732 18.295  1.00 70.30  ? 371 ARG A CD  1 
ATOM 1094 N NE  . ARG A 1 190 ? 19.169  -17.838 17.322  1.00 70.00  ? 371 ARG A NE  1 
ATOM 1095 C CZ  . ARG A 1 190 ? 19.274  -18.769 16.367  1.00 66.55  ? 371 ARG A CZ  1 
ATOM 1096 N NH1 . ARG A 1 190 ? 18.334  -19.712 16.240  1.00 57.43  ? 371 ARG A NH1 1 
ATOM 1097 N NH2 . ARG A 1 190 ? 20.329  -18.751 15.535  1.00 62.69  ? 371 ARG A NH2 1 
ATOM 1098 N N   . LEU A 1 191 ? 14.163  -14.057 15.970  1.00 56.15  ? 372 LEU A N   1 
ATOM 1099 C CA  . LEU A 1 191 ? 14.176  -12.605 15.775  1.00 55.90  ? 372 LEU A CA  1 
ATOM 1100 C C   . LEU A 1 191 ? 15.102  -11.888 16.747  1.00 55.07  ? 372 LEU A C   1 
ATOM 1101 O O   . LEU A 1 191 ? 15.716  -10.867 16.401  1.00 50.76  ? 372 LEU A O   1 
ATOM 1102 C CB  . LEU A 1 191 ? 12.763  -12.041 15.940  1.00 51.38  ? 372 LEU A CB  1 
ATOM 1103 C CG  . LEU A 1 191 ? 11.698  -12.365 14.914  1.00 47.90  ? 372 LEU A CG  1 
ATOM 1104 C CD1 . LEU A 1 191 ? 10.443  -11.668 15.312  1.00 37.55  ? 372 LEU A CD1 1 
ATOM 1105 C CD2 . LEU A 1 191 ? 12.176  -11.940 13.516  1.00 50.23  ? 372 LEU A CD2 1 
ATOM 1106 N N   . GLU A 1 192 ? 15.169  -12.369 17.988  1.00 56.42  ? 373 GLU A N   1 
ATOM 1107 C CA  . GLU A 1 192 ? 15.973  -11.672 18.979  1.00 56.89  ? 373 GLU A CA  1 
ATOM 1108 C C   . GLU A 1 192 ? 17.451  -11.707 18.608  1.00 60.12  ? 373 GLU A C   1 
ATOM 1109 O O   . GLU A 1 192 ? 18.193  -10.784 18.968  1.00 59.61  ? 373 GLU A O   1 
ATOM 1110 C CB  . GLU A 1 192 ? 15.754  -12.267 20.371  1.00 55.77  ? 373 GLU A CB  1 
ATOM 1111 C CG  . GLU A 1 192 ? 16.295  -13.704 20.552  1.00 74.85  ? 373 GLU A CG  1 
ATOM 1112 C CD  . GLU A 1 192 ? 15.271  -14.834 20.276  1.00 84.51  ? 373 GLU A CD  1 
ATOM 1113 O OE1 . GLU A 1 192 ? 15.393  -15.905 20.932  1.00 89.53  ? 373 GLU A OE1 1 
ATOM 1114 O OE2 . GLU A 1 192 ? 14.361  -14.665 19.414  1.00 80.90  ? 373 GLU A OE2 1 
ATOM 1115 N N   . GLY A 1 193 ? 17.887  -12.741 17.872  1.00 59.81  ? 374 GLY A N   1 
ATOM 1116 C CA  . GLY A 1 193 ? 19.267  -12.881 17.439  1.00 53.24  ? 374 GLY A CA  1 
ATOM 1117 C C   . GLY A 1 193 ? 19.509  -12.128 16.154  1.00 51.58  ? 374 GLY A C   1 
ATOM 1118 O O   . GLY A 1 193 ? 20.556  -11.498 15.971  1.00 47.32  ? 374 GLY A O   1 
ATOM 1119 N N   . LEU A 1 194 ? 18.524  -12.177 15.253  1.00 55.00  ? 375 LEU A N   1 
ATOM 1120 C CA  . LEU A 1 194 ? 18.619  -11.401 14.020  1.00 51.69  ? 375 LEU A CA  1 
ATOM 1121 C C   . LEU A 1 194 ? 18.622  -9.907  14.307  1.00 50.88  ? 375 LEU A C   1 
ATOM 1122 O O   . LEU A 1 194 ? 19.273  -9.142  13.590  1.00 54.39  ? 375 LEU A O   1 
ATOM 1123 C CB  . LEU A 1 194 ? 17.475  -11.771 13.083  1.00 47.43  ? 375 LEU A CB  1 
ATOM 1124 C CG  . LEU A 1 194 ? 17.307  -10.939 11.823  1.00 47.13  ? 375 LEU A CG  1 
ATOM 1125 C CD1 . LEU A 1 194 ? 18.562  -11.021 10.986  1.00 46.19  ? 375 LEU A CD1 1 
ATOM 1126 C CD2 . LEU A 1 194 ? 16.096  -11.445 11.050  1.00 44.33  ? 375 LEU A CD2 1 
ATOM 1127 N N   . ALA A 1 195 ? 17.921  -9.479  15.361  1.00 50.34  ? 376 ALA A N   1 
ATOM 1128 C CA  . ALA A 1 195 ? 17.922  -8.066  15.740  1.00 49.99  ? 376 ALA A CA  1 
ATOM 1129 C C   . ALA A 1 195 ? 19.306  -7.601  16.200  1.00 53.46  ? 376 ALA A C   1 
ATOM 1130 O O   . ALA A 1 195 ? 19.749  -6.502  15.845  1.00 53.72  ? 376 ALA A O   1 
ATOM 1131 C CB  . ALA A 1 195 ? 16.887  -7.821  16.834  1.00 45.72  ? 376 ALA A CB  1 
ATOM 1132 N N   . PHE A 1 196 ? 20.002  -8.414  17.006  1.00 52.28  ? 377 PHE A N   1 
ATOM 1133 C CA  . PHE A 1 196 ? 21.377  -8.092  17.369  1.00 45.20  ? 377 PHE A CA  1 
ATOM 1134 C C   . PHE A 1 196 ? 22.298  -8.164  16.147  1.00 48.84  ? 377 PHE A C   1 
ATOM 1135 O O   . PHE A 1 196 ? 22.956  -7.178  15.788  1.00 47.29  ? 377 PHE A O   1 
ATOM 1136 C CB  . PHE A 1 196 ? 21.881  -9.035  18.469  1.00 43.48  ? 377 PHE A CB  1 
ATOM 1137 C CG  . PHE A 1 196 ? 23.359  -8.913  18.705  1.00 47.25  ? 377 PHE A CG  1 
ATOM 1138 C CD1 . PHE A 1 196 ? 23.859  -7.902  19.499  1.00 43.51  ? 377 PHE A CD1 1 
ATOM 1139 C CD2 . PHE A 1 196 ? 24.252  -9.742  18.046  1.00 50.91  ? 377 PHE A CD2 1 
ATOM 1140 C CE1 . PHE A 1 196 ? 25.204  -7.738  19.667  1.00 44.15  ? 377 PHE A CE1 1 
ATOM 1141 C CE2 . PHE A 1 196 ? 25.606  -9.581  18.215  1.00 50.96  ? 377 PHE A CE2 1 
ATOM 1142 C CZ  . PHE A 1 196 ? 26.080  -8.572  19.027  1.00 48.00  ? 377 PHE A CZ  1 
ATOM 1143 N N   . SER A 1 197 ? 22.350  -9.335  15.494  1.00 46.70  ? 378 SER A N   1 
ATOM 1144 C CA  . SER A 1 197 ? 23.315  -9.578  14.426  1.00 45.97  ? 378 SER A CA  1 
ATOM 1145 C C   . SER A 1 197 ? 23.197  -8.546  13.303  1.00 52.77  ? 378 SER A C   1 
ATOM 1146 O O   . SER A 1 197 ? 24.209  -8.050  12.791  1.00 53.38  ? 378 SER A O   1 
ATOM 1147 C CB  . SER A 1 197 ? 23.118  -10.996 13.893  1.00 50.05  ? 378 SER A CB  1 
ATOM 1148 O OG  . SER A 1 197 ? 24.253  -11.525 13.202  1.00 52.37  ? 378 SER A OG  1 
ATOM 1149 N N   . HIS A 1 198 ? 21.979  -8.197  12.903  1.00 51.82  ? 379 HIS A N   1 
ATOM 1150 C CA  . HIS A 1 198 ? 21.784  -7.210  11.851  1.00 52.73  ? 379 HIS A CA  1 
ATOM 1151 C C   . HIS A 1 198 ? 21.219  -5.908  12.411  1.00 55.35  ? 379 HIS A C   1 
ATOM 1152 O O   . HIS A 1 198 ? 20.326  -5.307  11.815  1.00 58.98  ? 379 HIS A O   1 
ATOM 1153 C CB  . HIS A 1 198 ? 20.870  -7.747  10.749  1.00 51.37  ? 379 HIS A CB  1 
ATOM 1154 C CG  . HIS A 1 198 ? 21.497  -8.812  9.896   1.00 55.82  ? 379 HIS A CG  1 
ATOM 1155 N ND1 . HIS A 1 198 ? 21.419  -8.803  8.518   1.00 50.96  ? 379 HIS A ND1 1 
ATOM 1156 C CD2 . HIS A 1 198 ? 22.185  -9.935  10.226  1.00 53.34  ? 379 HIS A CD2 1 
ATOM 1157 C CE1 . HIS A 1 198 ? 22.039  -9.866  8.037   1.00 48.20  ? 379 HIS A CE1 1 
ATOM 1158 N NE2 . HIS A 1 198 ? 22.517  -10.568 9.052   1.00 51.85  ? 379 HIS A NE2 1 
ATOM 1159 N N   . GLY A 1 199 ? 21.731  -5.447  13.557  1.00 51.90  ? 380 GLY A N   1 
ATOM 1160 C CA  . GLY A 1 199 ? 21.213  -4.223  14.163  1.00 50.34  ? 380 GLY A CA  1 
ATOM 1161 C C   . GLY A 1 199 ? 21.404  -2.974  13.321  1.00 49.97  ? 380 GLY A C   1 
ATOM 1162 O O   . GLY A 1 199 ? 20.673  -1.992  13.500  1.00 55.70  ? 380 GLY A O   1 
ATOM 1163 N N   . THR A 1 200 ? 22.385  -2.983  12.424  1.00 50.93  ? 381 THR A N   1 
ATOM 1164 C CA  . THR A 1 200 ? 22.541  -1.898  11.465  1.00 54.50  ? 381 THR A CA  1 
ATOM 1165 C C   . THR A 1 200 ? 21.267  -1.692  10.650  1.00 57.68  ? 381 THR A C   1 
ATOM 1166 O O   . THR A 1 200 ? 20.885  -0.549  10.357  1.00 60.09  ? 381 THR A O   1 
ATOM 1167 C CB  . THR A 1 200 ? 23.722  -2.207  10.533  1.00 61.30  ? 381 THR A CB  1 
ATOM 1168 O OG1 . THR A 1 200 ? 24.885  -2.547  11.310  1.00 62.03  ? 381 THR A OG1 1 
ATOM 1169 C CG2 . THR A 1 200 ? 24.015  -1.018  9.581   1.00 54.04  ? 381 THR A CG2 1 
ATOM 1170 N N   . PHE A 1 201 ? 20.592  -2.790  10.278  1.00 56.53  ? 382 PHE A N   1 
ATOM 1171 C CA  . PHE A 1 201 ? 19.470  -2.760  9.341   1.00 53.81  ? 382 PHE A CA  1 
ATOM 1172 C C   . PHE A 1 201 ? 18.136  -3.094  9.990   1.00 48.08  ? 382 PHE A C   1 
ATOM 1173 O O   . PHE A 1 201 ? 17.144  -3.251  9.278   1.00 49.16  ? 382 PHE A O   1 
ATOM 1174 C CB  . PHE A 1 201 ? 19.714  -3.725  8.179   1.00 49.00  ? 382 PHE A CB  1 
ATOM 1175 C CG  . PHE A 1 201 ? 21.129  -3.703  7.650   1.00 58.74  ? 382 PHE A CG  1 
ATOM 1176 C CD1 . PHE A 1 201 ? 21.489  -2.834  6.619   1.00 58.52  ? 382 PHE A CD1 1 
ATOM 1177 C CD2 . PHE A 1 201 ? 22.104  -4.551  8.189   1.00 57.76  ? 382 PHE A CD2 1 
ATOM 1178 C CE1 . PHE A 1 201 ? 22.783  -2.817  6.134   1.00 56.73  ? 382 PHE A CE1 1 
ATOM 1179 C CE2 . PHE A 1 201 ? 23.401  -4.538  7.712   1.00 53.64  ? 382 PHE A CE2 1 
ATOM 1180 C CZ  . PHE A 1 201 ? 23.740  -3.670  6.682   1.00 57.47  ? 382 PHE A CZ  1 
ATOM 1181 N N   . SER A 1 202 ? 18.078  -3.168  11.314  1.00 49.96  ? 383 SER A N   1 
ATOM 1182 C CA  . SER A 1 202 ? 16.951  -3.741  12.029  1.00 49.40  ? 383 SER A CA  1 
ATOM 1183 C C   . SER A 1 202 ? 16.481  -2.815  13.137  1.00 59.81  ? 383 SER A C   1 
ATOM 1184 O O   . SER A 1 202 ? 17.243  -1.986  13.649  1.00 68.79  ? 383 SER A O   1 
ATOM 1185 C CB  . SER A 1 202 ? 17.327  -5.060  12.671  1.00 48.52  ? 383 SER A CB  1 
ATOM 1186 O OG  . SER A 1 202 ? 17.327  -6.078  11.714  1.00 55.34  ? 383 SER A OG  1 
ATOM 1187 N N   . SER A 1 203 ? 15.214  -2.995  13.518  1.00 57.30  ? 384 SER A N   1 
ATOM 1188 C CA  . SER A 1 203 ? 14.678  -2.485  14.771  1.00 55.30  ? 384 SER A CA  1 
ATOM 1189 C C   . SER A 1 203 ? 13.597  -3.438  15.266  1.00 61.03  ? 384 SER A C   1 
ATOM 1190 O O   . SER A 1 203 ? 12.921  -4.096  14.466  1.00 56.18  ? 384 SER A O   1 
ATOM 1191 C CB  . SER A 1 203 ? 14.120  -1.073  14.622  1.00 51.92  ? 384 SER A CB  1 
ATOM 1192 O OG  . SER A 1 203 ? 13.519  -0.908  13.360  1.00 68.70  ? 384 SER A OG  1 
ATOM 1193 N N   . TYR A 1 204 ? 13.479  -3.551  16.597  1.00 65.01  ? 385 TYR A N   1 
ATOM 1194 C CA  . TYR A 1 204 ? 12.275  -4.070  17.232  1.00 65.91  ? 385 TYR A CA  1 
ATOM 1195 C C   . TYR A 1 204 ? 11.535  -2.910  17.910  1.00 74.44  ? 385 TYR A C   1 
ATOM 1196 O O   . TYR A 1 204 ? 12.061  -2.272  18.836  1.00 70.58  ? 385 TYR A O   1 
ATOM 1197 C CB  . TYR A 1 204 ? 12.572  -5.182  18.233  1.00 61.95  ? 385 TYR A CB  1 
ATOM 1198 C CG  . TYR A 1 204 ? 11.344  -5.444  19.106  1.00 78.06  ? 385 TYR A CG  1 
ATOM 1199 C CD1 . TYR A 1 204 ? 11.379  -5.291  20.485  1.00 75.39  ? 385 TYR A CD1 1 
ATOM 1200 C CD2 . TYR A 1 204 ? 10.125  -5.791  18.531  1.00 79.30  ? 385 TYR A CD2 1 
ATOM 1201 C CE1 . TYR A 1 204 ? 10.253  -5.514  21.263  1.00 68.31  ? 385 TYR A CE1 1 
ATOM 1202 C CE2 . TYR A 1 204 ? 8.998   -5.998  19.313  1.00 77.67  ? 385 TYR A CE2 1 
ATOM 1203 C CZ  . TYR A 1 204 ? 9.077   -5.859  20.672  1.00 72.05  ? 385 TYR A CZ  1 
ATOM 1204 O OH  . TYR A 1 204 ? 7.955   -6.069  21.425  1.00 82.79  ? 385 TYR A OH  1 
ATOM 1205 N N   . GLU A 1 205 ? 10.307  -2.650  17.447  1.00 78.40  ? 386 GLU A N   1 
ATOM 1206 C CA  . GLU A 1 205 ? 9.508   -1.500  17.880  1.00 79.87  ? 386 GLU A CA  1 
ATOM 1207 C C   . GLU A 1 205 ? 8.056   -1.925  18.125  1.00 83.43  ? 386 GLU A C   1 
ATOM 1208 O O   . GLU A 1 205 ? 7.197   -1.752  17.250  1.00 82.28  ? 386 GLU A O   1 
ATOM 1209 C CB  . GLU A 1 205 ? 9.560   -0.379  16.829  1.00 74.08  ? 386 GLU A CB  1 
ATOM 1210 C CG  . GLU A 1 205 ? 10.964  -0.009  16.293  1.00 70.42  ? 386 GLU A CG  1 
ATOM 1211 C CD  . GLU A 1 205 ? 10.943  1.231   15.381  1.00 77.46  ? 386 GLU A CD  1 
ATOM 1212 O OE1 . GLU A 1 205 ? 11.488  1.167   14.247  1.00 73.07  ? 386 GLU A OE1 1 
ATOM 1213 O OE2 . GLU A 1 205 ? 10.373  2.272   15.800  1.00 77.41  ? 386 GLU A OE2 1 
ATOM 1214 N N   . PRO A 1 206 ? 7.738   -2.467  19.329  1.00 78.67  ? 387 PRO A N   1 
ATOM 1215 C CA  . PRO A 1 206 ? 6.367   -2.974  19.561  1.00 77.38  ? 387 PRO A CA  1 
ATOM 1216 C C   . PRO A 1 206 ? 5.270   -1.987  19.217  1.00 77.20  ? 387 PRO A C   1 
ATOM 1217 O O   . PRO A 1 206 ? 4.215   -2.398  18.712  1.00 74.29  ? 387 PRO A O   1 
ATOM 1218 C CB  . PRO A 1 206 ? 6.361   -3.318  21.063  1.00 81.59  ? 387 PRO A CB  1 
ATOM 1219 C CG  . PRO A 1 206 ? 7.468   -2.501  21.645  1.00 86.69  ? 387 PRO A CG  1 
ATOM 1220 C CD  . PRO A 1 206 ? 8.539   -2.530  20.563  1.00 77.61  ? 387 PRO A CD  1 
ATOM 1221 N N   . GLU A 1 207 ? 5.502   -0.691  19.454  1.00 80.01  ? 388 GLU A N   1 
ATOM 1222 C CA  . GLU A 1 207 ? 4.484   0.317   19.162  1.00 83.68  ? 388 GLU A CA  1 
ATOM 1223 C C   . GLU A 1 207 ? 4.062   0.285   17.688  1.00 85.35  ? 388 GLU A C   1 
ATOM 1224 O O   . GLU A 1 207 ? 2.864   0.373   17.378  1.00 88.14  ? 388 GLU A O   1 
ATOM 1225 C CB  . GLU A 1 207 ? 4.999   1.702   19.559  1.00 71.73  ? 388 GLU A CB  1 
ATOM 1226 N N   . LEU A 1 208 ? 5.029   0.130   16.769  1.00 86.62  ? 389 LEU A N   1 
ATOM 1227 C CA  . LEU A 1 208 ? 4.798   0.099   15.318  1.00 86.84  ? 389 LEU A CA  1 
ATOM 1228 C C   . LEU A 1 208 ? 4.449   -1.290  14.768  1.00 85.82  ? 389 LEU A C   1 
ATOM 1229 O O   . LEU A 1 208 ? 3.738   -1.384  13.755  1.00 86.45  ? 389 LEU A O   1 
ATOM 1230 C CB  . LEU A 1 208 ? 6.043   0.596   14.561  1.00 79.91  ? 389 LEU A CB  1 
ATOM 1231 C CG  . LEU A 1 208 ? 6.202   2.008   13.991  1.00 75.40  ? 389 LEU A CG  1 
ATOM 1232 C CD1 . LEU A 1 208 ? 7.621   2.151   13.477  1.00 69.45  ? 389 LEU A CD1 1 
ATOM 1233 C CD2 . LEU A 1 208 ? 5.203   2.296   12.879  1.00 76.06  ? 389 LEU A CD2 1 
ATOM 1234 N N   . PHE A 1 209 ? 4.942   -2.373  15.402  1.00 76.72  ? 390 PHE A N   1 
ATOM 1235 C CA  . PHE A 1 209 ? 4.930   -3.703  14.803  1.00 63.52  ? 390 PHE A CA  1 
ATOM 1236 C C   . PHE A 1 209 ? 5.455   -4.725  15.814  1.00 67.05  ? 390 PHE A C   1 
ATOM 1237 O O   . PHE A 1 209 ? 6.455   -4.464  16.496  1.00 68.31  ? 390 PHE A O   1 
ATOM 1238 C CB  . PHE A 1 209 ? 5.768   -3.669  13.523  1.00 61.49  ? 390 PHE A CB  1 
ATOM 1239 C CG  . PHE A 1 209 ? 5.780   -4.948  12.762  1.00 59.47  ? 390 PHE A CG  1 
ATOM 1240 C CD1 . PHE A 1 209 ? 4.662   -5.368  12.068  1.00 61.67  ? 390 PHE A CD1 1 
ATOM 1241 C CD2 . PHE A 1 209 ? 6.928   -5.721  12.706  1.00 56.20  ? 390 PHE A CD2 1 
ATOM 1242 C CE1 . PHE A 1 209 ? 4.672   -6.575  11.348  1.00 60.26  ? 390 PHE A CE1 1 
ATOM 1243 C CE2 . PHE A 1 209 ? 6.953   -6.926  11.995  1.00 54.24  ? 390 PHE A CE2 1 
ATOM 1244 C CZ  . PHE A 1 209 ? 5.819   -7.352  11.311  1.00 55.40  ? 390 PHE A CZ  1 
ATOM 1245 N N   . PRO A 1 210 ? 4.819   -5.896  15.954  1.00 66.52  ? 391 PRO A N   1 
ATOM 1246 C CA  . PRO A 1 210 ? 5.260   -6.854  16.976  1.00 58.67  ? 391 PRO A CA  1 
ATOM 1247 C C   . PRO A 1 210 ? 6.486   -7.654  16.594  1.00 59.36  ? 391 PRO A C   1 
ATOM 1248 O O   . PRO A 1 210 ? 7.009   -8.358  17.463  1.00 65.79  ? 391 PRO A O   1 
ATOM 1249 C CB  . PRO A 1 210 ? 4.057   -7.781  17.113  1.00 57.96  ? 391 PRO A CB  1 
ATOM 1250 C CG  . PRO A 1 210 ? 3.514   -7.838  15.726  1.00 57.59  ? 391 PRO A CG  1 
ATOM 1251 C CD  . PRO A 1 210 ? 3.702   -6.439  15.157  1.00 63.76  ? 391 PRO A CD  1 
ATOM 1252 N N   . GLY A 1 211 ? 6.934   -7.603  15.330  1.00 56.62  ? 392 GLY A N   1 
ATOM 1253 C CA  . GLY A 1 211 ? 8.119   -8.289  14.876  1.00 52.17  ? 392 GLY A CA  1 
ATOM 1254 C C   . GLY A 1 211 ? 9.252   -7.356  14.486  1.00 56.49  ? 392 GLY A C   1 
ATOM 1255 O O   . GLY A 1 211 ? 9.322   -6.186  14.907  1.00 60.69  ? 392 GLY A O   1 
ATOM 1256 N N   . LEU A 1 212 ? 10.158  -7.872  13.652  1.00 48.32  ? 393 LEU A N   1 
ATOM 1257 C CA  . LEU A 1 212 ? 11.348  -7.138  13.250  1.00 46.58  ? 393 LEU A CA  1 
ATOM 1258 C C   . LEU A 1 212 ? 11.096  -6.321  11.982  1.00 44.75  ? 393 LEU A C   1 
ATOM 1259 O O   . LEU A 1 212 ? 10.532  -6.824  11.011  1.00 48.59  ? 393 LEU A O   1 
ATOM 1260 C CB  . LEU A 1 212 ? 12.498  -8.122  13.037  1.00 48.54  ? 393 LEU A CB  1 
ATOM 1261 C CG  . LEU A 1 212 ? 13.944  -7.672  13.229  1.00 48.37  ? 393 LEU A CG  1 
ATOM 1262 C CD1 . LEU A 1 212 ? 14.828  -8.880  13.208  1.00 48.63  ? 393 LEU A CD1 1 
ATOM 1263 C CD2 . LEU A 1 212 ? 14.343  -6.766  12.121  1.00 50.95  ? 393 LEU A CD2 1 
ATOM 1264 N N   . ILE A 1 213 ? 11.528  -5.064  11.991  1.00 42.48  ? 394 ILE A N   1 
ATOM 1265 C CA  . ILE A 1 213 ? 11.467  -4.191  10.824  1.00 42.88  ? 394 ILE A CA  1 
ATOM 1266 C C   . ILE A 1 213 ? 12.846  -4.212  10.180  1.00 46.30  ? 394 ILE A C   1 
ATOM 1267 O O   . ILE A 1 213 ? 13.800  -3.651  10.730  1.00 45.59  ? 394 ILE A O   1 
ATOM 1268 C CB  . ILE A 1 213 ? 11.069  -2.759  11.207  1.00 46.96  ? 394 ILE A CB  1 
ATOM 1269 C CG1 . ILE A 1 213 ? 9.646   -2.722  11.757  1.00 54.20  ? 394 ILE A CG1 1 
ATOM 1270 C CG2 . ILE A 1 213 ? 11.161  -1.832  10.018  1.00 44.91  ? 394 ILE A CG2 1 
ATOM 1271 C CD1 . ILE A 1 213 ? 9.318   -1.434  12.486  1.00 55.57  ? 394 ILE A CD1 1 
ATOM 1272 N N   . TYR A 1 214 ? 12.967  -4.849  9.012   1.00 42.42  ? 395 TYR A N   1 
ATOM 1273 C CA  . TYR A 1 214 ? 14.243  -4.944  8.306   1.00 42.43  ? 395 TYR A CA  1 
ATOM 1274 C C   . TYR A 1 214 ? 14.277  -3.923  7.175   1.00 44.17  ? 395 TYR A C   1 
ATOM 1275 O O   . TYR A 1 214 ? 13.553  -4.069  6.181   1.00 46.56  ? 395 TYR A O   1 
ATOM 1276 C CB  . TYR A 1 214 ? 14.473  -6.348  7.757   1.00 40.81  ? 395 TYR A CB  1 
ATOM 1277 C CG  . TYR A 1 214 ? 15.936  -6.654  7.508   1.00 39.00  ? 395 TYR A CG  1 
ATOM 1278 C CD1 . TYR A 1 214 ? 16.569  -6.212  6.354   1.00 38.67  ? 395 TYR A CD1 1 
ATOM 1279 C CD2 . TYR A 1 214 ? 16.678  -7.386  8.425   1.00 37.94  ? 395 TYR A CD2 1 
ATOM 1280 C CE1 . TYR A 1 214 ? 17.877  -6.493  6.125   1.00 40.75  ? 395 TYR A CE1 1 
ATOM 1281 C CE2 . TYR A 1 214 ? 17.996  -7.658  8.208   1.00 39.89  ? 395 TYR A CE2 1 
ATOM 1282 C CZ  . TYR A 1 214 ? 18.592  -7.208  7.060   1.00 41.08  ? 395 TYR A CZ  1 
ATOM 1283 O OH  . TYR A 1 214 ? 19.917  -7.473  6.846   1.00 44.02  ? 395 TYR A OH  1 
ATOM 1284 N N   . ARG A 1 215 ? 15.131  -2.909  7.307   1.00 40.02  ? 396 ARG A N   1 
ATOM 1285 C CA  . ARG A 1 215 ? 15.266  -1.884  6.276   1.00 44.25  ? 396 ARG A CA  1 
ATOM 1286 C C   . ARG A 1 215 ? 16.439  -2.274  5.389   1.00 48.18  ? 396 ARG A C   1 
ATOM 1287 O O   . ARG A 1 215 ? 17.597  -1.983  5.703   1.00 53.28  ? 396 ARG A O   1 
ATOM 1288 C CB  . ARG A 1 215 ? 15.454  -0.500  6.879   1.00 42.55  ? 396 ARG A CB  1 
ATOM 1289 C CG  . ARG A 1 215 ? 14.223  0.033   7.522   1.00 39.86  ? 396 ARG A CG  1 
ATOM 1290 C CD  . ARG A 1 215 ? 14.594  1.093   8.518   1.00 46.60  ? 396 ARG A CD  1 
ATOM 1291 N NE  . ARG A 1 215 ? 13.589  1.185   9.565   1.00 56.67  ? 396 ARG A NE  1 
ATOM 1292 C CZ  . ARG A 1 215 ? 12.400  1.770   9.405   1.00 73.20  ? 396 ARG A CZ  1 
ATOM 1293 N NH1 . ARG A 1 215 ? 11.554  1.788   10.438  1.00 76.23  ? 396 ARG A NH1 1 
ATOM 1294 N NH2 . ARG A 1 215 ? 12.052  2.332   8.227   1.00 64.36  ? 396 ARG A NH2 1 
ATOM 1295 N N   . MET A 1 216 ? 16.129  -2.937  4.283   1.00 47.05  ? 397 MET A N   1 
ATOM 1296 C CA  . MET A 1 216 ? 17.128  -3.379  3.325   1.00 45.15  ? 397 MET A CA  1 
ATOM 1297 C C   . MET A 1 216 ? 17.569  -2.212  2.452   1.00 47.29  ? 397 MET A C   1 
ATOM 1298 O O   . MET A 1 216 ? 16.813  -1.259  2.217   1.00 43.78  ? 397 MET A O   1 
ATOM 1299 C CB  . MET A 1 216 ? 16.558  -4.515  2.473   1.00 41.57  ? 397 MET A CB  1 
ATOM 1300 C CG  . MET A 1 216 ? 17.507  -5.126  1.517   1.00 42.80  ? 397 MET A CG  1 
ATOM 1301 S SD  . MET A 1 216 ? 16.843  -6.582  0.698   1.00 51.49  ? 397 MET A SD  1 
ATOM 1302 C CE  . MET A 1 216 ? 16.773  -7.751  2.061   1.00 41.03  ? 397 MET A CE  1 
ATOM 1303 N N   . VAL A 1 217 ? 18.816  -2.290  1.985   1.00 50.46  ? 398 VAL A N   1 
ATOM 1304 C CA  . VAL A 1 217 ? 19.423  -1.216  1.207   1.00 48.65  ? 398 VAL A CA  1 
ATOM 1305 C C   . VAL A 1 217 ? 19.264  -1.459  -0.289  1.00 49.34  ? 398 VAL A C   1 
ATOM 1306 O O   . VAL A 1 217 ? 18.629  -0.654  -0.979  1.00 55.49  ? 398 VAL A O   1 
ATOM 1307 C CB  . VAL A 1 217 ? 20.903  -1.035  1.572   1.00 49.49  ? 398 VAL A CB  1 
ATOM 1308 C CG1 . VAL A 1 217 ? 21.366  0.314   1.087   1.00 48.60  ? 398 VAL A CG1 1 
ATOM 1309 C CG2 . VAL A 1 217 ? 21.096  -1.176  3.088   1.00 49.44  ? 398 VAL A CG2 1 
ATOM 1310 N N   . LYS A 1 218 ? 19.852  -2.537  -0.813  1.00 42.83  ? 399 LYS A N   1 
ATOM 1311 C CA  . LYS A 1 218 ? 19.657  -2.858  -2.236  1.00 45.13  ? 399 LYS A CA  1 
ATOM 1312 C C   . LYS A 1 218 ? 18.971  -4.221  -2.397  1.00 46.91  ? 399 LYS A C   1 
ATOM 1313 O O   . LYS A 1 218 ? 19.582  -5.266  -2.166  1.00 48.45  ? 399 LYS A O   1 
ATOM 1314 C CB  . LYS A 1 218 ? 20.988  -2.828  -3.010  1.00 45.24  ? 399 LYS A CB  1 
ATOM 1315 C CG  . LYS A 1 218 ? 20.859  -2.858  -4.546  1.00 49.57  ? 399 LYS A CG  1 
ATOM 1316 N N   . PRO A 1 219 ? 17.687  -4.215  -2.801  1.00 48.39  ? 400 PRO A N   1 
ATOM 1317 C CA  . PRO A 1 219 ? 16.885  -3.019  -3.105  1.00 46.79  ? 400 PRO A CA  1 
ATOM 1318 C C   . PRO A 1 219 ? 16.327  -2.331  -1.841  1.00 46.31  ? 400 PRO A C   1 
ATOM 1319 O O   . PRO A 1 219 ? 16.205  -3.008  -0.812  1.00 48.50  ? 400 PRO A O   1 
ATOM 1320 C CB  . PRO A 1 219 ? 15.754  -3.574  -3.999  1.00 44.96  ? 400 PRO A CB  1 
ATOM 1321 C CG  . PRO A 1 219 ? 15.609  -4.997  -3.619  1.00 45.48  ? 400 PRO A CG  1 
ATOM 1322 C CD  . PRO A 1 219 ? 16.961  -5.468  -3.100  1.00 49.42  ? 400 PRO A CD  1 
ATOM 1323 N N   . LYS A 1 220 ? 16.030  -1.024  -1.908  1.00 43.65  ? 401 LYS A N   1 
ATOM 1324 C CA  . LYS A 1 220 ? 15.445  -0.304  -0.778  1.00 42.52  ? 401 LYS A CA  1 
ATOM 1325 C C   . LYS A 1 220 ? 14.032  -0.838  -0.498  1.00 47.78  ? 401 LYS A C   1 
ATOM 1326 O O   . LYS A 1 220 ? 13.040  -0.349  -1.064  1.00 54.75  ? 401 LYS A O   1 
ATOM 1327 C CB  . LYS A 1 220 ? 15.432  1.208   -1.055  1.00 42.91  ? 401 LYS A CB  1 
ATOM 1328 C CG  . LYS A 1 220 ? 15.723  2.116   0.175   1.00 47.52  ? 401 LYS A CG  1 
ATOM 1329 C CD  . LYS A 1 220 ? 14.845  3.364   0.190   1.00 53.87  ? 401 LYS A CD  1 
ATOM 1330 C CE  . LYS A 1 220 ? 15.032  4.209   1.447   1.00 57.22  ? 401 LYS A CE  1 
ATOM 1331 N NZ  . LYS A 1 220 ? 13.908  5.205   1.585   1.00 58.62  ? 401 LYS A NZ  1 
ATOM 1332 N N   . ILE A 1 221 ? 13.941  -1.852  0.365   1.00 38.89  ? 402 ILE A N   1 
ATOM 1333 C CA  . ILE A 1 221 ? 12.705  -2.558  0.684   1.00 38.90  ? 402 ILE A CA  1 
ATOM 1334 C C   . ILE A 1 221 ? 12.664  -2.764  2.196   1.00 44.65  ? 402 ILE A C   1 
ATOM 1335 O O   . ILE A 1 221 ? 13.629  -3.260  2.788   1.00 45.20  ? 402 ILE A O   1 
ATOM 1336 C CB  . ILE A 1 221 ? 12.614  -3.924  -0.044  1.00 40.19  ? 402 ILE A CB  1 
ATOM 1337 C CG1 . ILE A 1 221 ? 12.633  -3.750  -1.564  1.00 40.56  ? 402 ILE A CG1 1 
ATOM 1338 C CG2 . ILE A 1 221 ? 11.421  -4.771  0.429   1.00 35.41  ? 402 ILE A CG2 1 
ATOM 1339 C CD1 . ILE A 1 221 ? 11.526  -2.881  -2.106  1.00 40.58  ? 402 ILE A CD1 1 
ATOM 1340 N N   . VAL A 1 222 ? 11.559  -2.383  2.823   1.00 40.37  ? 403 VAL A N   1 
ATOM 1341 C CA  . VAL A 1 222 ? 11.330  -2.683  4.229   1.00 38.93  ? 403 VAL A CA  1 
ATOM 1342 C C   . VAL A 1 222 ? 10.649  -4.045  4.331   1.00 39.29  ? 403 VAL A C   1 
ATOM 1343 O O   . VAL A 1 222 ? 9.607   -4.284  3.712   1.00 41.18  ? 403 VAL A O   1 
ATOM 1344 C CB  . VAL A 1 222 ? 10.486  -1.581  4.889   1.00 43.65  ? 403 VAL A CB  1 
ATOM 1345 C CG1 . VAL A 1 222 ? 10.024  -1.994  6.293   1.00 41.11  ? 403 VAL A CG1 1 
ATOM 1346 C CG2 . VAL A 1 222 ? 11.293  -0.294  4.934   1.00 41.37  ? 403 VAL A CG2 1 
ATOM 1347 N N   . LEU A 1 223 ? 11.242  -4.950  5.090   1.00 40.47  ? 404 LEU A N   1 
ATOM 1348 C CA  . LEU A 1 223 ? 10.665  -6.270  5.317   1.00 43.96  ? 404 LEU A CA  1 
ATOM 1349 C C   . LEU A 1 223 ? 10.149  -6.339  6.756   1.00 45.51  ? 404 LEU A C   1 
ATOM 1350 O O   . LEU A 1 223 ? 10.910  -6.144  7.715   1.00 45.12  ? 404 LEU A O   1 
ATOM 1351 C CB  . LEU A 1 223 ? 11.679  -7.389  5.050   1.00 38.64  ? 404 LEU A CB  1 
ATOM 1352 C CG  . LEU A 1 223 ? 12.249  -7.556  3.645   1.00 38.25  ? 404 LEU A CG  1 
ATOM 1353 C CD1 . LEU A 1 223 ? 13.350  -6.554  3.395   1.00 39.14  ? 404 LEU A CD1 1 
ATOM 1354 C CD2 . LEU A 1 223 ? 12.774  -8.969  3.424   1.00 39.37  ? 404 LEU A CD2 1 
ATOM 1355 N N   . LEU A 1 224 ? 8.861   -6.595  6.901   1.00 40.87  ? 405 LEU A N   1 
ATOM 1356 C CA  . LEU A 1 224 ? 8.259   -6.819  8.202   1.00 39.47  ? 405 LEU A CA  1 
ATOM 1357 C C   . LEU A 1 224 ? 8.284   -8.323  8.453   1.00 44.99  ? 405 LEU A C   1 
ATOM 1358 O O   . LEU A 1 224 ? 7.534   -9.082  7.823   1.00 46.26  ? 405 LEU A O   1 
ATOM 1359 C CB  . LEU A 1 224 ? 6.848   -6.250  8.213   1.00 43.84  ? 405 LEU A CB  1 
ATOM 1360 C CG  . LEU A 1 224 ? 6.796   -4.773  7.826   1.00 44.47  ? 405 LEU A CG  1 
ATOM 1361 C CD1 . LEU A 1 224 ? 5.376   -4.265  7.793   1.00 43.99  ? 405 LEU A CD1 1 
ATOM 1362 C CD2 . LEU A 1 224 ? 7.616   -3.964  8.801   1.00 47.83  ? 405 LEU A CD2 1 
ATOM 1363 N N   . ILE A 1 225 ? 9.161   -8.759  9.355   1.00 44.36  ? 406 ILE A N   1 
ATOM 1364 C CA  . ILE A 1 225 ? 9.441   -10.177 9.561   1.00 42.38  ? 406 ILE A CA  1 
ATOM 1365 C C   . ILE A 1 225 ? 8.748   -10.627 10.842  1.00 47.98  ? 406 ILE A C   1 
ATOM 1366 O O   . ILE A 1 225 ? 8.999   -10.080 11.925  1.00 46.72  ? 406 ILE A O   1 
ATOM 1367 C CB  . ILE A 1 225 ? 10.953  -10.445 9.602   1.00 39.82  ? 406 ILE A CB  1 
ATOM 1368 C CG1 . ILE A 1 225 ? 11.615  -9.828  8.370   1.00 39.63  ? 406 ILE A CG1 1 
ATOM 1369 C CG2 . ILE A 1 225 ? 11.226  -11.932 9.654   1.00 39.57  ? 406 ILE A CG2 1 
ATOM 1370 C CD1 . ILE A 1 225 ? 13.102  -9.787  8.414   1.00 37.40  ? 406 ILE A CD1 1 
ATOM 1371 N N   . PHE A 1 226 ? 7.854   -11.612 10.708  1.00 50.26  ? 407 PHE A N   1 
ATOM 1372 C CA  . PHE A 1 226 ? 7.132   -12.191 11.830  1.00 47.18  ? 407 PHE A CA  1 
ATOM 1373 C C   . PHE A 1 226 ? 7.907   -13.361 12.421  1.00 47.54  ? 407 PHE A C   1 
ATOM 1374 O O   . PHE A 1 226 ? 8.674   -14.046 11.745  1.00 47.53  ? 407 PHE A O   1 
ATOM 1375 C CB  . PHE A 1 226 ? 5.751   -12.675 11.402  1.00 50.20  ? 407 PHE A CB  1 
ATOM 1376 C CG  . PHE A 1 226 ? 4.749   -11.565 11.174  1.00 60.45  ? 407 PHE A CG  1 
ATOM 1377 C CD1 . PHE A 1 226 ? 4.574   -11.005 9.902   1.00 58.76  ? 407 PHE A CD1 1 
ATOM 1378 C CD2 . PHE A 1 226 ? 3.957   -11.093 12.220  1.00 59.68  ? 407 PHE A CD2 1 
ATOM 1379 C CE1 . PHE A 1 226 ? 3.638   -9.990  9.681   1.00 56.10  ? 407 PHE A CE1 1 
ATOM 1380 C CE2 . PHE A 1 226 ? 3.025   -10.075 12.004  1.00 59.94  ? 407 PHE A CE2 1 
ATOM 1381 C CZ  . PHE A 1 226 ? 2.869   -9.527  10.730  1.00 59.09  ? 407 PHE A CZ  1 
ATOM 1382 N N   . VAL A 1 227 ? 7.683   -13.605 13.705  1.00 51.62  ? 408 VAL A N   1 
ATOM 1383 C CA  . VAL A 1 227 ? 8.437   -14.662 14.348  1.00 47.96  ? 408 VAL A CA  1 
ATOM 1384 C C   . VAL A 1 227 ? 8.113   -16.011 13.726  1.00 47.68  ? 408 VAL A C   1 
ATOM 1385 O O   . VAL A 1 227 ? 8.927   -16.934 13.789  1.00 50.47  ? 408 VAL A O   1 
ATOM 1386 C CB  . VAL A 1 227 ? 8.165   -14.618 15.864  1.00 45.85  ? 408 VAL A CB  1 
ATOM 1387 C CG1 . VAL A 1 227 ? 6.724   -15.000 16.157  1.00 50.62  ? 408 VAL A CG1 1 
ATOM 1388 C CG2 . VAL A 1 227 ? 9.148   -15.476 16.592  1.00 47.43  ? 408 VAL A CG2 1 
ATOM 1389 N N   . SER A 1 228 ? 6.952   -16.135 13.078  1.00 51.31  ? 409 SER A N   1 
ATOM 1390 C CA  . SER A 1 228 ? 6.518   -17.412 12.523  1.00 48.93  ? 409 SER A CA  1 
ATOM 1391 C C   . SER A 1 228 ? 7.168   -17.723 11.195  1.00 44.90  ? 409 SER A C   1 
ATOM 1392 O O   . SER A 1 228 ? 7.134   -18.871 10.763  1.00 52.38  ? 409 SER A O   1 
ATOM 1393 C CB  . SER A 1 228 ? 4.997   -17.444 12.355  1.00 48.95  ? 409 SER A CB  1 
ATOM 1394 O OG  . SER A 1 228 ? 4.587   -16.617 11.284  1.00 49.31  ? 409 SER A OG  1 
ATOM 1395 N N   . GLY A 1 229 ? 7.780   -16.747 10.553  1.00 43.83  ? 410 GLY A N   1 
ATOM 1396 C CA  . GLY A 1 229 ? 8.370   -16.961 9.256   1.00 42.80  ? 410 GLY A CA  1 
ATOM 1397 C C   . GLY A 1 229 ? 7.621   -16.288 8.143   1.00 45.85  ? 410 GLY A C   1 
ATOM 1398 O O   . GLY A 1 229 ? 8.075   -16.331 6.997   1.00 48.79  ? 410 GLY A O   1 
ATOM 1399 N N   . LYS A 1 230 ? 6.486   -15.675 8.437   1.00 48.61  ? 411 LYS A N   1 
ATOM 1400 C CA  . LYS A 1 230 ? 5.763   -14.911 7.441   1.00 46.45  ? 411 LYS A CA  1 
ATOM 1401 C C   . LYS A 1 230 ? 6.385   -13.519 7.332   1.00 47.78  ? 411 LYS A C   1 
ATOM 1402 O O   . LYS A 1 230 ? 6.860   -12.951 8.328   1.00 48.08  ? 411 LYS A O   1 
ATOM 1403 C CB  . LYS A 1 230 ? 4.284   -14.849 7.826   1.00 46.48  ? 411 LYS A CB  1 
ATOM 1404 C CG  . LYS A 1 230 ? 3.630   -16.234 7.945   1.00 48.15  ? 411 LYS A CG  1 
ATOM 1405 C CD  . LYS A 1 230 ? 2.114   -16.129 7.949   1.00 55.50  ? 411 LYS A CD  1 
ATOM 1406 C CE  . LYS A 1 230 ? 1.433   -17.480 7.897   1.00 53.94  ? 411 LYS A CE  1 
ATOM 1407 N NZ  . LYS A 1 230 ? 1.713   -18.271 9.111   1.00 55.41  ? 411 LYS A NZ  1 
ATOM 1408 N N   . ILE A 1 231 ? 6.417   -12.979 6.105   1.00 41.04  ? 412 ILE A N   1 
ATOM 1409 C CA  . ILE A 1 231 ? 7.033   -11.678 5.859   1.00 45.28  ? 412 ILE A CA  1 
ATOM 1410 C C   . ILE A 1 231 ? 6.110   -10.801 5.025   1.00 46.12  ? 412 ILE A C   1 
ATOM 1411 O O   . ILE A 1 231 ? 5.349   -11.283 4.179   1.00 46.56  ? 412 ILE A O   1 
ATOM 1412 C CB  . ILE A 1 231 ? 8.395   -11.820 5.161   1.00 43.10  ? 412 ILE A CB  1 
ATOM 1413 C CG1 . ILE A 1 231 ? 9.237   -12.819 5.910   1.00 38.96  ? 412 ILE A CG1 1 
ATOM 1414 C CG2 . ILE A 1 231 ? 9.131   -10.487 5.106   1.00 42.84  ? 412 ILE A CG2 1 
ATOM 1415 C CD1 . ILE A 1 231 ? 10.480  -13.043 5.232   1.00 47.48  ? 412 ILE A CD1 1 
ATOM 1416 N N   . VAL A 1 232 ? 6.182   -9.498  5.277   1.00 40.51  ? 413 VAL A N   1 
ATOM 1417 C CA  . VAL A 1 232 ? 5.482   -8.498  4.487   1.00 44.72  ? 413 VAL A CA  1 
ATOM 1418 C C   . VAL A 1 232 ? 6.539   -7.568  3.928   1.00 48.11  ? 413 VAL A C   1 
ATOM 1419 O O   . VAL A 1 232 ? 7.300   -6.955  4.691   1.00 47.17  ? 413 VAL A O   1 
ATOM 1420 C CB  . VAL A 1 232 ? 4.434   -7.729  5.305   1.00 44.24  ? 413 VAL A CB  1 
ATOM 1421 C CG1 . VAL A 1 232 ? 3.903   -6.558  4.520   1.00 42.50  ? 413 VAL A CG1 1 
ATOM 1422 C CG2 . VAL A 1 232 ? 3.295   -8.649  5.624   1.00 50.07  ? 413 VAL A CG2 1 
ATOM 1423 N N   . LEU A 1 233 ? 6.597   -7.475  2.601   1.00 45.05  ? 414 LEU A N   1 
ATOM 1424 C CA  . LEU A 1 233 ? 7.612   -6.704  1.903   1.00 39.85  ? 414 LEU A CA  1 
ATOM 1425 C C   . LEU A 1 233 ? 6.949   -5.480  1.310   1.00 43.48  ? 414 LEU A C   1 
ATOM 1426 O O   . LEU A 1 233 ? 5.935   -5.613  0.621   1.00 49.96  ? 414 LEU A O   1 
ATOM 1427 C CB  . LEU A 1 233 ? 8.255   -7.537  0.806   1.00 39.01  ? 414 LEU A CB  1 
ATOM 1428 C CG  . LEU A 1 233 ? 9.094   -8.697  1.324   1.00 40.01  ? 414 LEU A CG  1 
ATOM 1429 C CD1 . LEU A 1 233 ? 8.248   -9.942  1.528   1.00 40.43  ? 414 LEU A CD1 1 
ATOM 1430 C CD2 . LEU A 1 233 ? 10.262  -8.945  0.378   1.00 41.54  ? 414 LEU A CD2 1 
ATOM 1431 N N   . THR A 1 234 ? 7.494   -4.293  1.581   1.00 42.31  ? 415 THR A N   1 
ATOM 1432 C CA  . THR A 1 234 ? 6.875   -3.075  1.073   1.00 44.29  ? 415 THR A CA  1 
ATOM 1433 C C   . THR A 1 234 ? 7.958   -2.116  0.601   1.00 44.10  ? 415 THR A C   1 
ATOM 1434 O O   . THR A 1 234 ? 9.139   -2.269  0.925   1.00 41.34  ? 415 THR A O   1 
ATOM 1435 C CB  . THR A 1 234 ? 5.977   -2.396  2.126   1.00 44.88  ? 415 THR A CB  1 
ATOM 1436 O OG1 . THR A 1 234 ? 5.441   -1.170  1.595   1.00 48.63  ? 415 THR A OG1 1 
ATOM 1437 C CG2 . THR A 1 234 ? 6.789   -2.096  3.377   1.00 41.70  ? 415 THR A CG2 1 
ATOM 1438 N N   . GLY A 1 235 ? 7.534   -1.125  -0.186  1.00 42.30  ? 416 GLY A N   1 
ATOM 1439 C CA  . GLY A 1 235 ? 8.409   -0.125  -0.740  1.00 38.71  ? 416 GLY A CA  1 
ATOM 1440 C C   . GLY A 1 235 ? 8.651   -0.282  -2.213  1.00 43.81  ? 416 GLY A C   1 
ATOM 1441 O O   . GLY A 1 235 ? 9.078   0.677   -2.865  1.00 50.50  ? 416 GLY A O   1 
ATOM 1442 N N   . ALA A 1 236 ? 8.347   -1.451  -2.762  1.00 46.85  ? 417 ALA A N   1 
ATOM 1443 C CA  . ALA A 1 236 ? 8.753   -1.803  -4.114  1.00 45.09  ? 417 ALA A CA  1 
ATOM 1444 C C   . ALA A 1 236 ? 8.111   -0.898  -5.159  1.00 47.55  ? 417 ALA A C   1 
ATOM 1445 O O   . ALA A 1 236 ? 6.949   -0.498  -5.034  1.00 49.80  ? 417 ALA A O   1 
ATOM 1446 C CB  . ALA A 1 236 ? 8.374   -3.254  -4.382  1.00 43.41  ? 417 ALA A CB  1 
ATOM 1447 N N   . LYS A 1 237 ? 8.871   -0.579  -6.207  1.00 47.90  ? 418 LYS A N   1 
ATOM 1448 C CA  . LYS A 1 237 ? 8.312   0.105   -7.370  1.00 46.52  ? 418 LYS A CA  1 
ATOM 1449 C C   . LYS A 1 237 ? 8.051   -0.835  -8.535  1.00 48.57  ? 418 LYS A C   1 
ATOM 1450 O O   . LYS A 1 237 ? 7.131   -0.577  -9.319  1.00 49.55  ? 418 LYS A O   1 
ATOM 1451 C CB  . LYS A 1 237 ? 9.237   1.231   -7.835  1.00 48.51  ? 418 LYS A CB  1 
ATOM 1452 C CG  . LYS A 1 237 ? 9.478   2.312   -6.802  1.00 48.99  ? 418 LYS A CG  1 
ATOM 1453 C CD  . LYS A 1 237 ? 8.245   3.153   -6.563  1.00 47.99  ? 418 LYS A CD  1 
ATOM 1454 C CE  . LYS A 1 237 ? 8.538   4.195   -5.498  1.00 57.00  ? 418 LYS A CE  1 
ATOM 1455 N NZ  . LYS A 1 237 ? 9.205   3.561   -4.292  1.00 56.67  ? 418 LYS A NZ  1 
ATOM 1456 N N   . GLN A 1 238 ? 8.851   -1.905  -8.671  1.00 50.17  ? 419 GLN A N   1 
ATOM 1457 C CA  . GLN A 1 238 ? 8.595   -3.016  -9.583  1.00 47.35  ? 419 GLN A CA  1 
ATOM 1458 C C   . GLN A 1 238 ? 8.642   -4.315  -8.800  1.00 49.31  ? 419 GLN A C   1 
ATOM 1459 O O   . GLN A 1 238 ? 9.362   -4.419  -7.802  1.00 50.25  ? 419 GLN A O   1 
ATOM 1460 C CB  . GLN A 1 238 ? 9.626   -3.171  -10.699 1.00 49.37  ? 419 GLN A CB  1 
ATOM 1461 C CG  . GLN A 1 238 ? 10.218  -1.960  -11.361 1.00 55.94  ? 419 GLN A CG  1 
ATOM 1462 C CD  . GLN A 1 238 ? 11.538  -2.346  -12.063 1.00 79.37  ? 419 GLN A CD  1 
ATOM 1463 O OE1 . GLN A 1 238 ? 12.298  -3.203  -11.566 1.00 72.75  ? 419 GLN A OE1 1 
ATOM 1464 N NE2 . GLN A 1 238 ? 11.799  -1.744  -13.228 1.00 88.70  ? 419 GLN A NE2 1 
ATOM 1465 N N   . ARG A 1 239 ? 7.938   -5.338  -9.310  1.00 49.06  ? 420 ARG A N   1 
ATOM 1466 C CA  . ARG A 1 239 ? 7.900   -6.620  -8.611  1.00 46.05  ? 420 ARG A CA  1 
ATOM 1467 C C   . ARG A 1 239 ? 9.278   -7.283  -8.504  1.00 51.67  ? 420 ARG A C   1 
ATOM 1468 O O   . ARG A 1 239 ? 9.510   -8.049  -7.554  1.00 50.18  ? 420 ARG A O   1 
ATOM 1469 C CB  . ARG A 1 239 ? 6.913   -7.570  -9.279  1.00 44.30  ? 420 ARG A CB  1 
ATOM 1470 C CG  . ARG A 1 239 ? 7.078   -7.727  -10.764 1.00 51.65  ? 420 ARG A CG  1 
ATOM 1471 C CD  . ARG A 1 239 ? 6.336   -8.983  -11.260 1.00 46.62  ? 420 ARG A CD  1 
ATOM 1472 N NE  . ARG A 1 239 ? 4.885   -8.869  -11.187 1.00 40.07  ? 420 ARG A NE  1 
ATOM 1473 C CZ  . ARG A 1 239 ? 4.084   -9.920  -11.130 1.00 40.04  ? 420 ARG A CZ  1 
ATOM 1474 N NH1 . ARG A 1 239 ? 4.606   -11.135 -11.100 1.00 42.66  ? 420 ARG A NH1 1 
ATOM 1475 N NH2 . ARG A 1 239 ? 2.773   -9.766  -11.058 1.00 42.22  ? 420 ARG A NH2 1 
ATOM 1476 N N   . GLU A 1 240 ? 10.200  -7.009  -9.452  1.00 54.06  ? 421 GLU A N   1 
ATOM 1477 C CA  . GLU A 1 240 ? 11.579  -7.511  -9.351  1.00 49.37  ? 421 GLU A CA  1 
ATOM 1478 C C   . GLU A 1 240 ? 12.176  -7.211  -7.988  1.00 47.77  ? 421 GLU A C   1 
ATOM 1479 O O   . GLU A 1 240 ? 12.872  -8.052  -7.406  1.00 42.75  ? 421 GLU A O   1 
ATOM 1480 C CB  . GLU A 1 240 ? 12.469  -6.886  -10.429 1.00 51.39  ? 421 GLU A CB  1 
ATOM 1481 C CG  . GLU A 1 240 ? 12.322  -7.502  -11.815 1.00 64.38  ? 421 GLU A CG  1 
ATOM 1482 C CD  . GLU A 1 240 ? 11.096  -6.997  -12.611 1.00 64.94  ? 421 GLU A CD  1 
ATOM 1483 O OE1 . GLU A 1 240 ? 10.321  -6.153  -12.091 1.00 51.30  ? 421 GLU A OE1 1 
ATOM 1484 O OE2 . GLU A 1 240 ? 10.913  -7.479  -13.764 1.00 68.61  ? 421 GLU A OE2 1 
ATOM 1485 N N   . GLU A 1 241 ? 11.902  -6.007  -7.463  1.00 51.10  ? 422 GLU A N   1 
ATOM 1486 C CA  . GLU A 1 241 ? 12.441  -5.598  -6.173  1.00 48.62  ? 422 GLU A CA  1 
ATOM 1487 C C   . GLU A 1 241 ? 11.892  -6.454  -5.042  1.00 47.21  ? 422 GLU A C   1 
ATOM 1488 O O   . GLU A 1 241 ? 12.600  -6.675  -4.045  1.00 45.88  ? 422 GLU A O   1 
ATOM 1489 C CB  . GLU A 1 241 ? 12.148  -4.125  -5.918  1.00 40.30  ? 422 GLU A CB  1 
ATOM 1490 C CG  . GLU A 1 241 ? 12.806  -3.220  -6.902  1.00 42.08  ? 422 GLU A CG  1 
ATOM 1491 C CD  . GLU A 1 241 ? 12.216  -1.808  -6.919  1.00 50.81  ? 422 GLU A CD  1 
ATOM 1492 O OE1 . GLU A 1 241 ? 12.362  -1.118  -7.952  1.00 51.30  ? 422 GLU A OE1 1 
ATOM 1493 O OE2 . GLU A 1 241 ? 11.628  -1.364  -5.901  1.00 55.41  ? 422 GLU A OE2 1 
ATOM 1494 N N   . ILE A 1 242 ? 10.653  -6.952  -5.173  1.00 43.27  ? 423 ILE A N   1 
ATOM 1495 C CA  . ILE A 1 242 ? 10.120  -7.860  -4.159  1.00 42.18  ? 423 ILE A CA  1 
ATOM 1496 C C   . ILE A 1 242 ? 10.916  -9.161  -4.152  1.00 47.24  ? 423 ILE A C   1 
ATOM 1497 O O   . ILE A 1 242 ? 11.381  -9.617  -3.097  1.00 45.68  ? 423 ILE A O   1 
ATOM 1498 C CB  . ILE A 1 242 ? 8.621   -8.119  -4.377  1.00 40.85  ? 423 ILE A CB  1 
ATOM 1499 C CG1 . ILE A 1 242 ? 7.785   -6.859  -4.123  1.00 37.89  ? 423 ILE A CG1 1 
ATOM 1500 C CG2 . ILE A 1 242 ? 8.156   -9.241  -3.468  1.00 40.91  ? 423 ILE A CG2 1 
ATOM 1501 C CD1 . ILE A 1 242 ? 7.831   -6.377  -2.714  1.00 40.43  ? 423 ILE A CD1 1 
ATOM 1502 N N   . TYR A 1 243 ? 11.121  -9.760  -5.334  1.00 47.34  ? 424 TYR A N   1 
ATOM 1503 C CA  . TYR A 1 243 ? 11.862  -11.017 -5.385  1.00 44.41  ? 424 TYR A CA  1 
ATOM 1504 C C   . TYR A 1 243 ? 13.301  -10.816 -4.955  1.00 42.17  ? 424 TYR A C   1 
ATOM 1505 O O   . TYR A 1 243 ? 13.882  -11.678 -4.294  1.00 45.23  ? 424 TYR A O   1 
ATOM 1506 C CB  . TYR A 1 243 ? 11.823  -11.638 -6.785  1.00 47.87  ? 424 TYR A CB  1 
ATOM 1507 C CG  . TYR A 1 243 ? 12.295  -13.087 -6.783  1.00 48.56  ? 424 TYR A CG  1 
ATOM 1508 C CD1 . TYR A 1 243 ? 11.412  -14.112 -6.503  1.00 48.19  ? 424 TYR A CD1 1 
ATOM 1509 C CD2 . TYR A 1 243 ? 13.633  -13.416 -7.006  1.00 50.28  ? 424 TYR A CD2 1 
ATOM 1510 C CE1 . TYR A 1 243 ? 11.824  -15.432 -6.470  1.00 54.85  ? 424 TYR A CE1 1 
ATOM 1511 C CE2 . TYR A 1 243 ? 14.063  -14.743 -6.969  1.00 56.55  ? 424 TYR A CE2 1 
ATOM 1512 C CZ  . TYR A 1 243 ? 13.143  -15.750 -6.697  1.00 60.95  ? 424 TYR A CZ  1 
ATOM 1513 O OH  . TYR A 1 243 ? 13.514  -17.082 -6.651  1.00 63.82  ? 424 TYR A OH  1 
ATOM 1514 N N   . GLN A 1 244 ? 13.905  -9.698  -5.339  1.00 43.49  ? 425 GLN A N   1 
ATOM 1515 C CA  . GLN A 1 244 ? 15.277  -9.443  -4.922  1.00 45.91  ? 425 GLN A CA  1 
ATOM 1516 C C   . GLN A 1 244 ? 15.376  -9.346  -3.404  1.00 48.05  ? 425 GLN A C   1 
ATOM 1517 O O   . GLN A 1 244 ? 16.221  -10.005 -2.779  1.00 44.90  ? 425 GLN A O   1 
ATOM 1518 C CB  . GLN A 1 244 ? 15.786  -8.171  -5.584  1.00 45.63  ? 425 GLN A CB  1 
ATOM 1519 C CG  . GLN A 1 244 ? 16.243  -8.395  -6.990  1.00 47.98  ? 425 GLN A CG  1 
ATOM 1520 C CD  . GLN A 1 244 ? 16.236  -7.125  -7.804  1.00 54.07  ? 425 GLN A CD  1 
ATOM 1521 O OE1 . GLN A 1 244 ? 16.286  -6.008  -7.261  1.00 54.66  ? 425 GLN A OE1 1 
ATOM 1522 N NE2 . GLN A 1 244 ? 16.166  -7.283  -9.123  1.00 57.47  ? 425 GLN A NE2 1 
ATOM 1523 N N   . ALA A 1 245 ? 14.496  -8.539  -2.792  1.00 49.32  ? 426 ALA A N   1 
ATOM 1524 C CA  . ALA A 1 245 ? 14.487  -8.396  -1.340  1.00 43.91  ? 426 ALA A CA  1 
ATOM 1525 C C   . ALA A 1 245 ? 14.313  -9.739  -0.665  1.00 45.54  ? 426 ALA A C   1 
ATOM 1526 O O   . ALA A 1 245 ? 14.926  -9.993  0.375   1.00 48.85  ? 426 ALA A O   1 
ATOM 1527 C CB  . ALA A 1 245 ? 13.380  -7.443  -0.911  1.00 45.88  ? 426 ALA A CB  1 
ATOM 1528 N N   . PHE A 1 246 ? 13.501  -10.619 -1.265  1.00 45.37  ? 427 PHE A N   1 
ATOM 1529 C CA  . PHE A 1 246 ? 13.269  -11.952 -0.720  1.00 40.69  ? 427 PHE A CA  1 
ATOM 1530 C C   . PHE A 1 246 ? 14.473  -12.858 -0.922  1.00 44.64  ? 427 PHE A C   1 
ATOM 1531 O O   . PHE A 1 246 ? 14.868  -13.582 -0.004  1.00 48.20  ? 427 PHE A O   1 
ATOM 1532 C CB  . PHE A 1 246 ? 12.043  -12.577 -1.374  1.00 45.01  ? 427 PHE A CB  1 
ATOM 1533 C CG  . PHE A 1 246 ? 11.917  -14.066 -1.132  1.00 51.50  ? 427 PHE A CG  1 
ATOM 1534 C CD1 . PHE A 1 246 ? 11.614  -14.564 0.133   1.00 50.53  ? 427 PHE A CD1 1 
ATOM 1535 C CD2 . PHE A 1 246 ? 12.117  -14.968 -2.165  1.00 54.15  ? 427 PHE A CD2 1 
ATOM 1536 C CE1 . PHE A 1 246 ? 11.498  -15.923 0.366   1.00 48.63  ? 427 PHE A CE1 1 
ATOM 1537 C CE2 . PHE A 1 246 ? 12.001  -16.333 -1.943  1.00 57.24  ? 427 PHE A CE2 1 
ATOM 1538 C CZ  . PHE A 1 246 ? 11.688  -16.809 -0.666  1.00 55.10  ? 427 PHE A CZ  1 
ATOM 1539 N N   . GLU A 1 247 ? 15.045  -12.876 -2.133  1.00 47.34  ? 428 GLU A N   1 
ATOM 1540 C CA  . GLU A 1 247 ? 16.216  -13.721 -2.372  1.00 45.97  ? 428 GLU A CA  1 
ATOM 1541 C C   . GLU A 1 247 ? 17.373  -13.293 -1.478  1.00 47.01  ? 428 GLU A C   1 
ATOM 1542 O O   . GLU A 1 247 ? 18.081  -14.141 -0.919  1.00 45.49  ? 428 GLU A O   1 
ATOM 1543 C CB  . GLU A 1 247 ? 16.624  -13.698 -3.853  1.00 46.39  ? 428 GLU A CB  1 
ATOM 1544 C CG  . GLU A 1 247 ? 16.574  -15.067 -4.555  1.00 47.99  ? 428 GLU A CG  1 
ATOM 1545 N N   . ALA A 1 248 ? 17.547  -11.978 -1.296  1.00 45.39  ? 429 ALA A N   1 
ATOM 1546 C CA  . ALA A 1 248 ? 18.559  -11.459 -0.374  1.00 41.25  ? 429 ALA A CA  1 
ATOM 1547 C C   . ALA A 1 248 ? 18.359  -11.974 1.051   1.00 48.17  ? 429 ALA A C   1 
ATOM 1548 O O   . ALA A 1 248 ? 19.326  -12.381 1.715   1.00 48.22  ? 429 ALA A O   1 
ATOM 1549 C CB  . ALA A 1 248 ? 18.522  -9.939  -0.378  1.00 40.33  ? 429 ALA A CB  1 
ATOM 1550 N N   . ILE A 1 249 ? 17.109  -11.955 1.537   1.00 46.63  ? 430 ILE A N   1 
ATOM 1551 C CA  . ILE A 1 249 ? 16.800  -12.223 2.941   1.00 46.05  ? 430 ILE A CA  1 
ATOM 1552 C C   . ILE A 1 249 ? 16.690  -13.719 3.280   1.00 48.45  ? 430 ILE A C   1 
ATOM 1553 O O   . ILE A 1 249 ? 16.774  -14.088 4.463   1.00 48.47  ? 430 ILE A O   1 
ATOM 1554 C CB  . ILE A 1 249 ? 15.489  -11.502 3.323   1.00 46.55  ? 430 ILE A CB  1 
ATOM 1555 C CG1 . ILE A 1 249 ? 15.501  -11.080 4.791   1.00 43.73  ? 430 ILE A CG1 1 
ATOM 1556 C CG2 . ILE A 1 249 ? 14.278  -12.400 3.108   1.00 42.32  ? 430 ILE A CG2 1 
ATOM 1557 C CD1 . ILE A 1 249 ? 16.460  -9.976  5.059   1.00 41.53  ? 430 ILE A CD1 1 
ATOM 1558 N N   . TYR A 1 250 ? 16.496  -14.600 2.298   1.00 45.22  ? 431 TYR A N   1 
ATOM 1559 C CA  . TYR A 1 250 ? 16.259  -15.996 2.665   1.00 47.12  ? 431 TYR A CA  1 
ATOM 1560 C C   . TYR A 1 250 ? 17.493  -16.622 3.319   1.00 49.70  ? 431 TYR A C   1 
ATOM 1561 O O   . TYR A 1 250 ? 17.357  -17.346 4.314   1.00 49.67  ? 431 TYR A O   1 
ATOM 1562 C CB  . TYR A 1 250 ? 15.828  -16.833 1.450   1.00 45.26  ? 431 TYR A CB  1 
ATOM 1563 C CG  . TYR A 1 250 ? 15.336  -18.226 1.818   1.00 47.14  ? 431 TYR A CG  1 
ATOM 1564 C CD1 . TYR A 1 250 ? 14.000  -18.450 2.112   1.00 52.15  ? 431 TYR A CD1 1 
ATOM 1565 C CD2 . TYR A 1 250 ? 16.209  -19.313 1.898   1.00 48.40  ? 431 TYR A CD2 1 
ATOM 1566 C CE1 . TYR A 1 250 ? 13.533  -19.723 2.462   1.00 57.90  ? 431 TYR A CE1 1 
ATOM 1567 C CE2 . TYR A 1 250 ? 15.747  -20.599 2.256   1.00 49.18  ? 431 TYR A CE2 1 
ATOM 1568 C CZ  . TYR A 1 250 ? 14.409  -20.791 2.536   1.00 55.65  ? 431 TYR A CZ  1 
ATOM 1569 O OH  . TYR A 1 250 ? 13.918  -22.030 2.892   1.00 56.37  ? 431 TYR A OH  1 
ATOM 1570 N N   . PRO A 1 251 ? 18.706  -16.407 2.795   1.00 52.68  ? 432 PRO A N   1 
ATOM 1571 C CA  . PRO A 1 251 ? 19.878  -16.943 3.500   1.00 52.26  ? 432 PRO A CA  1 
ATOM 1572 C C   . PRO A 1 251 ? 20.071  -16.354 4.886   1.00 55.26  ? 432 PRO A C   1 
ATOM 1573 O O   . PRO A 1 251 ? 20.575  -17.060 5.771   1.00 59.05  ? 432 PRO A O   1 
ATOM 1574 C CB  . PRO A 1 251 ? 21.044  -16.593 2.560   1.00 50.74  ? 432 PRO A CB  1 
ATOM 1575 C CG  . PRO A 1 251 ? 20.551  -15.511 1.717   1.00 47.19  ? 432 PRO A CG  1 
ATOM 1576 C CD  . PRO A 1 251 ? 19.109  -15.815 1.503   1.00 50.22  ? 432 PRO A CD  1 
ATOM 1577 N N   . VAL A 1 252 ? 19.698  -15.083 5.100   1.00 50.74  ? 433 VAL A N   1 
ATOM 1578 C CA  . VAL A 1 252 ? 19.777  -14.499 6.435   1.00 45.92  ? 433 VAL A CA  1 
ATOM 1579 C C   . VAL A 1 252 ? 18.804  -15.186 7.374   1.00 48.32  ? 433 VAL A C   1 
ATOM 1580 O O   . VAL A 1 252 ? 19.158  -15.549 8.496   1.00 52.18  ? 433 VAL A O   1 
ATOM 1581 C CB  . VAL A 1 252 ? 19.507  -12.995 6.380   1.00 43.73  ? 433 VAL A CB  1 
ATOM 1582 C CG1 . VAL A 1 252 ? 19.772  -12.397 7.734   1.00 43.19  ? 433 VAL A CG1 1 
ATOM 1583 C CG2 . VAL A 1 252 ? 20.347  -12.367 5.311   1.00 43.44  ? 433 VAL A CG2 1 
ATOM 1584 N N   . LEU A 1 253 ? 17.558  -15.355 6.940   1.00 48.82  ? 434 LEU A N   1 
ATOM 1585 C CA  . LEU A 1 253 ? 16.581  -16.016 7.793   1.00 47.31  ? 434 LEU A CA  1 
ATOM 1586 C C   . LEU A 1 253 ? 16.978  -17.449 8.101   1.00 52.30  ? 434 LEU A C   1 
ATOM 1587 O O   . LEU A 1 253 ? 16.680  -17.944 9.191   1.00 55.65  ? 434 LEU A O   1 
ATOM 1588 C CB  . LEU A 1 253 ? 15.200  -15.978 7.147   1.00 48.29  ? 434 LEU A CB  1 
ATOM 1589 C CG  . LEU A 1 253 ? 14.646  -14.575 6.949   1.00 50.78  ? 434 LEU A CG  1 
ATOM 1590 C CD1 . LEU A 1 253 ? 13.396  -14.647 6.119   1.00 50.78  ? 434 LEU A CD1 1 
ATOM 1591 C CD2 . LEU A 1 253 ? 14.345  -13.991 8.307   1.00 47.31  ? 434 LEU A CD2 1 
ATOM 1592 N N   . SER A 1 254 ? 17.646  -18.131 7.165   1.00 53.82  ? 435 SER A N   1 
ATOM 1593 C CA  . SER A 1 254 ? 18.093  -19.498 7.424   1.00 50.61  ? 435 SER A CA  1 
ATOM 1594 C C   . SER A 1 254 ? 19.102  -19.548 8.566   1.00 53.22  ? 435 SER A C   1 
ATOM 1595 O O   . SER A 1 254 ? 18.986  -20.377 9.477   1.00 53.81  ? 435 SER A O   1 
ATOM 1596 C CB  . SER A 1 254 ? 18.691  -20.095 6.165   1.00 47.57  ? 435 SER A CB  1 
ATOM 1597 O OG  . SER A 1 254 ? 17.697  -20.765 5.447   1.00 56.30  ? 435 SER A OG  1 
ATOM 1598 N N   . GLU A 1 255 ? 20.102  -18.662 8.529   1.00 53.26  ? 436 GLU A N   1 
ATOM 1599 C CA  . GLU A 1 255 ? 21.089  -18.576 9.599   1.00 55.12  ? 436 GLU A CA  1 
ATOM 1600 C C   . GLU A 1 255 ? 20.422  -18.405 10.967  1.00 59.10  ? 436 GLU A C   1 
ATOM 1601 O O   . GLU A 1 255 ? 20.968  -18.846 11.992  1.00 62.88  ? 436 GLU A O   1 
ATOM 1602 C CB  . GLU A 1 255 ? 22.064  -17.425 9.288   1.00 53.08  ? 436 GLU A CB  1 
ATOM 1603 C CG  . GLU A 1 255 ? 23.025  -17.080 10.413  1.00 62.78  ? 436 GLU A CG  1 
ATOM 1604 C CD  . GLU A 1 255 ? 24.013  -15.973 10.050  1.00 76.78  ? 436 GLU A CD  1 
ATOM 1605 O OE1 . GLU A 1 255 ? 23.940  -15.452 8.898   1.00 73.72  ? 436 GLU A OE1 1 
ATOM 1606 O OE2 . GLU A 1 255 ? 24.862  -15.639 10.930  1.00 76.73  ? 436 GLU A OE2 1 
ATOM 1607 N N   . PHE A 1 256 ? 19.211  -17.884 10.967  1.00 55.94  ? 437 PHE A N   1 
ATOM 1608 C CA  . PHE A 1 256 ? 18.506  -17.580 12.189  1.00 55.25  ? 437 PHE A CA  1 
ATOM 1609 C C   . PHE A 1 256 ? 17.285  -18.416 12.418  1.00 57.54  ? 437 PHE A C   1 
ATOM 1610 O O   . PHE A 1 256 ? 16.318  -17.977 12.987  1.00 56.81  ? 437 PHE A O   1 
ATOM 1611 C CB  . PHE A 1 256 ? 18.127  -16.136 12.186  1.00 52.18  ? 437 PHE A CB  1 
ATOM 1612 C CG  . PHE A 1 256 ? 19.287  -15.237 12.237  1.00 57.49  ? 437 PHE A CG  1 
ATOM 1613 C CD1 . PHE A 1 256 ? 19.838  -14.898 13.429  1.00 53.49  ? 437 PHE A CD1 1 
ATOM 1614 C CD2 . PHE A 1 256 ? 19.845  -14.760 11.092  1.00 54.66  ? 437 PHE A CD2 1 
ATOM 1615 C CE1 . PHE A 1 256 ? 20.912  -14.071 13.479  1.00 52.58  ? 437 PHE A CE1 1 
ATOM 1616 C CE2 . PHE A 1 256 ? 20.924  -13.930 11.135  1.00 51.99  ? 437 PHE A CE2 1 
ATOM 1617 C CZ  . PHE A 1 256 ? 21.457  -13.586 12.331  1.00 57.07  ? 437 PHE A CZ  1 
ATOM 1618 N N   . ARG A 1 257 ? 17.362  -19.656 12.003  1.00 61.85  ? 438 ARG A N   1 
ATOM 1619 C CA  . ARG A 1 257 ? 16.274  -20.563 12.202  1.00 58.54  ? 438 ARG A CA  1 
ATOM 1620 C C   . ARG A 1 257 ? 16.248  -20.987 13.612  1.00 60.22  ? 438 ARG A C   1 
ATOM 1621 O O   . ARG A 1 257 ? 17.278  -21.208 14.200  1.00 62.02  ? 438 ARG A O   1 
ATOM 1622 C CB  . ARG A 1 257 ? 16.482  -21.784 11.363  1.00 59.51  ? 438 ARG A CB  1 
ATOM 1623 C CG  . ARG A 1 257 ? 15.194  -22.499 11.110  1.00 64.06  ? 438 ARG A CG  1 
ATOM 1624 C CD  . ARG A 1 257 ? 15.474  -23.803 10.443  1.00 64.69  ? 438 ARG A CD  1 
ATOM 1625 N NE  . ARG A 1 257 ? 14.321  -24.656 10.546  1.00 68.39  ? 438 ARG A NE  1 
ATOM 1626 C CZ  . ARG A 1 257 ? 13.836  -25.318 9.523   1.00 77.21  ? 438 ARG A CZ  1 
ATOM 1627 N NH1 . ARG A 1 257 ? 14.427  -25.206 8.349   1.00 74.74  ? 438 ARG A NH1 1 
ATOM 1628 N NH2 . ARG A 1 257 ? 12.775  -26.087 9.675   1.00 79.56  ? 438 ARG A NH2 1 
ATOM 1629 N N   . LYS A 1 258 ? 15.053  -21.125 14.153  1.00 66.07  ? 439 LYS A N   1 
ATOM 1630 C CA  . LYS A 1 258 ? 14.882  -21.542 15.523  1.00 68.45  ? 439 LYS A CA  1 
ATOM 1631 C C   . LYS A 1 258 ? 14.655  -23.024 15.536  1.00 68.62  ? 439 LYS A C   1 
ATOM 1632 O O   . LYS A 1 258 ? 13.756  -23.523 14.894  1.00 66.73  ? 439 LYS A O   1 
ATOM 1633 C CB  . LYS A 1 258 ? 13.700  -20.826 16.141  1.00 58.31  ? 439 LYS A CB  1 
ATOM 1634 C CG  . LYS A 1 258 ? 13.427  -21.184 17.579  1.00 54.89  ? 439 LYS A CG  1 
ATOM 1635 N N   . MET A 1 259 ? 15.487  -23.735 16.268  1.00 69.06  ? 440 MET A N   1 
ATOM 1636 C CA  . MET A 1 259 ? 15.398  -25.164 16.294  1.00 69.12  ? 440 MET A CA  1 
ATOM 1637 C C   . MET A 1 259 ? 15.485  -25.677 17.708  1.00 68.90  ? 440 MET A C   1 
ATOM 1638 O O   . MET A 1 259 ? 14.486  -26.112 18.264  1.00 71.09  ? 440 MET A O   1 
ATOM 1639 C CB  . MET A 1 259 ? 16.509  -25.730 15.442  1.00 68.48  ? 440 MET A CB  1 
ATOM 1640 C CG  . MET A 1 259 ? 16.621  -25.000 14.131  1.00 64.26  ? 440 MET A CG  1 
ATOM 1641 S SD  . MET A 1 259 ? 17.718  -25.784 12.974  1.00 85.68  ? 440 MET A SD  1 
ATOM 1642 C CE  . MET A 1 259 ? 16.676  -27.021 12.242  1.00 71.51  ? 440 MET A CE  1 
# 
